data_1X9A
#
_entry.id   1X9A
#
_cell.length_a   1.000
_cell.length_b   1.000
_cell.length_c   1.000
_cell.angle_alpha   90.00
_cell.angle_beta   90.00
_cell.angle_gamma   90.00
#
_symmetry.space_group_name_H-M   'P 1'
#
_entity_poly.entity_id   1
_entity_poly.type   'polypeptide(L)'
_entity_poly.pdbx_seq_one_letter_code
;MGSSHHHHHHSSGLVPRGSHMALVLVKYGTDHPVEKLKIRSAKAEDKIVLIQNGVFWALEELETPAKVYAIKDDFLARGY
SEEDSKVPLITYSEFIDLLEGEEKFIG
;
_entity_poly.pdbx_strand_id   A,B
#
# COMPACT_ATOMS: atom_id res chain seq x y z
N MET A 21 4.52 -4.71 15.16
CA MET A 21 4.80 -3.32 15.58
C MET A 21 5.62 -2.59 14.52
N ALA A 22 6.67 -3.25 14.07
CA ALA A 22 7.60 -2.66 13.11
C ALA A 22 7.12 -2.89 11.68
N LEU A 23 7.24 -1.85 10.88
CA LEU A 23 6.92 -1.93 9.46
C LEU A 23 8.18 -2.22 8.67
N VAL A 24 8.29 -3.41 8.11
CA VAL A 24 9.48 -3.80 7.37
C VAL A 24 9.20 -3.87 5.88
N LEU A 25 9.86 -3.00 5.14
CA LEU A 25 9.71 -2.94 3.68
C LEU A 25 10.99 -3.42 3.00
N VAL A 26 10.83 -4.25 1.96
CA VAL A 26 11.96 -4.64 1.13
C VAL A 26 11.68 -4.32 -0.32
N LYS A 27 12.48 -3.43 -0.90
CA LYS A 27 12.36 -3.11 -2.32
C LYS A 27 13.70 -2.67 -2.90
N TYR A 28 14.66 -3.58 -2.89
CA TYR A 28 15.96 -3.33 -3.47
C TYR A 28 16.56 -4.61 -4.03
N GLY A 29 15.70 -5.40 -4.62
CA GLY A 29 16.08 -6.69 -5.15
C GLY A 29 16.87 -7.50 -4.15
N THR A 30 17.90 -8.16 -4.62
CA THR A 30 18.77 -8.95 -3.77
C THR A 30 20.14 -8.28 -3.68
N ASP A 31 20.21 -7.07 -4.20
CA ASP A 31 21.45 -6.29 -4.22
C ASP A 31 21.67 -5.63 -2.85
N HIS A 32 20.64 -5.69 -2.01
CA HIS A 32 20.70 -5.09 -0.70
C HIS A 32 20.81 -6.16 0.38
N PRO A 33 22.01 -6.32 0.96
CA PRO A 33 22.27 -7.38 1.96
C PRO A 33 21.45 -7.22 3.25
N VAL A 34 21.10 -5.98 3.58
CA VAL A 34 20.41 -5.69 4.84
C VAL A 34 18.97 -6.21 4.82
N GLU A 35 18.45 -6.49 3.62
CA GLU A 35 17.07 -6.97 3.49
C GLU A 35 16.91 -8.31 4.20
N LYS A 36 17.94 -9.15 4.09
CA LYS A 36 17.91 -10.50 4.66
C LYS A 36 17.65 -10.46 6.16
N LEU A 37 18.49 -9.75 6.91
CA LEU A 37 18.39 -9.77 8.36
C LEU A 37 17.21 -8.93 8.87
N LYS A 38 16.68 -8.04 8.03
CA LYS A 38 15.45 -7.32 8.38
C LYS A 38 14.30 -8.31 8.51
N ILE A 39 14.26 -9.26 7.58
CA ILE A 39 13.28 -10.33 7.60
C ILE A 39 13.64 -11.35 8.68
N ARG A 40 14.92 -11.68 8.72
CA ARG A 40 15.44 -12.73 9.56
C ARG A 40 15.25 -12.46 11.05
N SER A 41 15.53 -11.23 11.46
CA SER A 41 15.50 -10.89 12.88
C SER A 41 14.21 -10.15 13.25
N ALA A 42 13.19 -10.28 12.40
CA ALA A 42 11.90 -9.65 12.67
C ALA A 42 11.18 -10.37 13.80
N LYS A 43 10.24 -9.68 14.42
CA LYS A 43 9.47 -10.26 15.50
C LYS A 43 8.21 -10.91 14.95
N ALA A 44 7.65 -11.85 15.70
CA ALA A 44 6.43 -12.55 15.30
C ALA A 44 5.21 -11.63 15.39
N GLU A 45 5.45 -10.37 15.70
CA GLU A 45 4.37 -9.40 15.85
C GLU A 45 4.46 -8.31 14.77
N ASP A 46 5.38 -8.48 13.83
CA ASP A 46 5.66 -7.43 12.84
C ASP A 46 5.13 -7.78 11.46
N LYS A 47 5.28 -6.85 10.53
CA LYS A 47 4.81 -7.02 9.16
C LYS A 47 5.94 -6.80 8.16
N ILE A 48 6.05 -7.70 7.19
CA ILE A 48 7.10 -7.60 6.18
C ILE A 48 6.50 -7.65 4.77
N VAL A 49 6.80 -6.65 3.96
CA VAL A 49 6.26 -6.57 2.62
C VAL A 49 7.35 -6.61 1.55
N LEU A 50 7.15 -7.48 0.57
CA LEU A 50 8.05 -7.58 -0.57
C LEU A 50 7.43 -6.84 -1.77
N ILE A 51 8.15 -5.85 -2.28
CA ILE A 51 7.64 -5.00 -3.35
C ILE A 51 8.73 -4.77 -4.43
N GLN A 52 8.30 -4.75 -5.69
CA GLN A 52 9.18 -4.50 -6.84
C GLN A 52 10.15 -5.66 -7.01
N ASN A 53 11.44 -5.37 -7.05
CA ASN A 53 12.44 -6.41 -7.18
C ASN A 53 12.60 -7.17 -5.86
N GLY A 54 11.92 -6.69 -4.83
CA GLY A 54 11.92 -7.35 -3.55
C GLY A 54 11.20 -8.69 -3.61
N VAL A 55 10.41 -8.90 -4.66
CA VAL A 55 9.67 -10.14 -4.84
C VAL A 55 10.60 -11.34 -4.99
N PHE A 56 11.87 -11.09 -5.28
CA PHE A 56 12.86 -12.18 -5.41
C PHE A 56 13.05 -12.90 -4.09
N TRP A 57 12.74 -12.23 -2.99
CA TRP A 57 12.84 -12.82 -1.67
C TRP A 57 11.68 -13.77 -1.42
N ALA A 58 10.60 -13.59 -2.19
CA ALA A 58 9.41 -14.40 -2.04
C ALA A 58 9.61 -15.80 -2.64
N LEU A 59 10.70 -15.96 -3.37
CA LEU A 59 10.96 -17.20 -4.08
C LEU A 59 11.96 -18.09 -3.32
N GLU A 60 12.68 -17.49 -2.37
CA GLU A 60 13.76 -18.21 -1.69
C GLU A 60 13.27 -18.89 -0.41
N GLU A 61 14.20 -19.22 0.48
CA GLU A 61 13.93 -20.07 1.62
C GLU A 61 13.87 -19.23 2.89
N LEU A 62 13.46 -17.97 2.73
CA LEU A 62 13.33 -17.04 3.83
C LEU A 62 12.44 -17.60 4.94
N GLU A 63 12.92 -17.53 6.17
CA GLU A 63 12.17 -18.01 7.31
C GLU A 63 12.01 -16.90 8.34
N THR A 64 10.78 -16.41 8.50
CA THR A 64 10.51 -15.34 9.43
C THR A 64 9.22 -15.63 10.22
N PRO A 65 9.16 -15.22 11.49
CA PRO A 65 7.97 -15.37 12.32
C PRO A 65 6.98 -14.22 12.12
N ALA A 66 7.37 -13.23 11.33
CA ALA A 66 6.51 -12.07 11.07
C ALA A 66 5.54 -12.38 9.93
N LYS A 67 4.60 -11.48 9.70
CA LYS A 67 3.66 -11.63 8.60
C LYS A 67 4.32 -11.17 7.31
N VAL A 68 4.76 -12.12 6.50
CA VAL A 68 5.46 -11.82 5.27
C VAL A 68 4.50 -11.90 4.07
N TYR A 69 4.41 -10.82 3.32
CA TYR A 69 3.53 -10.77 2.16
C TYR A 69 4.25 -10.17 0.96
N ALA A 70 4.03 -10.75 -0.20
CA ALA A 70 4.54 -10.19 -1.45
C ALA A 70 3.38 -9.68 -2.29
N ILE A 71 3.57 -8.56 -2.95
CA ILE A 71 2.50 -7.94 -3.73
C ILE A 71 2.18 -8.75 -4.97
N LYS A 72 0.96 -9.24 -5.03
CA LYS A 72 0.52 -10.13 -6.08
C LYS A 72 0.52 -9.42 -7.44
N ASP A 73 -0.13 -8.27 -7.50
CA ASP A 73 -0.21 -7.51 -8.75
C ASP A 73 1.18 -7.24 -9.32
N ASP A 74 2.08 -6.84 -8.44
CA ASP A 74 3.45 -6.51 -8.81
C ASP A 74 4.26 -7.77 -9.15
N PHE A 75 3.98 -8.84 -8.41
CA PHE A 75 4.69 -10.11 -8.59
C PHE A 75 4.36 -10.72 -9.94
N LEU A 76 3.08 -10.69 -10.27
CA LEU A 76 2.60 -11.19 -11.54
C LEU A 76 3.09 -10.30 -12.68
N ALA A 77 3.31 -9.03 -12.37
CA ALA A 77 3.80 -8.06 -13.36
C ALA A 77 5.24 -8.37 -13.77
N ARG A 78 5.97 -9.07 -12.91
CA ARG A 78 7.35 -9.45 -13.22
C ARG A 78 7.39 -10.52 -14.31
N GLY A 79 6.23 -11.14 -14.57
CA GLY A 79 6.18 -12.20 -15.55
C GLY A 79 6.17 -13.57 -14.91
N TYR A 80 5.94 -13.60 -13.62
CA TYR A 80 5.90 -14.87 -12.88
C TYR A 80 4.47 -15.27 -12.59
N SER A 81 4.29 -16.48 -12.09
CA SER A 81 2.96 -16.98 -11.75
C SER A 81 2.81 -17.06 -10.24
N GLU A 82 1.57 -17.09 -9.76
CA GLU A 82 1.28 -17.18 -8.33
C GLU A 82 1.93 -18.43 -7.74
N GLU A 83 1.95 -19.49 -8.54
CA GLU A 83 2.53 -20.76 -8.15
C GLU A 83 4.04 -20.64 -7.90
N ASP A 84 4.69 -19.68 -8.56
CA ASP A 84 6.13 -19.49 -8.42
C ASP A 84 6.50 -19.07 -7.00
N SER A 85 5.62 -18.30 -6.37
CA SER A 85 5.92 -17.73 -5.06
C SER A 85 5.79 -18.78 -3.96
N LYS A 86 6.65 -18.65 -2.96
CA LYS A 86 6.61 -19.52 -1.80
C LYS A 86 5.75 -18.89 -0.70
N VAL A 87 5.74 -17.56 -0.65
CA VAL A 87 5.00 -16.84 0.38
C VAL A 87 3.65 -16.36 -0.14
N PRO A 88 2.75 -15.92 0.76
CA PRO A 88 1.43 -15.40 0.38
C PRO A 88 1.51 -14.12 -0.43
N LEU A 89 0.62 -14.00 -1.40
CA LEU A 89 0.55 -12.80 -2.24
C LEU A 89 -0.69 -11.99 -1.86
N ILE A 90 -0.55 -10.67 -1.79
CA ILE A 90 -1.70 -9.81 -1.55
C ILE A 90 -1.96 -8.92 -2.75
N THR A 91 -3.21 -8.53 -2.90
CA THR A 91 -3.61 -7.69 -4.01
C THR A 91 -3.71 -6.25 -3.53
N TYR A 92 -3.81 -5.30 -4.46
CA TYR A 92 -3.94 -3.88 -4.12
C TYR A 92 -4.97 -3.67 -3.01
N SER A 93 -6.08 -4.38 -3.08
CA SER A 93 -7.13 -4.28 -2.07
C SER A 93 -6.63 -4.76 -0.72
N GLU A 94 -5.90 -5.87 -0.73
CA GLU A 94 -5.41 -6.50 0.49
C GLU A 94 -4.27 -5.69 1.10
N PHE A 95 -3.52 -5.00 0.26
CA PHE A 95 -2.42 -4.17 0.72
C PHE A 95 -2.97 -3.02 1.56
N ILE A 96 -4.02 -2.38 1.06
CA ILE A 96 -4.71 -1.34 1.82
C ILE A 96 -5.20 -1.91 3.16
N ASP A 97 -5.77 -3.10 3.13
CA ASP A 97 -6.26 -3.75 4.35
C ASP A 97 -5.11 -4.13 5.29
N LEU A 98 -3.94 -4.47 4.73
CA LEU A 98 -2.76 -4.74 5.54
C LEU A 98 -2.45 -3.54 6.44
N LEU A 99 -2.48 -2.37 5.84
CA LEU A 99 -2.10 -1.14 6.50
C LEU A 99 -3.17 -0.74 7.50
N GLU A 100 -4.37 -1.20 7.24
CA GLU A 100 -5.45 -1.08 8.19
C GLU A 100 -5.17 -2.01 9.37
N GLY A 101 -5.02 -3.29 9.07
CA GLY A 101 -4.71 -4.26 10.09
C GLY A 101 -5.67 -5.43 10.10
N GLU A 102 -6.91 -5.18 10.53
CA GLU A 102 -7.90 -6.23 10.73
C GLU A 102 -9.15 -5.67 11.42
N GLU A 103 -8.92 -4.68 12.29
CA GLU A 103 -9.95 -4.19 13.18
C GLU A 103 -10.79 -3.09 12.53
N LYS A 104 -10.19 -2.44 11.53
CA LYS A 104 -10.77 -1.31 10.79
C LYS A 104 -11.67 -0.39 11.61
N PHE A 105 -11.05 0.63 12.17
CA PHE A 105 -11.78 1.71 12.80
C PHE A 105 -11.79 2.90 11.83
N ILE A 106 -12.55 2.75 10.74
CA ILE A 106 -12.61 3.76 9.70
C ILE A 106 -14.07 4.20 9.49
N GLY A 107 -14.93 3.77 10.40
CA GLY A 107 -16.33 4.09 10.30
C GLY A 107 -16.61 5.56 10.50
N MET B 21 -1.52 12.39 12.68
CA MET B 21 -0.70 11.29 12.12
C MET B 21 -1.52 10.01 11.99
N ALA B 22 -2.76 10.16 11.52
CA ALA B 22 -3.65 9.03 11.39
C ALA B 22 -3.66 8.52 9.95
N LEU B 23 -3.90 7.22 9.81
CA LEU B 23 -4.02 6.61 8.50
C LEU B 23 -5.49 6.57 8.10
N VAL B 24 -5.83 7.26 7.01
CA VAL B 24 -7.20 7.25 6.52
C VAL B 24 -7.27 6.44 5.23
N LEU B 25 -7.99 5.35 5.29
CA LEU B 25 -8.17 4.47 4.16
C LEU B 25 -9.57 4.59 3.62
N VAL B 26 -9.70 5.10 2.41
CA VAL B 26 -11.00 5.23 1.80
C VAL B 26 -11.16 4.20 0.70
N LYS B 27 -12.10 3.32 0.90
CA LYS B 27 -12.48 2.35 -0.12
C LYS B 27 -14.00 2.37 -0.21
N TYR B 28 -14.48 3.56 -0.54
CA TYR B 28 -15.88 3.89 -0.58
C TYR B 28 -16.01 5.09 -1.48
N GLY B 29 -17.10 5.18 -2.19
CA GLY B 29 -17.30 6.31 -3.07
C GLY B 29 -18.73 6.50 -3.47
N THR B 30 -19.25 7.69 -3.19
CA THR B 30 -20.62 8.13 -3.53
C THR B 30 -21.71 7.31 -2.83
N ASP B 31 -21.60 5.98 -2.88
CA ASP B 31 -22.48 5.10 -2.11
C ASP B 31 -22.27 5.35 -0.62
N HIS B 32 -21.08 5.83 -0.30
CA HIS B 32 -20.73 6.24 1.05
C HIS B 32 -20.06 7.61 0.97
N PRO B 33 -20.75 8.67 1.44
CA PRO B 33 -20.30 10.05 1.30
C PRO B 33 -19.63 10.63 2.55
N VAL B 34 -19.55 9.87 3.63
CA VAL B 34 -19.06 10.39 4.90
C VAL B 34 -17.53 10.54 4.89
N GLU B 35 -16.89 9.85 3.97
CA GLU B 35 -15.44 9.92 3.85
C GLU B 35 -14.99 11.30 3.39
N LYS B 36 -15.89 12.05 2.76
CA LYS B 36 -15.54 13.38 2.28
C LYS B 36 -15.23 14.32 3.45
N LEU B 37 -16.01 14.24 4.53
CA LEU B 37 -15.72 15.07 5.69
C LEU B 37 -14.67 14.42 6.59
N LYS B 38 -14.41 13.12 6.39
CA LYS B 38 -13.25 12.49 7.01
C LYS B 38 -11.99 13.12 6.42
N ILE B 39 -11.99 13.25 5.09
CA ILE B 39 -10.91 13.90 4.36
C ILE B 39 -10.77 15.36 4.81
N ARG B 40 -11.92 16.00 5.05
CA ARG B 40 -11.92 17.40 5.51
C ARG B 40 -11.29 17.52 6.90
N SER B 41 -11.59 16.58 7.77
CA SER B 41 -11.17 16.65 9.16
C SER B 41 -9.78 16.05 9.34
N ALA B 42 -9.20 15.56 8.25
CA ALA B 42 -7.86 14.99 8.29
C ALA B 42 -6.83 16.08 8.56
N LYS B 43 -5.77 15.72 9.26
CA LYS B 43 -4.75 16.67 9.66
C LYS B 43 -3.55 16.62 8.71
N ALA B 44 -2.68 17.61 8.81
CA ALA B 44 -1.55 17.75 7.91
C ALA B 44 -0.63 16.54 7.94
N GLU B 45 -0.61 15.86 9.08
CA GLU B 45 0.25 14.68 9.27
C GLU B 45 -0.37 13.46 8.62
N ASP B 46 -1.69 13.46 8.52
CA ASP B 46 -2.45 12.26 8.19
C ASP B 46 -2.27 11.85 6.74
N LYS B 47 -2.62 10.61 6.46
CA LYS B 47 -2.49 10.04 5.13
C LYS B 47 -3.87 9.64 4.62
N ILE B 48 -4.19 10.00 3.39
CA ILE B 48 -5.47 9.65 2.81
C ILE B 48 -5.29 8.85 1.54
N VAL B 49 -5.81 7.63 1.54
CA VAL B 49 -5.71 6.74 0.39
C VAL B 49 -7.07 6.55 -0.27
N LEU B 50 -7.13 6.86 -1.56
CA LEU B 50 -8.33 6.60 -2.34
C LEU B 50 -8.16 5.33 -3.17
N ILE B 51 -8.87 4.28 -2.77
CA ILE B 51 -8.81 3.00 -3.46
C ILE B 51 -10.23 2.52 -3.77
N GLN B 52 -10.39 1.79 -4.88
CA GLN B 52 -11.68 1.22 -5.30
C GLN B 52 -12.64 2.35 -5.66
N ASN B 53 -13.76 2.43 -4.95
CA ASN B 53 -14.75 3.48 -5.21
C ASN B 53 -14.24 4.84 -4.75
N GLY B 54 -13.07 4.85 -4.13
CA GLY B 54 -12.48 6.09 -3.69
C GLY B 54 -12.07 6.97 -4.86
N VAL B 55 -11.98 6.39 -6.04
CA VAL B 55 -11.60 7.13 -7.25
C VAL B 55 -12.62 8.21 -7.58
N PHE B 56 -13.84 8.07 -7.06
CA PHE B 56 -14.90 9.06 -7.29
C PHE B 56 -14.58 10.37 -6.57
N TRP B 57 -13.79 10.27 -5.50
CA TRP B 57 -13.43 11.45 -4.72
C TRP B 57 -12.33 12.24 -5.42
N ALA B 58 -11.70 11.62 -6.41
CA ALA B 58 -10.66 12.28 -7.19
C ALA B 58 -11.28 13.33 -8.09
N LEU B 59 -12.60 13.31 -8.20
CA LEU B 59 -13.35 14.26 -9.01
C LEU B 59 -14.00 15.33 -8.13
N GLU B 60 -13.80 15.21 -6.82
CA GLU B 60 -14.42 16.11 -5.87
C GLU B 60 -13.51 17.30 -5.57
N GLU B 61 -14.04 18.21 -4.76
CA GLU B 61 -13.32 19.42 -4.41
C GLU B 61 -12.39 19.13 -3.23
N LEU B 62 -12.99 18.62 -2.14
CA LEU B 62 -12.26 18.14 -0.97
C LEU B 62 -11.43 19.22 -0.29
N GLU B 63 -11.93 19.71 0.84
CA GLU B 63 -11.18 20.65 1.67
C GLU B 63 -10.32 19.87 2.67
N THR B 64 -9.07 19.63 2.31
CA THR B 64 -8.18 18.84 3.16
C THR B 64 -6.78 19.45 3.22
N PRO B 65 -6.18 19.46 4.41
CA PRO B 65 -4.78 19.82 4.61
C PRO B 65 -3.87 18.59 4.70
N ALA B 66 -4.45 17.41 4.50
CA ALA B 66 -3.73 16.16 4.67
C ALA B 66 -3.03 15.73 3.39
N LYS B 67 -2.33 14.60 3.44
CA LYS B 67 -1.65 14.06 2.28
C LYS B 67 -2.56 13.08 1.56
N VAL B 68 -3.06 13.49 0.41
CA VAL B 68 -4.05 12.72 -0.32
C VAL B 68 -3.42 12.01 -1.51
N TYR B 69 -3.64 10.71 -1.60
CA TYR B 69 -3.14 9.92 -2.71
C TYR B 69 -4.23 9.01 -3.27
N ALA B 70 -4.34 8.98 -4.59
CA ALA B 70 -5.28 8.08 -5.26
C ALA B 70 -4.51 7.07 -6.10
N ILE B 71 -4.90 5.81 -6.03
CA ILE B 71 -4.20 4.75 -6.73
C ILE B 71 -4.37 4.89 -8.25
N LYS B 72 -3.27 5.16 -8.92
CA LYS B 72 -3.26 5.47 -10.35
C LYS B 72 -3.71 4.27 -11.18
N ASP B 73 -3.22 3.09 -10.82
CA ASP B 73 -3.55 1.86 -11.55
C ASP B 73 -5.02 1.50 -11.36
N ASP B 74 -5.49 1.58 -10.11
CA ASP B 74 -6.87 1.27 -9.79
C ASP B 74 -7.80 2.30 -10.45
N PHE B 75 -7.35 3.54 -10.46
CA PHE B 75 -8.05 4.62 -11.14
C PHE B 75 -8.27 4.28 -12.60
N LEU B 76 -7.24 3.75 -13.24
CA LEU B 76 -7.32 3.33 -14.64
C LEU B 76 -8.19 2.08 -14.76
N ALA B 77 -8.10 1.20 -13.76
CA ALA B 77 -8.90 -0.02 -13.73
C ALA B 77 -10.39 0.31 -13.66
N ARG B 78 -10.72 1.42 -13.01
CA ARG B 78 -12.10 1.87 -12.91
C ARG B 78 -12.57 2.51 -14.20
N GLY B 79 -11.64 2.72 -15.14
CA GLY B 79 -11.98 3.28 -16.43
C GLY B 79 -12.04 4.79 -16.41
N TYR B 80 -10.98 5.42 -15.91
CA TYR B 80 -10.92 6.87 -15.87
C TYR B 80 -9.57 7.37 -16.37
N SER B 81 -9.56 8.56 -16.93
CA SER B 81 -8.35 9.13 -17.52
C SER B 81 -7.54 9.90 -16.48
N GLU B 82 -6.22 9.75 -16.52
CA GLU B 82 -5.32 10.31 -15.51
C GLU B 82 -5.34 11.83 -15.53
N GLU B 83 -5.75 12.41 -16.65
CA GLU B 83 -5.88 13.85 -16.76
C GLU B 83 -7.02 14.32 -15.85
N ASP B 84 -8.02 13.47 -15.69
CA ASP B 84 -9.25 13.84 -15.00
C ASP B 84 -9.15 13.55 -13.50
N SER B 85 -8.10 14.02 -12.88
CA SER B 85 -7.95 13.91 -11.44
C SER B 85 -7.61 15.25 -10.82
N LYS B 86 -8.29 15.57 -9.73
CA LYS B 86 -7.97 16.77 -8.96
C LYS B 86 -6.91 16.43 -7.91
N VAL B 87 -6.71 15.13 -7.70
CA VAL B 87 -5.77 14.66 -6.70
C VAL B 87 -4.57 13.97 -7.35
N PRO B 88 -3.47 13.78 -6.60
CA PRO B 88 -2.27 13.10 -7.10
C PRO B 88 -2.48 11.61 -7.28
N LEU B 89 -1.96 11.08 -8.39
CA LEU B 89 -2.09 9.65 -8.70
C LEU B 89 -0.75 8.97 -8.51
N ILE B 90 -0.72 7.87 -7.77
CA ILE B 90 0.51 7.10 -7.57
C ILE B 90 0.28 5.63 -7.84
N THR B 91 1.35 4.88 -7.99
CA THR B 91 1.25 3.46 -8.25
C THR B 91 1.48 2.69 -6.96
N TYR B 92 1.27 1.37 -6.97
CA TYR B 92 1.48 0.57 -5.78
C TYR B 92 2.89 0.76 -5.24
N SER B 93 3.84 0.97 -6.14
CA SER B 93 5.22 1.23 -5.75
C SER B 93 5.31 2.43 -4.82
N GLU B 94 4.62 3.50 -5.18
CA GLU B 94 4.64 4.73 -4.41
C GLU B 94 3.78 4.58 -3.15
N PHE B 95 2.84 3.64 -3.17
CA PHE B 95 2.06 3.35 -1.99
C PHE B 95 2.97 2.78 -0.91
N ILE B 96 3.94 1.97 -1.31
CA ILE B 96 4.94 1.47 -0.37
C ILE B 96 5.86 2.60 0.10
N ASP B 97 6.15 3.55 -0.79
CA ASP B 97 6.93 4.73 -0.40
C ASP B 97 6.14 5.56 0.62
N LEU B 98 4.82 5.61 0.45
CA LEU B 98 3.92 6.19 1.43
C LEU B 98 3.95 5.34 2.71
N LEU B 99 3.91 4.03 2.52
CA LEU B 99 3.93 3.09 3.62
C LEU B 99 5.17 3.31 4.48
N GLU B 100 6.28 3.62 3.81
CA GLU B 100 7.50 3.99 4.50
C GLU B 100 7.34 5.39 5.09
N GLY B 101 7.01 6.34 4.24
CA GLY B 101 6.79 7.70 4.69
C GLY B 101 8.08 8.46 4.94
N GLU B 102 8.83 8.01 5.94
CA GLU B 102 10.04 8.72 6.36
C GLU B 102 11.29 8.05 5.79
N GLU B 103 11.85 7.10 6.53
CA GLU B 103 13.09 6.42 6.13
C GLU B 103 13.38 5.22 7.03
N LYS B 104 13.26 5.43 8.34
CA LYS B 104 13.51 4.38 9.34
C LYS B 104 14.85 3.69 9.11
N PHE B 105 14.88 2.38 9.29
CA PHE B 105 16.06 1.58 9.03
C PHE B 105 15.78 0.64 7.85
N ILE B 106 14.77 1.00 7.07
CA ILE B 106 14.34 0.18 5.95
C ILE B 106 15.34 0.27 4.80
N GLY B 107 15.71 1.48 4.43
CA GLY B 107 16.70 1.68 3.40
C GLY B 107 16.18 2.54 2.26
N MET A 21 7.52 1.02 13.78
CA MET A 21 6.32 0.17 13.95
C MET A 21 6.55 -1.19 13.29
N ALA A 22 5.53 -2.03 13.28
CA ALA A 22 5.63 -3.38 12.71
C ALA A 22 5.51 -3.33 11.19
N LEU A 23 6.35 -2.52 10.56
CA LEU A 23 6.28 -2.27 9.13
C LEU A 23 7.67 -2.36 8.50
N VAL A 24 7.92 -3.43 7.77
CA VAL A 24 9.18 -3.60 7.05
C VAL A 24 8.91 -3.94 5.59
N LEU A 25 9.32 -3.06 4.69
CA LEU A 25 9.16 -3.32 3.28
C LEU A 25 10.50 -3.62 2.63
N VAL A 26 10.61 -4.78 1.99
CA VAL A 26 11.86 -5.19 1.39
C VAL A 26 11.80 -5.01 -0.12
N LYS A 27 12.69 -4.19 -0.63
CA LYS A 27 12.66 -3.81 -2.03
C LYS A 27 14.06 -3.86 -2.63
N TYR A 28 14.65 -5.04 -2.58
CA TYR A 28 15.98 -5.29 -3.13
C TYR A 28 16.11 -6.74 -3.49
N GLY A 29 16.95 -7.00 -4.46
CA GLY A 29 17.11 -8.36 -4.93
C GLY A 29 17.95 -9.18 -4.01
N THR A 30 18.21 -10.39 -4.43
CA THR A 30 19.00 -11.34 -3.66
C THR A 30 20.45 -10.87 -3.54
N ASP A 31 20.85 -9.99 -4.44
CA ASP A 31 22.18 -9.39 -4.39
C ASP A 31 22.18 -8.22 -3.41
N HIS A 32 21.82 -8.52 -2.17
CA HIS A 32 21.81 -7.54 -1.08
C HIS A 32 21.75 -8.27 0.25
N PRO A 33 22.92 -8.65 0.78
CA PRO A 33 23.02 -9.45 2.02
C PRO A 33 22.28 -8.84 3.19
N VAL A 34 22.26 -7.51 3.27
CA VAL A 34 21.60 -6.82 4.38
C VAL A 34 20.09 -7.08 4.40
N GLU A 35 19.51 -7.36 3.23
CA GLU A 35 18.10 -7.73 3.14
C GLU A 35 17.82 -9.00 3.93
N LYS A 36 18.76 -9.94 3.84
CA LYS A 36 18.62 -11.24 4.49
C LYS A 36 18.35 -11.09 5.98
N LEU A 37 19.25 -10.41 6.69
CA LEU A 37 19.14 -10.33 8.14
C LEU A 37 18.07 -9.32 8.59
N LYS A 38 17.63 -8.44 7.69
CA LYS A 38 16.52 -7.55 8.02
C LYS A 38 15.23 -8.35 8.09
N ILE A 39 15.03 -9.25 7.12
CA ILE A 39 13.88 -10.13 7.12
C ILE A 39 14.00 -11.16 8.24
N ARG A 40 15.22 -11.64 8.41
CA ARG A 40 15.53 -12.69 9.37
C ARG A 40 15.30 -12.22 10.81
N SER A 41 15.67 -10.99 11.09
CA SER A 41 15.65 -10.47 12.45
C SER A 41 14.35 -9.75 12.77
N ALA A 42 13.36 -9.90 11.90
CA ALA A 42 12.05 -9.30 12.14
C ALA A 42 11.32 -10.06 13.25
N LYS A 43 10.46 -9.36 13.98
CA LYS A 43 9.77 -9.97 15.11
C LYS A 43 8.42 -10.50 14.69
N ALA A 44 7.79 -11.27 15.57
CA ALA A 44 6.54 -11.95 15.26
C ALA A 44 5.39 -10.96 14.98
N GLU A 45 5.54 -9.74 15.48
CA GLU A 45 4.51 -8.73 15.29
C GLU A 45 4.73 -7.95 14.00
N ASP A 46 5.97 -7.98 13.50
CA ASP A 46 6.33 -7.23 12.30
C ASP A 46 5.62 -7.75 11.07
N LYS A 47 5.46 -6.88 10.09
CA LYS A 47 4.95 -7.27 8.80
C LYS A 47 5.95 -6.90 7.72
N ILE A 48 6.23 -7.85 6.84
CA ILE A 48 7.23 -7.66 5.80
C ILE A 48 6.61 -7.88 4.44
N VAL A 49 6.64 -6.86 3.60
CA VAL A 49 6.10 -6.99 2.26
C VAL A 49 7.21 -6.89 1.22
N LEU A 50 7.26 -7.86 0.32
CA LEU A 50 8.22 -7.87 -0.76
C LEU A 50 7.68 -7.05 -1.93
N ILE A 51 8.47 -6.09 -2.39
CA ILE A 51 8.05 -5.18 -3.44
C ILE A 51 9.21 -4.91 -4.41
N GLN A 52 8.88 -4.83 -5.71
CA GLN A 52 9.86 -4.52 -6.76
C GLN A 52 10.91 -5.62 -6.87
N ASN A 53 12.15 -5.28 -6.55
CA ASN A 53 13.25 -6.22 -6.63
C ASN A 53 13.12 -7.27 -5.52
N GLY A 54 12.36 -6.90 -4.49
CA GLY A 54 12.17 -7.76 -3.34
C GLY A 54 11.39 -9.02 -3.67
N VAL A 55 10.72 -9.03 -4.83
CA VAL A 55 9.91 -10.19 -5.24
C VAL A 55 10.75 -11.45 -5.32
N PHE A 56 12.07 -11.31 -5.48
CA PHE A 56 12.96 -12.46 -5.58
C PHE A 56 13.04 -13.21 -4.26
N TRP A 57 12.80 -12.52 -3.15
CA TRP A 57 12.86 -13.15 -1.83
C TRP A 57 11.60 -13.96 -1.55
N ALA A 58 10.55 -13.69 -2.32
CA ALA A 58 9.29 -14.41 -2.17
C ALA A 58 9.42 -15.84 -2.68
N LEU A 59 10.52 -16.11 -3.36
CA LEU A 59 10.79 -17.42 -3.94
C LEU A 59 11.76 -18.20 -3.07
N GLU A 60 12.35 -17.53 -2.08
CA GLU A 60 13.35 -18.15 -1.24
C GLU A 60 12.72 -18.90 -0.08
N GLU A 61 13.42 -19.93 0.39
CA GLU A 61 12.97 -20.75 1.49
C GLU A 61 13.30 -20.08 2.84
N LEU A 62 13.32 -18.76 2.85
CA LEU A 62 13.69 -18.01 4.05
C LEU A 62 12.64 -18.17 5.16
N GLU A 63 13.11 -18.10 6.40
CA GLU A 63 12.20 -18.17 7.54
C GLU A 63 12.23 -16.88 8.33
N THR A 64 11.04 -16.34 8.56
CA THR A 64 10.90 -15.13 9.35
C THR A 64 9.73 -15.29 10.31
N PRO A 65 9.89 -14.87 11.57
CA PRO A 65 8.82 -14.89 12.57
C PRO A 65 7.75 -13.86 12.28
N ALA A 66 8.08 -12.92 11.40
CA ALA A 66 7.17 -11.84 11.06
C ALA A 66 6.13 -12.29 10.05
N LYS A 67 5.11 -11.48 9.86
CA LYS A 67 4.09 -11.74 8.86
C LYS A 67 4.62 -11.35 7.49
N VAL A 68 4.93 -12.34 6.69
CA VAL A 68 5.55 -12.08 5.39
C VAL A 68 4.50 -12.12 4.27
N TYR A 69 4.52 -11.07 3.46
CA TYR A 69 3.57 -10.91 2.37
C TYR A 69 4.31 -10.40 1.13
N ALA A 70 3.93 -10.89 -0.04
CA ALA A 70 4.48 -10.37 -1.28
C ALA A 70 3.36 -9.76 -2.11
N ILE A 71 3.60 -8.56 -2.63
CA ILE A 71 2.56 -7.86 -3.36
C ILE A 71 2.33 -8.50 -4.73
N LYS A 72 1.14 -9.04 -4.87
CA LYS A 72 0.79 -9.83 -6.04
C LYS A 72 0.76 -9.00 -7.31
N ASP A 73 0.21 -7.80 -7.24
CA ASP A 73 0.07 -6.96 -8.42
C ASP A 73 1.41 -6.67 -9.07
N ASP A 74 2.39 -6.30 -8.25
CA ASP A 74 3.73 -5.99 -8.74
C ASP A 74 4.44 -7.27 -9.18
N PHE A 75 4.11 -8.37 -8.52
CA PHE A 75 4.73 -9.66 -8.79
C PHE A 75 4.23 -10.22 -10.12
N LEU A 76 2.94 -10.09 -10.34
CA LEU A 76 2.30 -10.62 -11.53
C LEU A 76 2.57 -9.74 -12.74
N ALA A 77 2.58 -8.43 -12.53
CA ALA A 77 2.89 -7.48 -13.61
C ALA A 77 4.33 -7.67 -14.07
N ARG A 78 5.15 -8.19 -13.17
CA ARG A 78 6.55 -8.45 -13.46
C ARG A 78 6.69 -9.75 -14.28
N GLY A 79 5.59 -10.46 -14.42
CA GLY A 79 5.57 -11.66 -15.23
C GLY A 79 5.90 -12.91 -14.44
N TYR A 80 5.14 -13.17 -13.39
CA TYR A 80 5.38 -14.32 -12.52
C TYR A 80 4.09 -15.07 -12.23
N SER A 81 4.15 -16.02 -11.30
CA SER A 81 2.98 -16.82 -10.93
C SER A 81 2.91 -17.01 -9.41
N GLU A 82 1.71 -16.89 -8.86
CA GLU A 82 1.49 -16.96 -7.40
C GLU A 82 2.08 -18.25 -6.81
N GLU A 83 1.78 -19.36 -7.47
CA GLU A 83 2.11 -20.69 -6.97
C GLU A 83 3.61 -20.89 -6.80
N ASP A 84 4.41 -20.18 -7.58
CA ASP A 84 5.85 -20.39 -7.57
C ASP A 84 6.48 -19.84 -6.29
N SER A 85 5.80 -18.88 -5.66
CA SER A 85 6.30 -18.26 -4.44
C SER A 85 6.04 -19.14 -3.23
N LYS A 86 6.85 -18.96 -2.18
CA LYS A 86 6.67 -19.70 -0.95
C LYS A 86 5.85 -18.88 0.04
N VAL A 87 5.83 -17.57 -0.15
CA VAL A 87 5.13 -16.67 0.76
C VAL A 87 3.77 -16.27 0.20
N PRO A 88 2.85 -15.79 1.06
CA PRO A 88 1.51 -15.36 0.65
C PRO A 88 1.51 -14.10 -0.21
N LEU A 89 0.60 -14.05 -1.17
CA LEU A 89 0.47 -12.90 -2.07
C LEU A 89 -0.73 -12.05 -1.67
N ILE A 90 -0.54 -10.74 -1.64
CA ILE A 90 -1.65 -9.82 -1.39
C ILE A 90 -1.78 -8.85 -2.56
N THR A 91 -2.96 -8.31 -2.77
CA THR A 91 -3.19 -7.39 -3.87
C THR A 91 -3.16 -5.95 -3.35
N TYR A 92 -3.18 -4.98 -4.26
CA TYR A 92 -3.18 -3.58 -3.87
C TYR A 92 -4.33 -3.29 -2.92
N SER A 93 -5.43 -4.01 -3.10
CA SER A 93 -6.58 -3.89 -2.22
C SER A 93 -6.22 -4.32 -0.79
N GLU A 94 -5.53 -5.45 -0.69
CA GLU A 94 -5.14 -6.01 0.59
C GLU A 94 -3.96 -5.24 1.18
N PHE A 95 -3.19 -4.61 0.30
CA PHE A 95 -2.11 -3.74 0.74
C PHE A 95 -2.69 -2.55 1.50
N ILE A 96 -3.85 -2.08 1.04
CA ILE A 96 -4.59 -1.05 1.74
C ILE A 96 -5.08 -1.57 3.10
N ASP A 97 -5.58 -2.80 3.12
CA ASP A 97 -6.03 -3.42 4.36
C ASP A 97 -4.88 -3.60 5.35
N LEU A 98 -3.69 -3.86 4.81
CA LEU A 98 -2.47 -3.93 5.62
C LEU A 98 -2.24 -2.63 6.36
N LEU A 99 -2.36 -1.52 5.63
CA LEU A 99 -2.03 -0.22 6.15
C LEU A 99 -3.08 0.25 7.16
N GLU A 100 -4.29 -0.30 7.03
CA GLU A 100 -5.33 -0.10 8.03
C GLU A 100 -5.11 -1.00 9.25
N GLY A 101 -3.89 -1.51 9.37
CA GLY A 101 -3.52 -2.33 10.50
C GLY A 101 -3.97 -3.76 10.32
N GLU A 102 -5.27 -3.97 10.37
CA GLU A 102 -5.88 -5.29 10.24
C GLU A 102 -7.38 -5.17 10.46
N GLU A 103 -7.74 -4.77 11.68
CA GLU A 103 -9.14 -4.58 12.06
C GLU A 103 -9.69 -3.31 11.40
N LYS A 104 -8.77 -2.42 11.03
CA LYS A 104 -9.06 -1.12 10.40
C LYS A 104 -9.97 -0.23 11.23
N PHE A 105 -10.04 1.03 10.83
CA PHE A 105 -10.81 2.04 11.54
C PHE A 105 -11.69 2.83 10.60
N ILE A 106 -11.25 2.96 9.34
CA ILE A 106 -11.98 3.76 8.38
C ILE A 106 -13.18 3.00 7.82
N GLY A 107 -14.26 3.01 8.59
CA GLY A 107 -15.49 2.40 8.14
C GLY A 107 -16.58 3.43 7.96
N MET B 21 -0.23 11.89 13.84
CA MET B 21 -0.34 11.30 12.48
C MET B 21 -1.25 10.09 12.48
N ALA B 22 -2.08 9.96 11.45
CA ALA B 22 -3.00 8.84 11.33
C ALA B 22 -3.23 8.49 9.86
N LEU B 23 -4.10 7.53 9.61
CA LEU B 23 -4.34 7.03 8.26
C LEU B 23 -5.83 6.97 7.95
N VAL B 24 -6.20 7.40 6.76
CA VAL B 24 -7.57 7.26 6.27
C VAL B 24 -7.56 6.69 4.85
N LEU B 25 -8.06 5.48 4.70
CA LEU B 25 -8.18 4.86 3.39
C LEU B 25 -9.64 4.75 2.97
N VAL B 26 -10.00 5.41 1.88
CA VAL B 26 -11.39 5.45 1.46
C VAL B 26 -11.63 4.60 0.23
N LYS B 27 -12.52 3.62 0.38
CA LYS B 27 -12.94 2.78 -0.74
C LYS B 27 -14.46 2.62 -0.71
N TYR B 28 -15.16 3.74 -0.85
CA TYR B 28 -16.61 3.76 -0.81
C TYR B 28 -17.19 4.39 -2.07
N GLY B 29 -17.15 5.71 -2.12
CA GLY B 29 -17.58 6.42 -3.30
C GLY B 29 -18.92 7.10 -3.10
N THR B 30 -18.96 8.04 -2.16
CA THR B 30 -20.17 8.80 -1.82
C THR B 30 -21.34 7.87 -1.49
N ASP B 31 -21.03 6.81 -0.75
CA ASP B 31 -22.05 5.81 -0.41
C ASP B 31 -22.58 6.08 0.99
N HIS B 32 -21.70 5.95 1.98
CA HIS B 32 -22.03 6.34 3.34
C HIS B 32 -21.44 7.70 3.60
N PRO B 33 -22.29 8.75 3.65
CA PRO B 33 -21.86 10.17 3.72
C PRO B 33 -20.80 10.43 4.79
N VAL B 34 -20.69 9.52 5.75
CA VAL B 34 -19.68 9.62 6.79
C VAL B 34 -18.26 9.65 6.20
N GLU B 35 -18.07 9.08 5.01
CA GLU B 35 -16.75 9.04 4.42
C GLU B 35 -16.39 10.41 3.83
N LYS B 36 -17.42 11.12 3.35
CA LYS B 36 -17.25 12.46 2.83
C LYS B 36 -16.59 13.37 3.88
N LEU B 37 -17.21 13.49 5.05
CA LEU B 37 -16.69 14.41 6.06
C LEU B 37 -15.55 13.82 6.85
N LYS B 38 -15.29 12.52 6.71
CA LYS B 38 -14.09 11.93 7.30
C LYS B 38 -12.85 12.45 6.58
N ILE B 39 -12.98 12.63 5.26
CA ILE B 39 -11.92 13.21 4.47
C ILE B 39 -11.80 14.71 4.76
N ARG B 40 -12.95 15.35 4.94
CA ARG B 40 -13.01 16.80 5.17
C ARG B 40 -12.48 17.16 6.56
N SER B 41 -12.78 16.34 7.55
CA SER B 41 -12.40 16.64 8.93
C SER B 41 -10.99 16.14 9.25
N ALA B 42 -10.27 15.72 8.23
CA ALA B 42 -8.90 15.26 8.40
C ALA B 42 -7.98 16.46 8.65
N LYS B 43 -6.86 16.20 9.30
CA LYS B 43 -5.94 17.26 9.66
C LYS B 43 -4.62 17.07 8.94
N ALA B 44 -3.70 18.02 9.12
CA ALA B 44 -2.40 17.98 8.43
C ALA B 44 -1.57 16.77 8.88
N GLU B 45 -1.97 16.16 9.98
CA GLU B 45 -1.27 15.01 10.53
C GLU B 45 -1.74 13.70 9.89
N ASP B 46 -2.83 13.75 9.14
CA ASP B 46 -3.43 12.54 8.63
C ASP B 46 -3.02 12.28 7.19
N LYS B 47 -3.08 11.01 6.80
CA LYS B 47 -2.73 10.60 5.45
C LYS B 47 -3.97 9.97 4.82
N ILE B 48 -4.29 10.36 3.60
CA ILE B 48 -5.50 9.89 2.94
C ILE B 48 -5.21 9.40 1.54
N VAL B 49 -5.54 8.15 1.27
CA VAL B 49 -5.38 7.59 -0.06
C VAL B 49 -6.71 7.01 -0.55
N LEU B 50 -7.10 7.39 -1.75
CA LEU B 50 -8.32 6.87 -2.36
C LEU B 50 -8.00 5.58 -3.13
N ILE B 51 -8.75 4.53 -2.85
CA ILE B 51 -8.49 3.23 -3.43
C ILE B 51 -9.78 2.57 -3.90
N GLN B 52 -9.71 1.85 -5.04
CA GLN B 52 -10.86 1.18 -5.64
C GLN B 52 -11.98 2.17 -5.97
N ASN B 53 -13.00 2.19 -5.12
CA ASN B 53 -14.13 3.09 -5.30
C ASN B 53 -13.73 4.52 -4.96
N GLY B 54 -12.54 4.66 -4.41
CA GLY B 54 -12.02 5.97 -4.07
C GLY B 54 -11.77 6.82 -5.30
N VAL B 55 -11.74 6.19 -6.47
CA VAL B 55 -11.55 6.91 -7.73
C VAL B 55 -12.58 8.02 -7.92
N PHE B 56 -13.77 7.85 -7.35
CA PHE B 56 -14.82 8.86 -7.43
C PHE B 56 -14.37 10.15 -6.74
N TRP B 57 -13.53 10.00 -5.73
CA TRP B 57 -13.02 11.12 -4.98
C TRP B 57 -11.84 11.75 -5.71
N ALA B 58 -11.16 10.95 -6.53
CA ALA B 58 -10.06 11.45 -7.33
C ALA B 58 -10.57 12.41 -8.37
N LEU B 59 -11.85 12.27 -8.69
CA LEU B 59 -12.52 13.12 -9.66
C LEU B 59 -13.27 14.25 -8.95
N GLU B 60 -13.09 14.35 -7.64
CA GLU B 60 -13.72 15.39 -6.86
C GLU B 60 -12.66 16.39 -6.40
N GLU B 61 -13.09 17.56 -5.96
CA GLU B 61 -12.17 18.58 -5.47
C GLU B 61 -11.55 18.15 -4.15
N LEU B 62 -12.38 17.58 -3.28
CA LEU B 62 -11.95 17.11 -1.97
C LEU B 62 -11.49 18.24 -1.07
N GLU B 63 -12.31 18.55 -0.08
CA GLU B 63 -11.97 19.55 0.91
C GLU B 63 -11.19 18.90 2.05
N THR B 64 -9.88 18.77 1.87
CA THR B 64 -9.04 18.17 2.89
C THR B 64 -7.70 18.91 2.99
N PRO B 65 -7.23 19.16 4.22
CA PRO B 65 -5.92 19.74 4.47
C PRO B 65 -4.85 18.68 4.74
N ALA B 66 -5.23 17.42 4.55
CA ALA B 66 -4.32 16.31 4.82
C ALA B 66 -3.54 15.92 3.58
N LYS B 67 -2.67 14.93 3.71
CA LYS B 67 -1.92 14.42 2.58
C LYS B 67 -2.80 13.46 1.78
N VAL B 68 -3.29 13.92 0.64
CA VAL B 68 -4.22 13.14 -0.16
C VAL B 68 -3.53 12.53 -1.39
N TYR B 69 -3.79 11.25 -1.62
CA TYR B 69 -3.28 10.54 -2.79
C TYR B 69 -4.39 9.66 -3.38
N ALA B 70 -4.28 9.34 -4.67
CA ALA B 70 -5.23 8.45 -5.31
C ALA B 70 -4.51 7.43 -6.18
N ILE B 71 -4.94 6.18 -6.10
CA ILE B 71 -4.28 5.08 -6.81
C ILE B 71 -4.54 5.17 -8.33
N LYS B 72 -3.49 4.98 -9.12
CA LYS B 72 -3.62 5.00 -10.58
C LYS B 72 -4.13 3.67 -11.12
N ASP B 73 -3.81 2.57 -10.46
CA ASP B 73 -4.05 1.25 -11.02
C ASP B 73 -5.53 1.00 -11.28
N ASP B 74 -6.37 1.24 -10.28
CA ASP B 74 -7.81 1.08 -10.44
C ASP B 74 -8.40 2.23 -11.24
N PHE B 75 -7.90 3.43 -10.98
CA PHE B 75 -8.34 4.65 -11.67
C PHE B 75 -8.22 4.49 -13.19
N LEU B 76 -7.04 4.11 -13.66
CA LEU B 76 -6.79 3.97 -15.09
C LEU B 76 -7.47 2.72 -15.63
N ALA B 77 -7.64 1.71 -14.78
CA ALA B 77 -8.34 0.49 -15.15
C ALA B 77 -9.81 0.78 -15.42
N ARG B 78 -10.28 1.90 -14.90
CA ARG B 78 -11.66 2.34 -15.11
C ARG B 78 -11.79 3.17 -16.39
N GLY B 79 -10.68 3.32 -17.10
CA GLY B 79 -10.68 4.08 -18.33
C GLY B 79 -10.72 5.58 -18.10
N TYR B 80 -10.04 6.02 -17.06
CA TYR B 80 -10.01 7.44 -16.72
C TYR B 80 -8.67 8.07 -17.07
N SER B 81 -8.65 9.39 -17.09
CA SER B 81 -7.44 10.14 -17.40
C SER B 81 -7.01 10.96 -16.19
N GLU B 82 -5.70 10.98 -15.91
CA GLU B 82 -5.15 11.64 -14.73
C GLU B 82 -5.48 13.13 -14.71
N GLU B 83 -5.51 13.74 -15.89
CA GLU B 83 -5.79 15.16 -16.02
C GLU B 83 -7.15 15.51 -15.42
N ASP B 84 -8.07 14.56 -15.43
CA ASP B 84 -9.44 14.81 -15.00
C ASP B 84 -9.56 14.71 -13.48
N SER B 85 -8.44 14.44 -12.83
CA SER B 85 -8.39 14.36 -11.36
C SER B 85 -7.81 15.63 -10.78
N LYS B 86 -8.35 16.04 -9.63
CA LYS B 86 -7.88 17.27 -8.97
C LYS B 86 -6.97 16.92 -7.80
N VAL B 87 -6.65 15.63 -7.68
CA VAL B 87 -5.74 15.15 -6.65
C VAL B 87 -4.56 14.41 -7.29
N PRO B 88 -3.46 14.21 -6.55
CA PRO B 88 -2.27 13.51 -7.06
C PRO B 88 -2.48 12.00 -7.19
N LEU B 89 -2.20 11.47 -8.38
CA LEU B 89 -2.31 10.04 -8.63
C LEU B 89 -0.95 9.37 -8.43
N ILE B 90 -0.95 8.19 -7.80
CA ILE B 90 0.29 7.44 -7.62
C ILE B 90 0.08 5.97 -7.96
N THR B 91 1.18 5.25 -8.08
CA THR B 91 1.13 3.82 -8.38
C THR B 91 1.33 3.02 -7.10
N TYR B 92 1.15 1.70 -7.18
CA TYR B 92 1.33 0.85 -6.01
C TYR B 92 2.74 1.00 -5.42
N SER B 93 3.71 1.27 -6.28
CA SER B 93 5.09 1.48 -5.85
C SER B 93 5.16 2.66 -4.88
N GLU B 94 4.46 3.74 -5.25
CA GLU B 94 4.45 4.95 -4.48
C GLU B 94 3.62 4.78 -3.20
N PHE B 95 2.73 3.79 -3.19
CA PHE B 95 2.00 3.44 -1.99
C PHE B 95 2.95 2.81 -0.96
N ILE B 96 3.93 2.07 -1.46
CA ILE B 96 4.99 1.56 -0.60
C ILE B 96 5.79 2.73 -0.01
N ASP B 97 5.99 3.75 -0.84
CA ASP B 97 6.80 4.92 -0.46
C ASP B 97 6.23 5.66 0.76
N LEU B 98 4.93 5.98 0.74
CA LEU B 98 4.35 6.75 1.85
C LEU B 98 3.99 5.83 3.00
N LEU B 99 3.89 4.53 2.71
CA LEU B 99 3.63 3.54 3.73
C LEU B 99 4.72 3.58 4.80
N GLU B 100 5.97 3.51 4.37
CA GLU B 100 7.08 3.54 5.31
C GLU B 100 7.45 4.97 5.69
N GLY B 101 7.68 5.82 4.69
CA GLY B 101 8.21 7.13 4.96
C GLY B 101 7.26 8.26 4.59
N GLU B 102 7.68 9.47 4.89
CA GLU B 102 6.90 10.66 4.57
C GLU B 102 7.52 11.39 3.38
N GLU B 103 8.40 10.68 2.68
CA GLU B 103 9.23 11.29 1.64
C GLU B 103 10.02 10.23 0.89
N LYS B 104 10.39 9.17 1.59
CA LYS B 104 11.23 8.14 1.00
C LYS B 104 10.80 6.76 1.45
N PHE B 105 11.36 5.74 0.80
CA PHE B 105 11.15 4.37 1.20
C PHE B 105 11.86 4.11 2.52
N ILE B 106 11.19 3.36 3.39
CA ILE B 106 11.69 3.06 4.73
C ILE B 106 11.61 4.31 5.62
N GLY B 107 10.84 4.20 6.70
CA GLY B 107 10.67 5.31 7.60
C GLY B 107 11.83 5.44 8.57
N MET A 21 11.00 -3.93 12.72
CA MET A 21 10.58 -4.01 14.14
C MET A 21 9.08 -3.80 14.29
N ALA A 22 8.38 -3.74 13.16
CA ALA A 22 6.94 -3.46 13.12
C ALA A 22 6.45 -3.38 11.68
N LEU A 23 6.92 -2.35 11.00
CA LEU A 23 6.56 -2.12 9.61
C LEU A 23 7.83 -2.15 8.76
N VAL A 24 8.06 -3.27 8.07
CA VAL A 24 9.29 -3.46 7.31
C VAL A 24 8.98 -3.72 5.84
N LEU A 25 9.44 -2.81 5.00
CA LEU A 25 9.22 -2.90 3.57
C LEU A 25 10.53 -3.22 2.86
N VAL A 26 10.49 -4.14 1.90
CA VAL A 26 11.68 -4.45 1.13
C VAL A 26 11.46 -4.12 -0.34
N LYS A 27 12.23 -3.18 -0.87
CA LYS A 27 12.20 -2.86 -2.29
C LYS A 27 13.56 -2.36 -2.77
N TYR A 28 14.57 -3.21 -2.64
CA TYR A 28 15.90 -2.92 -3.16
C TYR A 28 16.47 -4.15 -3.80
N GLY A 29 15.55 -5.00 -4.14
CA GLY A 29 15.87 -6.25 -4.79
C GLY A 29 16.83 -7.11 -3.99
N THR A 30 17.71 -7.77 -4.71
CA THR A 30 18.69 -8.66 -4.10
C THR A 30 20.05 -7.99 -4.03
N ASP A 31 20.07 -6.72 -4.42
CA ASP A 31 21.29 -5.91 -4.40
C ASP A 31 21.60 -5.45 -2.98
N HIS A 32 20.56 -5.36 -2.16
CA HIS A 32 20.68 -4.91 -0.79
C HIS A 32 20.71 -6.11 0.16
N PRO A 33 21.90 -6.50 0.64
CA PRO A 33 22.06 -7.66 1.53
C PRO A 33 21.41 -7.48 2.89
N VAL A 34 21.41 -6.23 3.38
CA VAL A 34 20.88 -5.93 4.71
C VAL A 34 19.40 -6.29 4.83
N GLU A 35 18.70 -6.38 3.70
CA GLU A 35 17.28 -6.71 3.71
C GLU A 35 17.06 -8.09 4.32
N LYS A 36 17.97 -9.02 4.03
CA LYS A 36 17.80 -10.41 4.44
C LYS A 36 17.89 -10.53 5.95
N LEU A 37 18.92 -9.96 6.56
CA LEU A 37 19.10 -10.09 8.01
C LEU A 37 18.16 -9.19 8.78
N LYS A 38 17.50 -8.25 8.10
CA LYS A 38 16.42 -7.49 8.73
C LYS A 38 15.22 -8.39 8.94
N ILE A 39 14.94 -9.24 7.96
CA ILE A 39 13.89 -10.24 8.08
C ILE A 39 14.28 -11.27 9.15
N ARG A 40 15.58 -11.53 9.26
CA ARG A 40 16.11 -12.44 10.26
C ARG A 40 15.99 -11.86 11.66
N SER A 41 16.01 -10.52 11.75
CA SER A 41 15.94 -9.84 13.04
C SER A 41 14.50 -9.47 13.37
N ALA A 42 13.57 -9.93 12.54
CA ALA A 42 12.16 -9.61 12.72
C ALA A 42 11.53 -10.50 13.77
N LYS A 43 10.80 -9.89 14.68
CA LYS A 43 10.06 -10.62 15.70
C LYS A 43 8.67 -10.95 15.20
N ALA A 44 7.86 -11.60 16.03
CA ALA A 44 6.47 -11.87 15.69
C ALA A 44 5.66 -10.56 15.65
N GLU A 45 6.31 -9.49 16.08
CA GLU A 45 5.71 -8.16 16.12
C GLU A 45 6.05 -7.37 14.86
N ASP A 46 6.65 -8.03 13.88
CA ASP A 46 7.11 -7.35 12.68
C ASP A 46 6.32 -7.82 11.46
N LYS A 47 6.37 -7.01 10.41
CA LYS A 47 5.78 -7.37 9.14
C LYS A 47 6.75 -7.09 8.01
N ILE A 48 6.90 -8.06 7.11
CA ILE A 48 7.79 -7.91 5.96
C ILE A 48 6.97 -7.96 4.68
N VAL A 49 7.09 -6.93 3.87
CA VAL A 49 6.40 -6.87 2.59
C VAL A 49 7.38 -6.86 1.43
N LEU A 50 7.24 -7.84 0.54
CA LEU A 50 8.05 -7.90 -0.66
C LEU A 50 7.37 -7.12 -1.78
N ILE A 51 8.04 -6.10 -2.26
CA ILE A 51 7.52 -5.24 -3.32
C ILE A 51 8.65 -4.81 -4.25
N GLN A 52 8.32 -4.66 -5.54
CA GLN A 52 9.31 -4.32 -6.57
C GLN A 52 10.28 -5.48 -6.75
N ASN A 53 11.56 -5.21 -6.84
CA ASN A 53 12.55 -6.27 -7.00
C ASN A 53 12.69 -7.08 -5.71
N GLY A 54 12.05 -6.61 -4.65
CA GLY A 54 12.10 -7.30 -3.38
C GLY A 54 11.37 -8.64 -3.43
N VAL A 55 10.52 -8.82 -4.43
CA VAL A 55 9.74 -10.05 -4.57
C VAL A 55 10.63 -11.26 -4.83
N PHE A 56 11.88 -11.03 -5.24
CA PHE A 56 12.80 -12.12 -5.50
C PHE A 56 13.07 -12.93 -4.24
N TRP A 57 12.94 -12.28 -3.09
CA TRP A 57 13.17 -12.94 -1.81
C TRP A 57 12.02 -13.89 -1.47
N ALA A 58 10.89 -13.71 -2.14
CA ALA A 58 9.72 -14.56 -1.91
C ALA A 58 9.96 -15.97 -2.46
N LEU A 59 10.98 -16.10 -3.29
CA LEU A 59 11.35 -17.38 -3.86
C LEU A 59 12.70 -17.83 -3.31
N GLU A 60 13.13 -17.21 -2.22
CA GLU A 60 14.39 -17.57 -1.58
C GLU A 60 14.19 -18.82 -0.73
N GLU A 61 13.66 -18.62 0.47
CA GLU A 61 13.37 -19.72 1.40
C GLU A 61 13.07 -19.15 2.78
N LEU A 62 13.63 -17.97 3.04
CA LEU A 62 13.51 -17.28 4.32
C LEU A 62 12.14 -17.42 4.98
N GLU A 63 12.14 -17.97 6.18
CA GLU A 63 10.95 -18.00 7.02
C GLU A 63 11.24 -17.29 8.35
N THR A 64 10.27 -16.53 8.81
CA THR A 64 10.45 -15.69 9.97
C THR A 64 9.21 -15.77 10.87
N PRO A 65 9.36 -15.53 12.19
CA PRO A 65 8.23 -15.42 13.10
C PRO A 65 7.35 -14.22 12.77
N ALA A 66 7.88 -13.31 11.97
CA ALA A 66 7.13 -12.13 11.54
C ALA A 66 6.15 -12.47 10.44
N LYS A 67 5.26 -11.53 10.12
CA LYS A 67 4.28 -11.74 9.08
C LYS A 67 4.82 -11.30 7.73
N VAL A 68 5.21 -12.26 6.91
CA VAL A 68 5.79 -11.97 5.61
C VAL A 68 4.73 -12.10 4.50
N TYR A 69 4.60 -11.05 3.70
CA TYR A 69 3.60 -11.01 2.62
C TYR A 69 4.22 -10.40 1.36
N ALA A 70 3.71 -10.79 0.21
CA ALA A 70 4.18 -10.22 -1.06
C ALA A 70 3.01 -9.66 -1.85
N ILE A 71 3.19 -8.49 -2.43
CA ILE A 71 2.13 -7.86 -3.21
C ILE A 71 1.99 -8.56 -4.56
N LYS A 72 0.82 -9.13 -4.77
CA LYS A 72 0.56 -10.00 -5.90
C LYS A 72 0.59 -9.22 -7.22
N ASP A 73 0.04 -8.01 -7.22
CA ASP A 73 -0.03 -7.21 -8.44
C ASP A 73 1.38 -6.96 -8.99
N ASP A 74 2.26 -6.54 -8.12
CA ASP A 74 3.66 -6.30 -8.48
C ASP A 74 4.35 -7.61 -8.81
N PHE A 75 3.99 -8.66 -8.08
CA PHE A 75 4.57 -9.98 -8.27
C PHE A 75 4.21 -10.52 -9.65
N LEU A 76 2.97 -10.31 -10.05
CA LEU A 76 2.46 -10.81 -11.31
C LEU A 76 2.94 -9.94 -12.48
N ALA A 77 3.35 -8.72 -12.17
CA ALA A 77 3.81 -7.77 -13.18
C ALA A 77 4.97 -8.32 -14.03
N ARG A 78 5.74 -9.26 -13.49
CA ARG A 78 6.87 -9.83 -14.23
C ARG A 78 6.47 -11.14 -14.92
N GLY A 79 5.20 -11.49 -14.86
CA GLY A 79 4.74 -12.69 -15.51
C GLY A 79 4.84 -13.92 -14.62
N TYR A 80 4.91 -13.69 -13.31
CA TYR A 80 4.91 -14.79 -12.35
C TYR A 80 3.50 -15.34 -12.18
N SER A 81 3.27 -16.13 -11.15
CA SER A 81 1.95 -16.68 -10.89
C SER A 81 1.73 -16.92 -9.40
N GLU A 82 0.48 -16.83 -8.97
CA GLU A 82 0.12 -16.95 -7.55
C GLU A 82 0.62 -18.26 -6.96
N GLU A 83 0.53 -19.33 -7.74
CA GLU A 83 0.94 -20.66 -7.31
C GLU A 83 2.46 -20.73 -7.09
N ASP A 84 3.19 -19.88 -7.81
CA ASP A 84 4.65 -19.94 -7.82
C ASP A 84 5.26 -19.39 -6.53
N SER A 85 4.52 -18.56 -5.82
CA SER A 85 5.02 -17.91 -4.62
C SER A 85 5.07 -18.86 -3.43
N LYS A 86 6.04 -18.64 -2.55
CA LYS A 86 6.15 -19.39 -1.31
C LYS A 86 5.33 -18.72 -0.21
N VAL A 87 5.27 -17.41 -0.26
CA VAL A 87 4.58 -16.63 0.75
C VAL A 87 3.20 -16.21 0.26
N PRO A 88 2.28 -15.88 1.19
CA PRO A 88 0.92 -15.44 0.85
C PRO A 88 0.92 -14.15 0.03
N LEU A 89 0.03 -14.08 -0.95
CA LEU A 89 -0.07 -12.92 -1.82
C LEU A 89 -1.25 -12.05 -1.42
N ILE A 90 -1.07 -10.75 -1.51
CA ILE A 90 -2.16 -9.81 -1.36
C ILE A 90 -2.12 -8.81 -2.50
N THR A 91 -3.26 -8.23 -2.83
CA THR A 91 -3.32 -7.25 -3.90
C THR A 91 -3.32 -5.85 -3.29
N TYR A 92 -3.22 -4.81 -4.12
CA TYR A 92 -3.20 -3.44 -3.62
C TYR A 92 -4.42 -3.15 -2.75
N SER A 93 -5.51 -3.86 -3.00
CA SER A 93 -6.71 -3.74 -2.19
C SER A 93 -6.48 -4.36 -0.81
N GLU A 94 -5.92 -5.56 -0.80
CA GLU A 94 -5.71 -6.30 0.43
C GLU A 94 -4.58 -5.69 1.25
N PHE A 95 -3.59 -5.15 0.55
CA PHE A 95 -2.49 -4.43 1.19
C PHE A 95 -3.04 -3.22 1.92
N ILE A 96 -3.99 -2.55 1.28
CA ILE A 96 -4.69 -1.43 1.88
C ILE A 96 -5.47 -1.86 3.13
N ASP A 97 -6.25 -2.94 2.99
CA ASP A 97 -7.00 -3.49 4.11
C ASP A 97 -6.07 -3.89 5.25
N LEU A 98 -4.86 -4.33 4.89
CA LEU A 98 -3.81 -4.62 5.87
C LEU A 98 -3.48 -3.38 6.68
N LEU A 99 -3.11 -2.30 5.97
CA LEU A 99 -2.62 -1.07 6.59
C LEU A 99 -3.60 -0.54 7.63
N GLU A 100 -4.88 -0.76 7.39
CA GLU A 100 -5.90 -0.28 8.32
C GLU A 100 -6.12 -1.25 9.48
N GLY A 101 -5.18 -2.15 9.70
CA GLY A 101 -5.20 -3.00 10.88
C GLY A 101 -6.07 -4.23 10.73
N GLU A 102 -6.17 -4.73 9.49
CA GLU A 102 -6.85 -5.99 9.19
C GLU A 102 -8.37 -5.84 9.31
N GLU A 103 -8.86 -5.57 10.52
CA GLU A 103 -10.28 -5.41 10.77
C GLU A 103 -10.78 -4.07 10.23
N LYS A 104 -9.90 -3.06 10.30
CA LYS A 104 -10.20 -1.70 9.86
C LYS A 104 -11.19 -1.00 10.79
N PHE A 105 -11.04 0.32 10.87
CA PHE A 105 -11.95 1.18 11.60
C PHE A 105 -12.54 2.22 10.66
N ILE A 106 -11.88 2.43 9.52
CA ILE A 106 -12.38 3.35 8.49
C ILE A 106 -13.64 2.80 7.86
N GLY A 107 -14.77 3.13 8.47
CA GLY A 107 -16.06 2.72 7.94
C GLY A 107 -17.13 3.72 8.32
N MET B 21 -1.07 10.48 13.76
CA MET B 21 -1.06 10.28 12.30
C MET B 21 -1.35 8.82 11.94
N ALA B 22 -2.31 8.62 11.07
CA ALA B 22 -2.64 7.30 10.55
C ALA B 22 -2.98 7.42 9.06
N LEU B 23 -3.67 6.43 8.51
CA LEU B 23 -4.11 6.50 7.13
C LEU B 23 -5.61 6.30 7.03
N VAL B 24 -6.25 7.08 6.16
CA VAL B 24 -7.67 6.97 5.91
C VAL B 24 -7.89 6.37 4.53
N LEU B 25 -8.55 5.22 4.49
CA LEU B 25 -8.74 4.48 3.26
C LEU B 25 -10.17 4.55 2.79
N VAL B 26 -10.39 5.19 1.65
CA VAL B 26 -11.73 5.32 1.10
C VAL B 26 -11.88 4.45 -0.14
N LYS B 27 -12.80 3.50 -0.08
CA LYS B 27 -13.10 2.64 -1.19
C LYS B 27 -14.61 2.52 -1.37
N TYR B 28 -15.20 3.65 -1.74
CA TYR B 28 -16.64 3.78 -1.87
C TYR B 28 -16.93 4.71 -3.03
N GLY B 29 -17.73 4.25 -3.96
CA GLY B 29 -18.10 5.05 -5.11
C GLY B 29 -19.17 6.07 -4.77
N THR B 30 -18.81 7.04 -3.94
CA THR B 30 -19.74 8.05 -3.43
C THR B 30 -21.03 7.41 -2.93
N ASP B 31 -20.88 6.28 -2.23
CA ASP B 31 -22.02 5.53 -1.71
C ASP B 31 -22.73 6.34 -0.64
N HIS B 32 -21.95 6.87 0.29
CA HIS B 32 -22.47 7.77 1.31
C HIS B 32 -21.50 8.94 1.47
N PRO B 33 -21.92 10.03 2.15
CA PRO B 33 -21.08 11.22 2.31
C PRO B 33 -20.29 11.27 3.62
N VAL B 34 -20.31 10.19 4.40
CA VAL B 34 -19.66 10.20 5.70
C VAL B 34 -18.14 10.11 5.55
N GLU B 35 -17.68 9.42 4.52
CA GLU B 35 -16.25 9.31 4.23
C GLU B 35 -15.69 10.65 3.80
N LYS B 36 -16.57 11.55 3.35
CA LYS B 36 -16.17 12.88 2.95
C LYS B 36 -15.69 13.69 4.15
N LEU B 37 -16.44 13.67 5.25
CA LEU B 37 -15.99 14.40 6.43
C LEU B 37 -14.96 13.62 7.22
N LYS B 38 -14.76 12.34 6.88
CA LYS B 38 -13.63 11.59 7.39
C LYS B 38 -12.34 12.25 6.88
N ILE B 39 -12.37 12.60 5.60
CA ILE B 39 -11.27 13.31 4.96
C ILE B 39 -11.10 14.71 5.57
N ARG B 40 -12.22 15.33 5.91
CA ARG B 40 -12.22 16.64 6.55
C ARG B 40 -11.75 16.55 8.00
N SER B 41 -11.86 15.38 8.60
CA SER B 41 -11.42 15.18 9.98
C SER B 41 -9.94 14.78 10.02
N ALA B 42 -9.31 14.77 8.87
CA ALA B 42 -7.88 14.48 8.79
C ALA B 42 -7.09 15.77 8.74
N LYS B 43 -5.99 15.82 9.48
CA LYS B 43 -5.16 17.01 9.53
C LYS B 43 -3.83 16.74 8.82
N ALA B 44 -2.88 17.65 8.99
CA ALA B 44 -1.58 17.58 8.30
C ALA B 44 -0.77 16.33 8.71
N GLU B 45 -1.30 15.56 9.65
CA GLU B 45 -0.64 14.33 10.07
C GLU B 45 -0.88 13.20 9.08
N ASP B 46 -2.15 12.97 8.80
CA ASP B 46 -2.61 11.71 8.25
C ASP B 46 -2.46 11.64 6.74
N LYS B 47 -2.57 10.42 6.23
CA LYS B 47 -2.49 10.17 4.80
C LYS B 47 -3.78 9.49 4.34
N ILE B 48 -4.34 9.97 3.24
CA ILE B 48 -5.62 9.49 2.76
C ILE B 48 -5.48 8.88 1.38
N VAL B 49 -6.02 7.70 1.19
CA VAL B 49 -5.92 7.00 -0.09
C VAL B 49 -7.29 6.73 -0.69
N LEU B 50 -7.45 7.12 -1.95
CA LEU B 50 -8.65 6.80 -2.71
C LEU B 50 -8.39 5.54 -3.53
N ILE B 51 -9.05 4.46 -3.16
CA ILE B 51 -8.79 3.16 -3.76
C ILE B 51 -10.06 2.56 -4.38
N GLN B 52 -9.89 1.92 -5.53
CA GLN B 52 -10.98 1.28 -6.28
C GLN B 52 -12.07 2.29 -6.63
N ASN B 53 -13.22 2.17 -5.98
CA ASN B 53 -14.34 3.05 -6.24
C ASN B 53 -14.12 4.41 -5.57
N GLY B 54 -13.06 4.48 -4.77
CA GLY B 54 -12.67 5.72 -4.15
C GLY B 54 -12.22 6.76 -5.16
N VAL B 55 -11.91 6.31 -6.38
CA VAL B 55 -11.46 7.20 -7.44
C VAL B 55 -12.51 8.27 -7.77
N PHE B 56 -13.76 8.03 -7.39
CA PHE B 56 -14.82 9.01 -7.62
C PHE B 56 -14.61 10.25 -6.75
N TRP B 57 -13.87 10.08 -5.66
CA TRP B 57 -13.55 11.19 -4.79
C TRP B 57 -12.32 11.92 -5.33
N ALA B 58 -11.52 11.21 -6.12
CA ALA B 58 -10.34 11.79 -6.75
C ALA B 58 -10.74 12.76 -7.84
N LEU B 59 -12.02 12.68 -8.25
CA LEU B 59 -12.55 13.57 -9.27
C LEU B 59 -13.28 14.74 -8.61
N GLU B 60 -13.27 14.76 -7.28
CA GLU B 60 -13.95 15.80 -6.53
C GLU B 60 -12.93 16.76 -5.94
N GLU B 61 -13.38 17.90 -5.45
CA GLU B 61 -12.50 18.92 -4.89
C GLU B 61 -11.71 18.37 -3.71
N LEU B 62 -12.40 18.21 -2.58
CA LEU B 62 -11.81 17.66 -1.36
C LEU B 62 -10.50 18.36 -0.97
N GLU B 63 -10.63 19.54 -0.38
CA GLU B 63 -9.47 20.27 0.10
C GLU B 63 -9.16 19.85 1.54
N THR B 64 -8.07 19.13 1.71
CA THR B 64 -7.67 18.67 3.03
C THR B 64 -6.17 18.89 3.22
N PRO B 65 -5.76 19.30 4.43
CA PRO B 65 -4.34 19.47 4.78
C PRO B 65 -3.63 18.13 4.92
N ALA B 66 -4.40 17.06 4.92
CA ALA B 66 -3.85 15.71 4.98
C ALA B 66 -3.21 15.34 3.63
N LYS B 67 -2.35 14.35 3.64
CA LYS B 67 -1.68 13.93 2.42
C LYS B 67 -2.58 12.98 1.65
N VAL B 68 -3.21 13.48 0.60
CA VAL B 68 -4.19 12.72 -0.16
C VAL B 68 -3.56 12.13 -1.43
N TYR B 69 -3.73 10.83 -1.61
CA TYR B 69 -3.21 10.12 -2.76
C TYR B 69 -4.28 9.18 -3.31
N ALA B 70 -4.46 9.17 -4.62
CA ALA B 70 -5.40 8.26 -5.25
C ALA B 70 -4.66 7.22 -6.08
N ILE B 71 -5.12 5.98 -6.06
CA ILE B 71 -4.45 4.91 -6.77
C ILE B 71 -4.55 5.10 -8.28
N LYS B 72 -3.41 5.36 -8.90
CA LYS B 72 -3.32 5.68 -10.32
C LYS B 72 -3.52 4.43 -11.18
N ASP B 73 -2.92 3.33 -10.75
CA ASP B 73 -2.98 2.08 -11.50
C ASP B 73 -4.43 1.61 -11.64
N ASP B 74 -5.13 1.61 -10.52
CA ASP B 74 -6.54 1.23 -10.48
C ASP B 74 -7.38 2.26 -11.23
N PHE B 75 -7.05 3.54 -11.02
CA PHE B 75 -7.75 4.66 -11.66
C PHE B 75 -7.79 4.48 -13.18
N LEU B 76 -6.62 4.22 -13.77
CA LEU B 76 -6.52 4.06 -15.22
C LEU B 76 -7.17 2.76 -15.66
N ALA B 77 -7.21 1.79 -14.76
CA ALA B 77 -7.86 0.52 -15.04
C ALA B 77 -9.37 0.67 -15.07
N ARG B 78 -9.88 1.72 -14.45
CA ARG B 78 -11.32 1.98 -14.42
C ARG B 78 -11.74 2.75 -15.67
N GLY B 79 -10.77 3.11 -16.50
CA GLY B 79 -11.07 3.80 -17.74
C GLY B 79 -11.15 5.30 -17.58
N TYR B 80 -10.50 5.84 -16.55
CA TYR B 80 -10.51 7.27 -16.31
C TYR B 80 -9.17 7.89 -16.66
N SER B 81 -9.19 9.14 -17.11
CA SER B 81 -7.98 9.83 -17.53
C SER B 81 -7.38 10.65 -16.39
N GLU B 82 -6.05 10.71 -16.35
CA GLU B 82 -5.33 11.40 -15.27
C GLU B 82 -5.72 12.88 -15.18
N GLU B 83 -6.02 13.48 -16.33
CA GLU B 83 -6.37 14.89 -16.39
C GLU B 83 -7.64 15.19 -15.59
N ASP B 84 -8.49 14.18 -15.46
CA ASP B 84 -9.81 14.36 -14.83
C ASP B 84 -9.69 14.41 -13.31
N SER B 85 -8.56 13.94 -12.79
CA SER B 85 -8.33 13.92 -11.35
C SER B 85 -8.00 15.31 -10.80
N LYS B 86 -8.46 15.56 -9.58
CA LYS B 86 -8.14 16.81 -8.90
C LYS B 86 -6.99 16.58 -7.93
N VAL B 87 -6.94 15.37 -7.37
CA VAL B 87 -5.92 15.01 -6.40
C VAL B 87 -4.79 14.22 -7.06
N PRO B 88 -3.63 14.10 -6.38
CA PRO B 88 -2.47 13.37 -6.92
C PRO B 88 -2.72 11.87 -7.06
N LEU B 89 -2.10 11.27 -8.08
CA LEU B 89 -2.25 9.86 -8.36
C LEU B 89 -0.94 9.13 -8.10
N ILE B 90 -0.98 8.00 -7.42
CA ILE B 90 0.24 7.22 -7.17
C ILE B 90 0.06 5.78 -7.64
N THR B 91 1.17 5.12 -7.94
CA THR B 91 1.15 3.74 -8.38
C THR B 91 1.53 2.81 -7.23
N TYR B 92 1.43 1.51 -7.46
CA TYR B 92 1.77 0.51 -6.47
C TYR B 92 3.11 0.80 -5.79
N SER B 93 4.13 1.13 -6.58
CA SER B 93 5.45 1.46 -6.06
C SER B 93 5.37 2.64 -5.10
N GLU B 94 4.64 3.68 -5.52
CA GLU B 94 4.51 4.90 -4.74
C GLU B 94 3.72 4.66 -3.44
N PHE B 95 2.82 3.68 -3.48
CA PHE B 95 2.01 3.37 -2.32
C PHE B 95 2.89 2.82 -1.20
N ILE B 96 3.81 1.94 -1.57
CA ILE B 96 4.76 1.41 -0.59
C ILE B 96 5.65 2.52 -0.06
N ASP B 97 5.97 3.50 -0.91
CA ASP B 97 6.74 4.66 -0.46
C ASP B 97 5.97 5.45 0.59
N LEU B 98 4.65 5.50 0.46
CA LEU B 98 3.79 6.13 1.47
C LEU B 98 4.00 5.44 2.81
N LEU B 99 4.04 4.13 2.76
CA LEU B 99 4.06 3.30 3.96
C LEU B 99 5.46 3.19 4.55
N GLU B 100 6.48 3.49 3.75
CA GLU B 100 7.86 3.25 4.17
C GLU B 100 8.34 4.31 5.19
N GLY B 101 7.39 5.02 5.78
CA GLY B 101 7.71 5.98 6.80
C GLY B 101 7.25 7.38 6.44
N GLU B 102 8.09 8.37 6.70
CA GLU B 102 7.81 9.73 6.30
C GLU B 102 8.06 9.87 4.79
N GLU B 103 9.10 9.19 4.35
CA GLU B 103 9.42 9.04 2.94
C GLU B 103 10.24 7.77 2.79
N LYS B 104 11.11 7.55 3.77
CA LYS B 104 11.77 6.26 3.95
C LYS B 104 12.42 6.17 5.32
N PHE B 105 12.05 5.12 6.05
CA PHE B 105 12.67 4.84 7.34
C PHE B 105 13.26 3.42 7.35
N ILE B 106 12.72 2.55 6.51
CA ILE B 106 13.12 1.15 6.48
C ILE B 106 14.52 1.00 5.88
N GLY B 107 14.70 1.54 4.69
CA GLY B 107 15.96 1.38 3.98
C GLY B 107 16.76 2.67 3.96
N MET A 21 10.88 -5.97 12.52
CA MET A 21 10.85 -5.01 13.64
C MET A 21 9.41 -4.62 13.99
N ALA A 22 8.78 -3.83 13.12
CA ALA A 22 7.39 -3.41 13.31
C ALA A 22 6.71 -3.22 11.96
N LEU A 23 7.17 -2.23 11.22
CA LEU A 23 6.79 -2.06 9.82
C LEU A 23 8.02 -2.26 8.97
N VAL A 24 8.17 -3.43 8.38
CA VAL A 24 9.38 -3.75 7.64
C VAL A 24 9.09 -3.92 6.15
N LEU A 25 9.66 -3.03 5.36
CA LEU A 25 9.48 -3.05 3.92
C LEU A 25 10.79 -3.42 3.25
N VAL A 26 10.73 -4.30 2.27
CA VAL A 26 11.89 -4.63 1.46
C VAL A 26 11.63 -4.27 0.01
N LYS A 27 12.44 -3.37 -0.52
CA LYS A 27 12.29 -2.96 -1.90
C LYS A 27 13.63 -3.05 -2.64
N TYR A 28 14.18 -4.27 -2.63
CA TYR A 28 15.46 -4.58 -3.27
C TYR A 28 15.61 -6.08 -3.36
N GLY A 29 16.55 -6.53 -4.15
CA GLY A 29 16.71 -7.94 -4.36
C GLY A 29 18.05 -8.44 -3.90
N THR A 30 18.64 -9.31 -4.70
CA THR A 30 19.89 -9.96 -4.35
C THR A 30 21.07 -9.01 -4.42
N ASP A 31 20.83 -7.80 -4.91
CA ASP A 31 21.86 -6.76 -4.95
C ASP A 31 22.03 -6.16 -3.56
N HIS A 32 21.06 -6.41 -2.69
CA HIS A 32 21.08 -5.93 -1.33
C HIS A 32 20.99 -7.10 -0.35
N PRO A 33 22.12 -7.68 0.05
CA PRO A 33 22.14 -8.79 1.01
C PRO A 33 21.63 -8.37 2.38
N VAL A 34 21.70 -7.07 2.65
CA VAL A 34 21.26 -6.51 3.91
C VAL A 34 19.74 -6.69 4.11
N GLU A 35 19.00 -6.81 3.00
CA GLU A 35 17.57 -7.00 3.07
C GLU A 35 17.24 -8.30 3.80
N LYS A 36 18.10 -9.30 3.62
CA LYS A 36 17.88 -10.62 4.16
C LYS A 36 17.87 -10.60 5.69
N LEU A 37 18.90 -10.04 6.30
CA LEU A 37 18.98 -10.04 7.76
C LEU A 37 18.02 -9.03 8.39
N LYS A 38 17.52 -8.09 7.59
CA LYS A 38 16.45 -7.21 8.06
C LYS A 38 15.15 -8.01 8.18
N ILE A 39 14.93 -8.91 7.24
CA ILE A 39 13.79 -9.83 7.30
C ILE A 39 13.94 -10.79 8.47
N ARG A 40 15.19 -11.14 8.79
CA ARG A 40 15.47 -12.00 9.92
C ARG A 40 15.22 -11.26 11.23
N SER A 41 15.36 -9.94 11.20
CA SER A 41 15.13 -9.12 12.37
C SER A 41 13.65 -8.76 12.47
N ALA A 42 12.85 -9.76 12.79
CA ALA A 42 11.41 -9.60 12.79
C ALA A 42 10.78 -10.19 14.04
N LYS A 43 9.55 -9.78 14.31
CA LYS A 43 8.82 -10.26 15.48
C LYS A 43 7.46 -10.75 15.06
N ALA A 44 6.74 -11.38 15.97
CA ALA A 44 5.38 -11.85 15.69
C ALA A 44 4.45 -10.66 15.43
N GLU A 45 4.83 -9.50 15.95
CA GLU A 45 4.06 -8.26 15.78
C GLU A 45 4.37 -7.61 14.44
N ASP A 46 5.48 -8.03 13.85
CA ASP A 46 6.07 -7.35 12.70
C ASP A 46 5.43 -7.78 11.39
N LYS A 47 5.40 -6.87 10.43
CA LYS A 47 4.90 -7.15 9.11
C LYS A 47 6.01 -6.87 8.10
N ILE A 48 6.23 -7.79 7.17
CA ILE A 48 7.28 -7.65 6.18
C ILE A 48 6.70 -7.68 4.78
N VAL A 49 6.98 -6.66 3.99
CA VAL A 49 6.43 -6.57 2.65
C VAL A 49 7.52 -6.58 1.58
N LEU A 50 7.34 -7.45 0.59
CA LEU A 50 8.26 -7.52 -0.55
C LEU A 50 7.67 -6.74 -1.72
N ILE A 51 8.42 -5.76 -2.22
CA ILE A 51 7.98 -4.92 -3.32
C ILE A 51 9.13 -4.63 -4.28
N GLN A 52 8.82 -4.61 -5.58
CA GLN A 52 9.79 -4.35 -6.65
C GLN A 52 10.78 -5.51 -6.78
N ASN A 53 12.05 -5.23 -6.55
CA ASN A 53 13.08 -6.27 -6.67
C ASN A 53 12.95 -7.27 -5.52
N GLY A 54 12.14 -6.89 -4.53
CA GLY A 54 11.91 -7.75 -3.39
C GLY A 54 11.17 -9.03 -3.73
N VAL A 55 10.54 -9.06 -4.91
CA VAL A 55 9.79 -10.24 -5.34
C VAL A 55 10.68 -11.47 -5.48
N PHE A 56 11.98 -11.24 -5.63
CA PHE A 56 12.94 -12.34 -5.73
C PHE A 56 13.08 -13.05 -4.39
N TRP A 57 12.84 -12.30 -3.31
CA TRP A 57 12.87 -12.88 -1.97
C TRP A 57 11.62 -13.70 -1.72
N ALA A 58 10.57 -13.40 -2.49
CA ALA A 58 9.29 -14.09 -2.36
C ALA A 58 9.39 -15.51 -2.93
N LEU A 59 10.49 -15.77 -3.62
CA LEU A 59 10.75 -17.07 -4.21
C LEU A 59 11.92 -17.75 -3.50
N GLU A 60 12.34 -17.17 -2.37
CA GLU A 60 13.48 -17.69 -1.64
C GLU A 60 13.01 -18.50 -0.42
N GLU A 61 13.95 -19.07 0.31
CA GLU A 61 13.66 -19.99 1.41
C GLU A 61 13.16 -19.24 2.65
N LEU A 62 13.59 -17.98 2.78
CA LEU A 62 13.35 -17.18 3.98
C LEU A 62 11.96 -17.35 4.57
N GLU A 63 11.92 -17.83 5.81
CA GLU A 63 10.70 -17.90 6.58
C GLU A 63 10.91 -17.19 7.91
N THR A 64 9.92 -16.41 8.33
CA THR A 64 10.04 -15.59 9.51
C THR A 64 8.75 -15.67 10.34
N PRO A 65 8.87 -15.57 11.69
CA PRO A 65 7.71 -15.53 12.58
C PRO A 65 6.79 -14.34 12.30
N ALA A 66 7.36 -13.33 11.65
CA ALA A 66 6.59 -12.16 11.25
C ALA A 66 5.71 -12.50 10.05
N LYS A 67 4.62 -11.79 9.92
CA LYS A 67 3.69 -12.05 8.83
C LYS A 67 4.16 -11.34 7.57
N VAL A 68 4.71 -12.12 6.66
CA VAL A 68 5.34 -11.60 5.46
C VAL A 68 4.37 -11.66 4.28
N TYR A 69 4.27 -10.55 3.56
CA TYR A 69 3.40 -10.45 2.41
C TYR A 69 4.18 -9.87 1.23
N ALA A 70 3.90 -10.35 0.04
CA ALA A 70 4.52 -9.80 -1.17
C ALA A 70 3.48 -9.13 -2.05
N ILE A 71 3.82 -7.97 -2.61
CA ILE A 71 2.90 -7.22 -3.45
C ILE A 71 2.48 -8.07 -4.66
N LYS A 72 1.22 -8.44 -4.69
CA LYS A 72 0.71 -9.33 -5.73
C LYS A 72 0.54 -8.60 -7.04
N ASP A 73 0.14 -7.34 -6.97
CA ASP A 73 -0.06 -6.52 -8.16
C ASP A 73 1.22 -6.41 -8.98
N ASP A 74 2.31 -6.08 -8.29
CA ASP A 74 3.63 -5.95 -8.93
C ASP A 74 4.13 -7.32 -9.38
N PHE A 75 3.84 -8.33 -8.58
CA PHE A 75 4.30 -9.69 -8.83
C PHE A 75 3.68 -10.22 -10.12
N LEU A 76 2.37 -10.05 -10.22
CA LEU A 76 1.62 -10.58 -11.34
C LEU A 76 1.84 -9.78 -12.61
N ALA A 77 1.82 -8.45 -12.49
CA ALA A 77 1.93 -7.57 -13.64
C ALA A 77 3.28 -7.70 -14.32
N ARG A 78 4.29 -8.10 -13.55
CA ARG A 78 5.64 -8.24 -14.08
C ARG A 78 5.90 -9.65 -14.61
N GLY A 79 4.86 -10.48 -14.61
CA GLY A 79 4.95 -11.78 -15.26
C GLY A 79 5.38 -12.91 -14.34
N TYR A 80 4.92 -12.88 -13.10
CA TYR A 80 5.17 -13.97 -12.17
C TYR A 80 3.89 -14.78 -11.95
N SER A 81 4.04 -15.99 -11.41
CA SER A 81 2.92 -16.89 -11.22
C SER A 81 2.54 -17.00 -9.74
N GLU A 82 1.23 -16.97 -9.46
CA GLU A 82 0.72 -17.08 -8.09
C GLU A 82 1.09 -18.43 -7.47
N GLU A 83 1.17 -19.44 -8.33
CA GLU A 83 1.44 -20.81 -7.91
C GLU A 83 2.88 -20.96 -7.46
N ASP A 84 3.76 -20.14 -8.02
CA ASP A 84 5.20 -20.31 -7.82
C ASP A 84 5.68 -19.63 -6.53
N SER A 85 4.81 -18.85 -5.91
CA SER A 85 5.16 -18.10 -4.72
C SER A 85 5.31 -19.00 -3.49
N LYS A 86 6.39 -18.79 -2.75
CA LYS A 86 6.61 -19.49 -1.49
C LYS A 86 6.03 -18.68 -0.34
N VAL A 87 5.73 -17.40 -0.62
CA VAL A 87 5.17 -16.50 0.38
C VAL A 87 3.79 -16.01 -0.06
N PRO A 88 2.99 -15.46 0.88
CA PRO A 88 1.66 -14.93 0.58
C PRO A 88 1.70 -13.65 -0.26
N LEU A 89 0.78 -13.54 -1.21
CA LEU A 89 0.70 -12.37 -2.07
C LEU A 89 -0.54 -11.55 -1.73
N ILE A 90 -0.38 -10.24 -1.60
CA ILE A 90 -1.53 -9.39 -1.32
C ILE A 90 -1.70 -8.32 -2.40
N THR A 91 -2.94 -8.00 -2.71
CA THR A 91 -3.26 -7.00 -3.70
C THR A 91 -3.62 -5.69 -3.01
N TYR A 92 -3.83 -4.64 -3.80
CA TYR A 92 -4.25 -3.34 -3.27
C TYR A 92 -5.30 -3.49 -2.16
N SER A 93 -6.34 -4.29 -2.42
CA SER A 93 -7.41 -4.49 -1.45
C SER A 93 -6.87 -5.00 -0.11
N GLU A 94 -5.95 -5.95 -0.16
CA GLU A 94 -5.38 -6.54 1.04
C GLU A 94 -4.37 -5.60 1.68
N PHE A 95 -3.49 -5.03 0.85
CA PHE A 95 -2.44 -4.16 1.33
C PHE A 95 -3.02 -2.89 1.96
N ILE A 96 -4.07 -2.36 1.35
CA ILE A 96 -4.77 -1.20 1.89
C ILE A 96 -5.39 -1.53 3.24
N ASP A 97 -6.11 -2.63 3.31
CA ASP A 97 -6.83 -3.00 4.53
C ASP A 97 -5.84 -3.37 5.63
N LEU A 98 -4.71 -3.94 5.23
CA LEU A 98 -3.58 -4.20 6.13
C LEU A 98 -3.18 -2.92 6.86
N LEU A 99 -2.91 -1.89 6.08
CA LEU A 99 -2.41 -0.63 6.59
C LEU A 99 -3.40 0.01 7.57
N GLU A 100 -4.68 -0.25 7.36
CA GLU A 100 -5.71 0.21 8.28
C GLU A 100 -5.68 -0.58 9.60
N GLY A 101 -4.89 -1.65 9.61
CA GLY A 101 -4.68 -2.41 10.83
C GLY A 101 -5.79 -3.38 11.12
N GLU A 102 -6.62 -3.67 10.12
CA GLU A 102 -7.77 -4.60 10.25
C GLU A 102 -8.88 -4.00 11.11
N GLU A 103 -8.51 -3.35 12.21
CA GLU A 103 -9.46 -2.68 13.09
C GLU A 103 -10.23 -1.61 12.32
N LYS A 104 -9.52 -0.97 11.39
CA LYS A 104 -10.08 0.00 10.43
C LYS A 104 -11.05 1.02 11.05
N PHE A 105 -10.53 2.21 11.27
CA PHE A 105 -11.33 3.33 11.74
C PHE A 105 -12.17 3.88 10.60
N ILE A 106 -11.75 3.57 9.36
CA ILE A 106 -12.46 4.01 8.18
C ILE A 106 -13.88 3.43 8.13
N GLY A 107 -14.02 2.17 8.52
CA GLY A 107 -15.32 1.54 8.54
C GLY A 107 -15.45 0.50 7.46
N MET B 21 -0.99 11.14 13.63
CA MET B 21 -0.71 10.83 12.20
C MET B 21 -1.28 9.47 11.84
N ALA B 22 -2.35 9.46 11.07
CA ALA B 22 -2.99 8.21 10.65
C ALA B 22 -3.25 8.23 9.15
N LEU B 23 -3.86 7.18 8.65
CA LEU B 23 -4.20 7.10 7.24
C LEU B 23 -5.69 6.84 7.06
N VAL B 24 -6.30 7.58 6.17
CA VAL B 24 -7.73 7.42 5.89
C VAL B 24 -7.89 6.81 4.51
N LEU B 25 -8.46 5.62 4.47
CA LEU B 25 -8.65 4.90 3.23
C LEU B 25 -10.12 4.82 2.86
N VAL B 26 -10.44 5.08 1.61
CA VAL B 26 -11.82 4.96 1.14
C VAL B 26 -11.92 3.83 0.11
N LYS B 27 -12.72 2.83 0.43
CA LYS B 27 -12.88 1.66 -0.43
C LYS B 27 -14.34 1.21 -0.49
N TYR B 28 -15.19 2.08 -1.01
CA TYR B 28 -16.62 1.79 -1.15
C TYR B 28 -17.18 2.43 -2.41
N GLY B 29 -16.98 3.73 -2.52
CA GLY B 29 -17.45 4.43 -3.70
C GLY B 29 -18.71 5.22 -3.43
N THR B 30 -18.52 6.40 -2.83
CA THR B 30 -19.60 7.36 -2.56
C THR B 30 -20.72 6.76 -1.70
N ASP B 31 -20.45 5.62 -1.08
CA ASP B 31 -21.41 4.97 -0.19
C ASP B 31 -21.45 5.64 1.17
N HIS B 32 -20.37 5.49 1.94
CA HIS B 32 -20.28 6.08 3.28
C HIS B 32 -20.23 7.60 3.20
N PRO B 33 -21.29 8.28 3.67
CA PRO B 33 -21.38 9.73 3.66
C PRO B 33 -20.50 10.35 4.75
N VAL B 34 -20.18 9.56 5.76
CA VAL B 34 -19.36 10.01 6.88
C VAL B 34 -17.92 10.28 6.41
N GLU B 35 -17.50 9.58 5.35
CA GLU B 35 -16.16 9.77 4.81
C GLU B 35 -15.98 11.20 4.31
N LYS B 36 -17.08 11.82 3.93
CA LYS B 36 -17.08 13.18 3.42
C LYS B 36 -16.40 14.12 4.42
N LEU B 37 -16.96 14.20 5.62
CA LEU B 37 -16.45 15.13 6.63
C LEU B 37 -15.18 14.59 7.29
N LYS B 38 -14.92 13.30 7.14
CA LYS B 38 -13.67 12.71 7.64
C LYS B 38 -12.48 13.21 6.83
N ILE B 39 -12.65 13.25 5.51
CA ILE B 39 -11.60 13.74 4.63
C ILE B 39 -11.51 15.27 4.69
N ARG B 40 -12.65 15.92 4.85
CA ARG B 40 -12.70 17.38 4.92
C ARG B 40 -11.87 17.93 6.09
N SER B 41 -11.99 17.30 7.25
CA SER B 41 -11.30 17.77 8.44
C SER B 41 -10.24 16.79 8.88
N ALA B 42 -9.12 16.79 8.18
CA ALA B 42 -7.97 16.00 8.55
C ALA B 42 -6.78 16.92 8.76
N LYS B 43 -5.68 16.40 9.27
CA LYS B 43 -4.50 17.21 9.48
C LYS B 43 -3.45 16.86 8.43
N ALA B 44 -2.51 17.77 8.20
CA ALA B 44 -1.45 17.55 7.22
C ALA B 44 -0.61 16.33 7.56
N GLU B 45 -0.81 15.79 8.76
CA GLU B 45 -0.11 14.62 9.21
C GLU B 45 -0.77 13.35 8.68
N ASP B 46 -2.07 13.42 8.40
CA ASP B 46 -2.82 12.25 7.94
C ASP B 46 -2.70 12.12 6.44
N LYS B 47 -2.87 10.89 5.95
CA LYS B 47 -2.82 10.64 4.52
C LYS B 47 -4.04 9.85 4.08
N ILE B 48 -4.67 10.30 3.00
CA ILE B 48 -5.89 9.68 2.49
C ILE B 48 -5.61 9.06 1.14
N VAL B 49 -5.94 7.79 0.98
CA VAL B 49 -5.73 7.13 -0.29
C VAL B 49 -7.04 6.55 -0.83
N LEU B 50 -7.34 6.88 -2.08
CA LEU B 50 -8.53 6.38 -2.75
C LEU B 50 -8.21 5.09 -3.51
N ILE B 51 -8.94 4.03 -3.19
CA ILE B 51 -8.74 2.73 -3.81
C ILE B 51 -10.08 2.12 -4.22
N GLN B 52 -10.08 1.32 -5.28
CA GLN B 52 -11.29 0.66 -5.77
C GLN B 52 -12.29 1.71 -6.26
N ASN B 53 -13.53 1.61 -5.79
CA ASN B 53 -14.56 2.58 -6.14
C ASN B 53 -14.29 3.92 -5.46
N GLY B 54 -13.28 3.94 -4.60
CA GLY B 54 -12.90 5.17 -3.92
C GLY B 54 -12.34 6.20 -4.87
N VAL B 55 -11.91 5.75 -6.05
CA VAL B 55 -11.33 6.65 -7.06
C VAL B 55 -12.33 7.73 -7.49
N PHE B 56 -13.62 7.50 -7.24
CA PHE B 56 -14.64 8.47 -7.57
C PHE B 56 -14.50 9.73 -6.71
N TRP B 57 -13.91 9.58 -5.52
CA TRP B 57 -13.66 10.71 -4.64
C TRP B 57 -12.54 11.58 -5.22
N ALA B 58 -11.65 10.94 -5.96
CA ALA B 58 -10.55 11.65 -6.61
C ALA B 58 -11.07 12.49 -7.77
N LEU B 59 -12.26 12.17 -8.23
CA LEU B 59 -12.90 12.91 -9.30
C LEU B 59 -13.80 14.01 -8.75
N GLU B 60 -14.07 13.94 -7.45
CA GLU B 60 -14.87 14.95 -6.78
C GLU B 60 -14.08 16.26 -6.64
N GLU B 61 -13.31 16.35 -5.57
CA GLU B 61 -12.49 17.52 -5.28
C GLU B 61 -11.78 17.31 -3.95
N LEU B 62 -12.55 17.44 -2.87
CA LEU B 62 -12.07 17.20 -1.51
C LEU B 62 -10.95 18.15 -1.12
N GLU B 63 -11.31 19.26 -0.52
CA GLU B 63 -10.31 20.21 -0.03
C GLU B 63 -9.89 19.80 1.37
N THR B 64 -8.75 19.13 1.45
CA THR B 64 -8.25 18.64 2.72
C THR B 64 -6.82 19.16 2.96
N PRO B 65 -6.49 19.47 4.22
CA PRO B 65 -5.14 19.87 4.61
C PRO B 65 -4.19 18.69 4.63
N ALA B 66 -4.76 17.48 4.60
CA ALA B 66 -3.98 16.27 4.69
C ALA B 66 -3.41 15.87 3.33
N LYS B 67 -2.59 14.83 3.33
CA LYS B 67 -1.96 14.37 2.10
C LYS B 67 -2.86 13.35 1.40
N VAL B 68 -3.50 13.78 0.33
CA VAL B 68 -4.43 12.92 -0.39
C VAL B 68 -3.76 12.30 -1.63
N TYR B 69 -4.00 11.01 -1.83
CA TYR B 69 -3.42 10.26 -2.92
C TYR B 69 -4.45 9.30 -3.51
N ALA B 70 -4.30 8.96 -4.78
CA ALA B 70 -5.17 7.98 -5.40
C ALA B 70 -4.33 6.97 -6.17
N ILE B 71 -4.80 5.72 -6.23
CA ILE B 71 -4.01 4.64 -6.81
C ILE B 71 -3.97 4.73 -8.34
N LYS B 72 -2.74 4.82 -8.85
CA LYS B 72 -2.45 5.00 -10.28
C LYS B 72 -3.08 3.90 -11.13
N ASP B 73 -2.53 2.69 -11.01
CA ASP B 73 -2.91 1.57 -11.88
C ASP B 73 -4.38 1.23 -11.75
N ASP B 74 -4.89 1.24 -10.52
CA ASP B 74 -6.29 0.93 -10.24
C ASP B 74 -7.19 1.94 -10.96
N PHE B 75 -6.88 3.22 -10.80
CA PHE B 75 -7.65 4.29 -11.45
C PHE B 75 -7.58 4.19 -12.97
N LEU B 76 -6.36 4.08 -13.49
CA LEU B 76 -6.13 4.07 -14.94
C LEU B 76 -6.72 2.82 -15.59
N ALA B 77 -6.97 1.80 -14.79
CA ALA B 77 -7.54 0.55 -15.29
C ALA B 77 -8.96 0.75 -15.81
N ARG B 78 -9.58 1.86 -15.43
CA ARG B 78 -10.94 2.16 -15.88
C ARG B 78 -10.92 3.05 -17.13
N GLY B 79 -9.73 3.30 -17.66
CA GLY B 79 -9.60 4.04 -18.90
C GLY B 79 -9.80 5.53 -18.74
N TYR B 80 -9.41 6.07 -17.59
CA TYR B 80 -9.51 7.50 -17.34
C TYR B 80 -8.13 8.14 -17.40
N SER B 81 -8.10 9.46 -17.43
CA SER B 81 -6.85 10.20 -17.51
C SER B 81 -6.48 10.83 -16.17
N GLU B 82 -5.18 10.89 -15.91
CA GLU B 82 -4.65 11.41 -14.64
C GLU B 82 -5.08 12.85 -14.40
N GLU B 83 -5.05 13.66 -15.45
CA GLU B 83 -5.40 15.07 -15.36
C GLU B 83 -6.81 15.30 -14.80
N ASP B 84 -7.69 14.32 -14.99
CA ASP B 84 -9.08 14.46 -14.59
C ASP B 84 -9.24 14.36 -13.09
N SER B 85 -8.27 13.75 -12.43
CA SER B 85 -8.30 13.63 -10.97
C SER B 85 -7.87 14.94 -10.33
N LYS B 86 -8.57 15.32 -9.27
CA LYS B 86 -8.24 16.53 -8.54
C LYS B 86 -7.17 16.25 -7.49
N VAL B 87 -6.77 14.98 -7.39
CA VAL B 87 -5.74 14.58 -6.45
C VAL B 87 -4.62 13.85 -7.18
N PRO B 88 -3.38 13.88 -6.64
CA PRO B 88 -2.23 13.20 -7.26
C PRO B 88 -2.37 11.69 -7.28
N LEU B 89 -1.94 11.08 -8.38
CA LEU B 89 -2.01 9.63 -8.54
C LEU B 89 -0.66 9.00 -8.19
N ILE B 90 -0.71 7.93 -7.40
CA ILE B 90 0.49 7.21 -6.99
C ILE B 90 0.36 5.73 -7.32
N THR B 91 1.48 5.08 -7.56
CA THR B 91 1.46 3.68 -7.96
C THR B 91 1.79 2.79 -6.76
N TYR B 92 1.65 1.47 -6.95
CA TYR B 92 1.90 0.48 -5.89
C TYR B 92 3.14 0.81 -5.08
N SER B 93 4.25 1.05 -5.74
CA SER B 93 5.52 1.32 -5.07
C SER B 93 5.42 2.55 -4.17
N GLU B 94 4.74 3.58 -4.64
CA GLU B 94 4.58 4.81 -3.87
C GLU B 94 3.68 4.59 -2.65
N PHE B 95 2.83 3.55 -2.69
CA PHE B 95 1.99 3.24 -1.55
C PHE B 95 2.85 2.66 -0.44
N ILE B 96 3.81 1.83 -0.81
CA ILE B 96 4.78 1.32 0.15
C ILE B 96 5.51 2.50 0.81
N ASP B 97 5.84 3.49 0.00
CA ASP B 97 6.58 4.66 0.47
C ASP B 97 5.75 5.56 1.40
N LEU B 98 4.46 5.76 1.09
CA LEU B 98 3.67 6.68 1.91
C LEU B 98 3.45 6.11 3.30
N LEU B 99 3.29 4.80 3.40
CA LEU B 99 3.04 4.18 4.69
C LEU B 99 4.34 4.00 5.46
N GLU B 100 5.45 4.00 4.75
CA GLU B 100 6.75 3.94 5.37
C GLU B 100 6.98 5.19 6.20
N GLY B 101 6.55 6.32 5.66
CA GLY B 101 6.63 7.56 6.40
C GLY B 101 6.99 8.74 5.53
N GLU B 102 8.16 9.33 5.81
CA GLU B 102 8.63 10.49 5.07
C GLU B 102 9.27 10.09 3.75
N GLU B 103 10.17 9.11 3.80
CA GLU B 103 10.89 8.65 2.63
C GLU B 103 11.47 7.27 2.88
N LYS B 104 12.33 7.18 3.89
CA LYS B 104 12.83 5.90 4.34
C LYS B 104 12.69 5.78 5.85
N PHE B 105 11.98 4.74 6.27
CA PHE B 105 11.81 4.47 7.69
C PHE B 105 12.17 3.01 7.99
N ILE B 106 12.50 2.27 6.92
CA ILE B 106 12.91 0.88 7.04
C ILE B 106 14.11 0.76 7.98
N GLY B 107 14.99 1.73 7.90
CA GLY B 107 16.18 1.75 8.74
C GLY B 107 17.08 2.90 8.34
N MET A 21 8.29 -3.37 15.41
CA MET A 21 8.52 -2.38 14.32
C MET A 21 7.25 -2.11 13.56
N ALA A 22 6.37 -3.13 13.49
CA ALA A 22 5.07 -3.01 12.87
C ALA A 22 5.18 -3.03 11.34
N LEU A 23 5.62 -1.93 10.76
CA LEU A 23 5.72 -1.82 9.31
C LEU A 23 7.16 -2.02 8.86
N VAL A 24 7.40 -3.10 8.13
CA VAL A 24 8.71 -3.35 7.54
C VAL A 24 8.57 -3.46 6.02
N LEU A 25 9.20 -2.56 5.31
CA LEU A 25 9.13 -2.54 3.86
C LEU A 25 10.45 -2.97 3.26
N VAL A 26 10.37 -3.83 2.25
CA VAL A 26 11.56 -4.24 1.53
C VAL A 26 11.34 -4.06 0.03
N LYS A 27 12.15 -3.20 -0.58
CA LYS A 27 12.13 -3.08 -2.02
C LYS A 27 13.53 -3.20 -2.58
N TYR A 28 14.11 -4.36 -2.30
CA TYR A 28 15.41 -4.79 -2.79
C TYR A 28 15.51 -6.28 -2.52
N GLY A 29 16.14 -7.02 -3.40
CA GLY A 29 16.11 -8.46 -3.28
C GLY A 29 17.44 -9.04 -2.91
N THR A 30 17.79 -10.11 -3.59
CA THR A 30 19.05 -10.82 -3.36
C THR A 30 20.24 -9.95 -3.77
N ASP A 31 19.93 -8.85 -4.43
CA ASP A 31 20.94 -7.86 -4.81
C ASP A 31 21.41 -7.08 -3.59
N HIS A 32 20.68 -7.24 -2.48
CA HIS A 32 20.99 -6.56 -1.24
C HIS A 32 21.07 -7.54 -0.08
N PRO A 33 22.17 -7.52 0.68
CA PRO A 33 22.39 -8.44 1.79
C PRO A 33 21.75 -7.98 3.10
N VAL A 34 21.56 -6.68 3.26
CA VAL A 34 21.04 -6.13 4.51
C VAL A 34 19.56 -6.49 4.70
N GLU A 35 18.84 -6.66 3.60
CA GLU A 35 17.46 -7.10 3.63
C GLU A 35 17.34 -8.47 4.32
N LYS A 36 18.37 -9.29 4.16
CA LYS A 36 18.37 -10.64 4.73
C LYS A 36 18.15 -10.61 6.23
N LEU A 37 18.97 -9.85 6.96
CA LEU A 37 18.88 -9.82 8.41
C LEU A 37 17.71 -8.95 8.88
N LYS A 38 17.22 -8.07 8.03
CA LYS A 38 16.03 -7.29 8.36
C LYS A 38 14.79 -8.20 8.38
N ILE A 39 14.77 -9.16 7.46
CA ILE A 39 13.70 -10.16 7.43
C ILE A 39 13.85 -11.13 8.60
N ARG A 40 15.10 -11.40 8.96
CA ARG A 40 15.41 -12.27 10.10
C ARG A 40 14.99 -11.65 11.42
N SER A 41 15.19 -10.34 11.54
CA SER A 41 14.96 -9.63 12.80
C SER A 41 13.49 -9.24 12.97
N ALA A 42 12.67 -9.60 12.01
CA ALA A 42 11.24 -9.29 12.07
C ALA A 42 10.51 -10.31 12.95
N LYS A 43 9.57 -9.82 13.74
CA LYS A 43 8.81 -10.67 14.65
C LYS A 43 7.39 -10.86 14.14
N ALA A 44 6.64 -11.74 14.79
CA ALA A 44 5.24 -11.99 14.42
C ALA A 44 4.41 -10.71 14.50
N GLU A 45 4.90 -9.76 15.31
CA GLU A 45 4.26 -8.46 15.46
C GLU A 45 4.32 -7.68 14.15
N ASP A 46 5.40 -7.86 13.42
CA ASP A 46 5.73 -7.02 12.29
C ASP A 46 5.13 -7.53 10.99
N LYS A 47 5.07 -6.65 10.01
CA LYS A 47 4.63 -7.02 8.67
C LYS A 47 5.74 -6.71 7.68
N ILE A 48 6.02 -7.65 6.80
CA ILE A 48 7.07 -7.49 5.81
C ILE A 48 6.46 -7.38 4.42
N VAL A 49 6.69 -6.26 3.77
CA VAL A 49 6.17 -6.03 2.43
C VAL A 49 7.28 -6.16 1.39
N LEU A 50 7.11 -7.07 0.46
CA LEU A 50 8.06 -7.26 -0.62
C LEU A 50 7.57 -6.55 -1.87
N ILE A 51 8.31 -5.55 -2.30
CA ILE A 51 7.93 -4.71 -3.42
C ILE A 51 9.14 -4.46 -4.34
N GLN A 52 8.88 -4.44 -5.65
CA GLN A 52 9.92 -4.23 -6.67
C GLN A 52 10.94 -5.37 -6.64
N ASN A 53 12.16 -5.07 -6.21
CA ASN A 53 13.19 -6.10 -6.12
C ASN A 53 12.88 -7.05 -4.97
N GLY A 54 11.98 -6.64 -4.09
CA GLY A 54 11.61 -7.45 -2.96
C GLY A 54 10.88 -8.71 -3.35
N VAL A 55 10.34 -8.75 -4.57
CA VAL A 55 9.58 -9.91 -5.03
C VAL A 55 10.46 -11.15 -5.12
N PHE A 56 11.77 -10.96 -5.14
CA PHE A 56 12.70 -12.07 -5.18
C PHE A 56 12.73 -12.82 -3.85
N TRP A 57 12.34 -12.13 -2.78
CA TRP A 57 12.23 -12.76 -1.47
C TRP A 57 10.99 -13.64 -1.41
N ALA A 58 10.03 -13.33 -2.26
CA ALA A 58 8.81 -14.13 -2.35
C ALA A 58 9.12 -15.47 -3.00
N LEU A 59 10.32 -15.54 -3.57
CA LEU A 59 10.78 -16.75 -4.23
C LEU A 59 11.87 -17.42 -3.40
N GLU A 60 12.01 -16.99 -2.16
CA GLU A 60 12.99 -17.58 -1.25
C GLU A 60 12.28 -18.19 -0.05
N GLU A 61 12.92 -19.18 0.55
CA GLU A 61 12.38 -19.86 1.72
C GLU A 61 12.26 -18.89 2.89
N LEU A 62 13.42 -18.48 3.42
CA LEU A 62 13.53 -17.54 4.56
C LEU A 62 12.61 -17.86 5.74
N GLU A 63 13.22 -18.25 6.85
CA GLU A 63 12.47 -18.56 8.07
C GLU A 63 12.22 -17.29 8.87
N THR A 64 11.11 -16.63 8.60
CA THR A 64 10.72 -15.45 9.34
C THR A 64 9.41 -15.70 10.07
N PRO A 65 9.33 -15.31 11.35
CA PRO A 65 8.12 -15.46 12.14
C PRO A 65 7.15 -14.32 11.91
N ALA A 66 7.55 -13.36 11.10
CA ALA A 66 6.74 -12.19 10.79
C ALA A 66 5.68 -12.52 9.76
N LYS A 67 4.88 -11.53 9.41
CA LYS A 67 3.90 -11.69 8.35
C LYS A 67 4.48 -11.19 7.04
N VAL A 68 4.90 -12.13 6.20
CA VAL A 68 5.58 -11.80 4.96
C VAL A 68 4.61 -11.82 3.77
N TYR A 69 4.46 -10.68 3.11
CA TYR A 69 3.56 -10.57 1.97
C TYR A 69 4.22 -9.74 0.86
N ALA A 70 4.08 -10.20 -0.37
CA ALA A 70 4.63 -9.48 -1.51
C ALA A 70 3.52 -8.90 -2.37
N ILE A 71 3.80 -7.77 -3.01
CA ILE A 71 2.79 -7.10 -3.84
C ILE A 71 2.44 -7.96 -5.05
N LYS A 72 1.20 -8.42 -5.09
CA LYS A 72 0.72 -9.29 -6.16
C LYS A 72 0.76 -8.57 -7.50
N ASP A 73 0.18 -7.37 -7.54
CA ASP A 73 0.15 -6.56 -8.75
C ASP A 73 1.56 -6.33 -9.28
N ASP A 74 2.47 -6.03 -8.37
CA ASP A 74 3.85 -5.71 -8.70
C ASP A 74 4.61 -6.96 -9.15
N PHE A 75 4.34 -8.08 -8.50
CA PHE A 75 4.99 -9.35 -8.81
C PHE A 75 4.52 -9.86 -10.16
N LEU A 76 3.21 -9.81 -10.36
CA LEU A 76 2.59 -10.28 -11.60
C LEU A 76 2.95 -9.38 -12.77
N ALA A 77 3.34 -8.15 -12.45
CA ALA A 77 3.75 -7.19 -13.47
C ALA A 77 5.01 -7.65 -14.20
N ARG A 78 5.82 -8.47 -13.53
CA ARG A 78 7.04 -9.01 -14.14
C ARG A 78 6.73 -10.22 -15.01
N GLY A 79 5.46 -10.59 -15.06
CA GLY A 79 5.06 -11.74 -15.86
C GLY A 79 5.34 -13.06 -15.15
N TYR A 80 5.39 -13.01 -13.83
CA TYR A 80 5.62 -14.21 -13.04
C TYR A 80 4.29 -14.78 -12.56
N SER A 81 4.34 -15.90 -11.87
CA SER A 81 3.14 -16.54 -11.35
C SER A 81 3.30 -16.85 -9.87
N GLU A 82 2.23 -16.62 -9.12
CA GLU A 82 2.22 -16.84 -7.68
C GLU A 82 2.51 -18.31 -7.34
N GLU A 83 2.24 -19.18 -8.33
CA GLU A 83 2.50 -20.61 -8.20
C GLU A 83 3.97 -20.87 -7.83
N ASP A 84 4.85 -19.97 -8.24
CA ASP A 84 6.28 -20.15 -8.03
C ASP A 84 6.71 -19.59 -6.68
N SER A 85 5.86 -18.75 -6.10
CA SER A 85 6.19 -18.08 -4.84
C SER A 85 6.06 -19.02 -3.65
N LYS A 86 6.92 -18.82 -2.67
CA LYS A 86 6.90 -19.58 -1.44
C LYS A 86 6.03 -18.87 -0.41
N VAL A 87 5.95 -17.55 -0.51
CA VAL A 87 5.16 -16.75 0.42
C VAL A 87 3.89 -16.26 -0.27
N PRO A 88 2.88 -15.81 0.51
CA PRO A 88 1.63 -15.31 -0.04
C PRO A 88 1.76 -13.93 -0.70
N LEU A 89 0.90 -13.68 -1.68
CA LEU A 89 0.89 -12.42 -2.42
C LEU A 89 -0.40 -11.67 -2.12
N ILE A 90 -0.32 -10.36 -1.89
CA ILE A 90 -1.52 -9.57 -1.65
C ILE A 90 -1.69 -8.53 -2.75
N THR A 91 -2.91 -8.14 -2.99
CA THR A 91 -3.22 -7.23 -4.08
C THR A 91 -3.37 -5.82 -3.53
N TYR A 92 -3.39 -4.80 -4.39
CA TYR A 92 -3.52 -3.42 -3.94
C TYR A 92 -4.70 -3.24 -2.99
N SER A 93 -5.77 -3.98 -3.20
CA SER A 93 -6.93 -3.92 -2.33
C SER A 93 -6.61 -4.49 -0.95
N GLU A 94 -5.90 -5.61 -0.94
CA GLU A 94 -5.54 -6.29 0.30
C GLU A 94 -4.47 -5.50 1.05
N PHE A 95 -3.60 -4.84 0.29
CA PHE A 95 -2.52 -4.05 0.86
C PHE A 95 -3.09 -2.89 1.67
N ILE A 96 -4.13 -2.27 1.14
CA ILE A 96 -4.84 -1.22 1.86
C ILE A 96 -5.41 -1.77 3.17
N ASP A 97 -6.10 -2.92 3.08
CA ASP A 97 -6.70 -3.55 4.24
C ASP A 97 -5.65 -3.88 5.29
N LEU A 98 -4.48 -4.33 4.83
CA LEU A 98 -3.37 -4.68 5.71
C LEU A 98 -3.01 -3.50 6.60
N LEU A 99 -2.85 -2.34 5.99
CA LEU A 99 -2.32 -1.19 6.70
C LEU A 99 -3.33 -0.66 7.70
N GLU A 100 -4.60 -0.92 7.44
CA GLU A 100 -5.64 -0.57 8.41
C GLU A 100 -5.78 -1.64 9.49
N GLY A 101 -4.77 -2.49 9.61
CA GLY A 101 -4.76 -3.49 10.65
C GLY A 101 -5.69 -4.64 10.35
N GLU A 102 -6.13 -4.72 9.09
CA GLU A 102 -7.02 -5.79 8.61
C GLU A 102 -8.45 -5.64 9.14
N GLU A 103 -8.58 -5.28 10.40
CA GLU A 103 -9.88 -5.18 11.06
C GLU A 103 -10.57 -3.86 10.67
N LYS A 104 -9.76 -2.89 10.22
CA LYS A 104 -10.19 -1.56 9.77
C LYS A 104 -11.18 -0.86 10.72
N PHE A 105 -10.70 0.22 11.32
CA PHE A 105 -11.51 1.05 12.22
C PHE A 105 -11.94 2.33 11.51
N ILE A 106 -11.83 2.33 10.18
CA ILE A 106 -12.18 3.50 9.38
C ILE A 106 -13.64 3.89 9.58
N GLY A 107 -14.52 2.90 9.57
CA GLY A 107 -15.94 3.17 9.72
C GLY A 107 -16.52 3.82 8.48
N MET B 21 -1.74 12.71 12.26
CA MET B 21 -1.09 11.50 11.70
C MET B 21 -1.97 10.27 11.91
N ALA B 22 -2.71 9.90 10.87
CA ALA B 22 -3.55 8.73 10.91
C ALA B 22 -3.73 8.18 9.50
N LEU B 23 -4.07 6.91 9.41
CA LEU B 23 -4.31 6.27 8.12
C LEU B 23 -5.79 6.35 7.76
N VAL B 24 -6.12 7.15 6.76
CA VAL B 24 -7.49 7.21 6.27
C VAL B 24 -7.56 6.56 4.89
N LEU B 25 -8.27 5.45 4.82
CA LEU B 25 -8.43 4.73 3.58
C LEU B 25 -9.85 4.81 3.09
N VAL B 26 -10.01 5.22 1.84
CA VAL B 26 -11.33 5.35 1.26
C VAL B 26 -11.54 4.29 0.19
N LYS B 27 -12.55 3.45 0.38
CA LYS B 27 -12.82 2.36 -0.55
C LYS B 27 -14.32 2.02 -0.58
N TYR B 28 -15.12 3.00 -0.99
CA TYR B 28 -16.56 2.81 -1.15
C TYR B 28 -17.06 3.62 -2.33
N GLY B 29 -16.75 4.90 -2.31
CA GLY B 29 -17.05 5.75 -3.43
C GLY B 29 -18.50 6.19 -3.45
N THR B 30 -18.78 7.23 -2.68
CA THR B 30 -20.12 7.84 -2.57
C THR B 30 -21.16 6.84 -2.07
N ASP B 31 -20.67 5.73 -1.53
CA ASP B 31 -21.54 4.71 -0.96
C ASP B 31 -21.60 4.89 0.55
N HIS B 32 -20.53 5.43 1.09
CA HIS B 32 -20.42 5.68 2.51
C HIS B 32 -20.19 7.19 2.71
N PRO B 33 -21.27 8.00 2.56
CA PRO B 33 -21.19 9.47 2.40
C PRO B 33 -20.17 10.19 3.29
N VAL B 34 -19.91 9.64 4.46
CA VAL B 34 -19.00 10.25 5.42
C VAL B 34 -17.53 10.26 4.91
N GLU B 35 -17.27 9.51 3.83
CA GLU B 35 -15.94 9.45 3.22
C GLU B 35 -15.34 10.85 2.99
N LYS B 36 -16.16 11.73 2.41
CA LYS B 36 -15.70 13.05 1.97
C LYS B 36 -15.14 13.86 3.14
N LEU B 37 -15.92 14.01 4.20
CA LEU B 37 -15.54 14.90 5.27
C LEU B 37 -14.54 14.26 6.23
N LYS B 38 -14.32 12.95 6.10
CA LYS B 38 -13.22 12.31 6.80
C LYS B 38 -11.89 12.79 6.23
N ILE B 39 -11.84 12.86 4.91
CA ILE B 39 -10.68 13.42 4.22
C ILE B 39 -10.51 14.88 4.60
N ARG B 40 -11.63 15.58 4.72
CA ARG B 40 -11.64 16.99 5.09
C ARG B 40 -11.15 17.22 6.53
N SER B 41 -11.34 16.22 7.38
CA SER B 41 -11.03 16.37 8.81
C SER B 41 -9.66 15.78 9.16
N ALA B 42 -8.78 15.67 8.16
CA ALA B 42 -7.42 15.24 8.41
C ALA B 42 -6.60 16.40 8.99
N LYS B 43 -5.49 16.09 9.63
CA LYS B 43 -4.73 17.10 10.35
C LYS B 43 -3.57 17.63 9.51
N ALA B 44 -2.57 16.79 9.25
CA ALA B 44 -1.37 17.22 8.54
C ALA B 44 -0.52 16.04 8.05
N GLU B 45 -0.11 15.19 8.98
CA GLU B 45 0.80 14.10 8.65
C GLU B 45 0.02 12.84 8.31
N ASP B 46 -1.29 13.00 8.16
CA ASP B 46 -2.19 11.87 7.94
C ASP B 46 -2.10 11.39 6.50
N LYS B 47 -2.66 10.23 6.26
CA LYS B 47 -2.64 9.62 4.94
C LYS B 47 -4.05 9.44 4.44
N ILE B 48 -4.31 9.84 3.20
CA ILE B 48 -5.60 9.57 2.58
C ILE B 48 -5.39 8.99 1.20
N VAL B 49 -5.87 7.78 1.00
CA VAL B 49 -5.73 7.12 -0.29
C VAL B 49 -7.07 6.66 -0.84
N LEU B 50 -7.32 7.00 -2.10
CA LEU B 50 -8.51 6.55 -2.79
C LEU B 50 -8.21 5.24 -3.52
N ILE B 51 -8.87 4.17 -3.09
CA ILE B 51 -8.70 2.86 -3.71
C ILE B 51 -10.07 2.27 -4.05
N GLN B 52 -10.11 1.44 -5.09
CA GLN B 52 -11.34 0.80 -5.54
C GLN B 52 -12.34 1.85 -6.01
N ASN B 53 -13.59 1.71 -5.58
CA ASN B 53 -14.62 2.68 -5.95
C ASN B 53 -14.38 4.02 -5.28
N GLY B 54 -13.43 4.04 -4.35
CA GLY B 54 -13.09 5.27 -3.65
C GLY B 54 -12.53 6.33 -4.57
N VAL B 55 -12.10 5.93 -5.76
CA VAL B 55 -11.53 6.84 -6.74
C VAL B 55 -12.50 7.95 -7.13
N PHE B 56 -13.80 7.76 -6.84
CA PHE B 56 -14.81 8.78 -7.11
C PHE B 56 -14.48 10.09 -6.41
N TRP B 57 -13.80 10.01 -5.28
CA TRP B 57 -13.49 11.19 -4.49
C TRP B 57 -12.31 11.96 -5.07
N ALA B 58 -11.56 11.33 -5.97
CA ALA B 58 -10.48 12.01 -6.66
C ALA B 58 -11.05 13.04 -7.62
N LEU B 59 -12.35 12.93 -7.86
CA LEU B 59 -13.06 13.86 -8.72
C LEU B 59 -13.90 14.81 -7.87
N GLU B 60 -13.68 14.78 -6.57
CA GLU B 60 -14.45 15.57 -5.63
C GLU B 60 -13.60 16.70 -5.07
N GLU B 61 -14.27 17.74 -4.55
CA GLU B 61 -13.56 18.89 -4.00
C GLU B 61 -13.02 18.56 -2.61
N LEU B 62 -11.78 18.10 -2.57
CA LEU B 62 -11.17 17.69 -1.31
C LEU B 62 -10.11 18.69 -0.85
N GLU B 63 -10.43 19.43 0.21
CA GLU B 63 -9.47 20.35 0.80
C GLU B 63 -8.94 19.76 2.10
N THR B 64 -7.74 19.20 2.05
CA THR B 64 -7.13 18.60 3.22
C THR B 64 -5.65 19.01 3.30
N PRO B 65 -5.15 19.28 4.51
CA PRO B 65 -3.74 19.63 4.73
C PRO B 65 -2.85 18.40 4.91
N ALA B 66 -3.40 17.24 4.61
CA ALA B 66 -2.67 15.98 4.72
C ALA B 66 -2.35 15.42 3.34
N LYS B 67 -1.74 14.25 3.30
CA LYS B 67 -1.35 13.64 2.03
C LYS B 67 -2.48 12.81 1.46
N VAL B 68 -3.16 13.35 0.45
CA VAL B 68 -4.23 12.64 -0.22
C VAL B 68 -3.80 12.23 -1.62
N TYR B 69 -3.90 10.94 -1.92
CA TYR B 69 -3.51 10.41 -3.22
C TYR B 69 -4.46 9.29 -3.65
N ALA B 70 -4.43 8.97 -4.93
CA ALA B 70 -5.24 7.86 -5.47
C ALA B 70 -4.37 6.92 -6.28
N ILE B 71 -4.69 5.62 -6.21
CA ILE B 71 -3.90 4.59 -6.88
C ILE B 71 -4.14 4.61 -8.39
N LYS B 72 -3.09 4.94 -9.15
CA LYS B 72 -3.16 5.02 -10.61
C LYS B 72 -3.67 3.74 -11.24
N ASP B 73 -3.11 2.61 -10.82
CA ASP B 73 -3.41 1.34 -11.45
C ASP B 73 -4.90 1.02 -11.31
N ASP B 74 -5.42 1.16 -10.10
CA ASP B 74 -6.85 0.93 -9.84
C ASP B 74 -7.69 1.96 -10.57
N PHE B 75 -7.25 3.21 -10.46
CA PHE B 75 -7.92 4.36 -11.08
C PHE B 75 -8.10 4.12 -12.59
N LEU B 76 -7.03 3.74 -13.25
CA LEU B 76 -7.05 3.49 -14.69
C LEU B 76 -7.77 2.19 -15.02
N ALA B 77 -7.60 1.18 -14.17
CA ALA B 77 -8.26 -0.11 -14.36
C ALA B 77 -9.76 0.04 -14.31
N ARG B 78 -10.22 1.01 -13.53
CA ARG B 78 -11.64 1.25 -13.36
C ARG B 78 -12.16 2.19 -14.47
N GLY B 79 -11.26 2.58 -15.37
CA GLY B 79 -11.67 3.33 -16.55
C GLY B 79 -11.52 4.83 -16.40
N TYR B 80 -10.99 5.28 -15.28
CA TYR B 80 -10.90 6.71 -15.01
C TYR B 80 -9.54 7.26 -15.42
N SER B 81 -9.57 8.33 -16.20
CA SER B 81 -8.35 8.96 -16.69
C SER B 81 -7.74 9.89 -15.63
N GLU B 82 -6.42 9.90 -15.55
CA GLU B 82 -5.70 10.73 -14.58
C GLU B 82 -6.01 12.21 -14.81
N GLU B 83 -6.23 12.56 -16.07
CA GLU B 83 -6.49 13.93 -16.47
C GLU B 83 -7.72 14.52 -15.76
N ASP B 84 -8.66 13.64 -15.40
CA ASP B 84 -9.94 14.09 -14.84
C ASP B 84 -9.85 14.28 -13.33
N SER B 85 -8.82 13.70 -12.73
CA SER B 85 -8.65 13.75 -11.28
C SER B 85 -8.21 15.13 -10.81
N LYS B 86 -8.60 15.49 -9.59
CA LYS B 86 -8.17 16.75 -8.99
C LYS B 86 -6.91 16.54 -8.17
N VAL B 87 -6.87 15.41 -7.46
CA VAL B 87 -5.76 15.09 -6.59
C VAL B 87 -4.70 14.28 -7.34
N PRO B 88 -3.43 14.35 -6.89
CA PRO B 88 -2.33 13.63 -7.53
C PRO B 88 -2.47 12.11 -7.41
N LEU B 89 -2.01 11.41 -8.42
CA LEU B 89 -2.14 9.96 -8.49
C LEU B 89 -0.78 9.30 -8.24
N ILE B 90 -0.79 8.17 -7.53
CA ILE B 90 0.44 7.42 -7.30
C ILE B 90 0.24 5.96 -7.69
N THR B 91 1.31 5.21 -7.77
CA THR B 91 1.23 3.79 -8.10
C THR B 91 1.32 2.94 -6.85
N TYR B 92 1.09 1.64 -7.00
CA TYR B 92 1.16 0.72 -5.87
C TYR B 92 2.53 0.79 -5.18
N SER B 93 3.59 0.89 -5.97
CA SER B 93 4.94 1.02 -5.43
C SER B 93 5.04 2.27 -4.56
N GLU B 94 4.44 3.34 -5.04
CA GLU B 94 4.43 4.61 -4.32
C GLU B 94 3.56 4.53 -3.07
N PHE B 95 2.63 3.57 -3.04
CA PHE B 95 1.84 3.35 -1.84
C PHE B 95 2.75 2.85 -0.72
N ILE B 96 3.66 1.96 -1.07
CA ILE B 96 4.69 1.54 -0.13
C ILE B 96 5.50 2.76 0.34
N ASP B 97 5.81 3.64 -0.59
CA ASP B 97 6.65 4.81 -0.31
C ASP B 97 5.99 5.81 0.64
N LEU B 98 4.72 6.18 0.42
CA LEU B 98 4.12 7.22 1.25
C LEU B 98 3.78 6.72 2.64
N LEU B 99 3.50 5.42 2.76
CA LEU B 99 3.18 4.88 4.08
C LEU B 99 4.45 4.74 4.91
N GLU B 100 5.60 4.60 4.24
CA GLU B 100 6.88 4.67 4.93
C GLU B 100 7.04 6.08 5.50
N GLY B 101 6.96 7.06 4.61
CA GLY B 101 6.92 8.44 5.03
C GLY B 101 8.26 9.13 5.02
N GLU B 102 9.32 8.43 5.41
CA GLU B 102 10.60 9.09 5.62
C GLU B 102 11.77 8.32 5.00
N GLU B 103 12.01 7.11 5.50
CA GLU B 103 13.23 6.36 5.21
C GLU B 103 13.31 5.20 6.18
N LYS B 104 13.38 5.55 7.47
CA LYS B 104 13.33 4.58 8.57
C LYS B 104 14.49 3.59 8.48
N PHE B 105 14.41 2.50 9.23
CA PHE B 105 15.36 1.41 9.14
C PHE B 105 14.97 0.51 7.97
N ILE B 106 13.81 0.84 7.40
CA ILE B 106 13.25 0.12 6.26
C ILE B 106 14.24 0.05 5.10
N GLY B 107 14.87 1.18 4.80
CA GLY B 107 15.87 1.21 3.76
C GLY B 107 17.25 0.89 4.28
N MET A 21 9.96 -3.32 13.54
CA MET A 21 9.24 -2.02 13.69
C MET A 21 7.81 -2.12 13.17
N ALA A 22 7.25 -3.34 13.19
CA ALA A 22 5.85 -3.60 12.81
C ALA A 22 5.58 -3.44 11.32
N LEU A 23 6.27 -2.50 10.69
CA LEU A 23 6.11 -2.26 9.26
C LEU A 23 7.46 -2.33 8.56
N VAL A 24 7.62 -3.34 7.71
CA VAL A 24 8.86 -3.53 6.97
C VAL A 24 8.55 -3.76 5.49
N LEU A 25 8.98 -2.84 4.65
CA LEU A 25 8.76 -2.96 3.23
C LEU A 25 10.08 -3.20 2.51
N VAL A 26 10.17 -4.32 1.81
CA VAL A 26 11.39 -4.65 1.10
C VAL A 26 11.22 -4.43 -0.40
N LYS A 27 11.99 -3.51 -0.94
CA LYS A 27 11.92 -3.17 -2.36
C LYS A 27 13.30 -3.17 -2.99
N TYR A 28 13.93 -4.33 -2.94
CA TYR A 28 15.22 -4.58 -3.56
C TYR A 28 15.32 -6.05 -3.87
N GLY A 29 16.06 -6.40 -4.91
CA GLY A 29 16.18 -7.79 -5.29
C GLY A 29 17.60 -8.16 -5.60
N THR A 30 18.23 -8.90 -4.68
CA THR A 30 19.65 -9.28 -4.79
C THR A 30 20.52 -8.06 -5.07
N ASP A 31 20.05 -6.91 -4.60
CA ASP A 31 20.74 -5.63 -4.78
C ASP A 31 21.59 -5.34 -3.54
N HIS A 32 20.92 -5.37 -2.40
CA HIS A 32 21.57 -5.23 -1.11
C HIS A 32 21.30 -6.50 -0.29
N PRO A 33 22.11 -6.77 0.74
CA PRO A 33 21.87 -7.87 1.65
C PRO A 33 21.11 -7.43 2.91
N VAL A 34 20.84 -6.13 3.02
CA VAL A 34 20.32 -5.56 4.26
C VAL A 34 18.86 -5.94 4.49
N GLU A 35 18.11 -6.10 3.41
CA GLU A 35 16.70 -6.47 3.52
C GLU A 35 16.55 -7.80 4.22
N LYS A 36 17.51 -8.68 4.00
CA LYS A 36 17.42 -10.05 4.47
C LYS A 36 17.56 -10.15 5.98
N LEU A 37 18.52 -9.44 6.58
CA LEU A 37 18.66 -9.51 8.03
C LEU A 37 17.59 -8.67 8.73
N LYS A 38 16.97 -7.75 7.98
CA LYS A 38 15.78 -7.05 8.48
C LYS A 38 14.68 -8.05 8.75
N ILE A 39 14.54 -9.01 7.84
CA ILE A 39 13.58 -10.09 7.97
C ILE A 39 14.04 -11.11 9.00
N ARG A 40 15.34 -11.35 9.04
CA ARG A 40 15.93 -12.32 9.97
C ARG A 40 15.76 -11.90 11.42
N SER A 41 15.88 -10.60 11.69
CA SER A 41 15.76 -10.10 13.05
C SER A 41 14.32 -9.64 13.32
N ALA A 42 13.43 -9.93 12.38
CA ALA A 42 12.03 -9.56 12.54
C ALA A 42 11.34 -10.49 13.52
N LYS A 43 10.58 -9.90 14.42
CA LYS A 43 9.81 -10.66 15.40
C LYS A 43 8.38 -10.86 14.91
N ALA A 44 7.59 -11.60 15.67
CA ALA A 44 6.20 -11.89 15.30
C ALA A 44 5.34 -10.62 15.30
N GLU A 45 5.89 -9.55 15.84
CA GLU A 45 5.17 -8.27 15.91
C GLU A 45 5.35 -7.47 14.63
N ASP A 46 6.28 -7.89 13.77
CA ASP A 46 6.57 -7.17 12.54
C ASP A 46 5.76 -7.72 11.37
N LYS A 47 5.44 -6.84 10.44
CA LYS A 47 4.76 -7.22 9.21
C LYS A 47 5.61 -6.77 8.03
N ILE A 48 5.81 -7.66 7.07
CA ILE A 48 6.76 -7.42 6.00
C ILE A 48 6.09 -7.58 4.63
N VAL A 49 6.37 -6.66 3.72
CA VAL A 49 5.83 -6.74 2.36
C VAL A 49 6.94 -6.67 1.31
N LEU A 50 6.94 -7.61 0.39
CA LEU A 50 7.87 -7.59 -0.74
C LEU A 50 7.29 -6.74 -1.87
N ILE A 51 8.10 -5.82 -2.37
CA ILE A 51 7.66 -4.88 -3.39
C ILE A 51 8.77 -4.66 -4.42
N GLN A 52 8.38 -4.51 -5.69
CA GLN A 52 9.31 -4.26 -6.80
C GLN A 52 10.25 -5.45 -6.97
N ASN A 53 11.55 -5.17 -6.89
CA ASN A 53 12.57 -6.20 -7.06
C ASN A 53 12.56 -7.16 -5.88
N GLY A 54 11.83 -6.80 -4.83
CA GLY A 54 11.73 -7.63 -3.66
C GLY A 54 11.09 -8.97 -3.94
N VAL A 55 10.41 -9.08 -5.08
CA VAL A 55 9.79 -10.33 -5.48
C VAL A 55 10.82 -11.44 -5.64
N PHE A 56 12.04 -11.06 -6.01
CA PHE A 56 13.13 -12.02 -6.20
C PHE A 56 13.50 -12.65 -4.86
N TRP A 57 13.40 -11.86 -3.79
CA TRP A 57 13.64 -12.37 -2.45
C TRP A 57 12.52 -13.31 -2.03
N ALA A 58 11.31 -13.07 -2.53
CA ALA A 58 10.14 -13.85 -2.15
C ALA A 58 10.16 -15.23 -2.80
N LEU A 59 11.07 -15.41 -3.75
CA LEU A 59 11.13 -16.65 -4.51
C LEU A 59 12.27 -17.55 -4.05
N GLU A 60 12.90 -17.24 -2.92
CA GLU A 60 14.00 -18.07 -2.43
C GLU A 60 13.65 -18.81 -1.14
N GLU A 61 13.94 -18.23 0.02
CA GLU A 61 13.84 -18.99 1.26
C GLU A 61 13.15 -18.21 2.39
N LEU A 62 13.49 -16.92 2.51
CA LEU A 62 13.11 -16.07 3.66
C LEU A 62 11.84 -16.50 4.41
N GLU A 63 12.04 -17.09 5.58
CA GLU A 63 10.94 -17.41 6.48
C GLU A 63 11.20 -16.80 7.85
N THR A 64 10.22 -16.06 8.35
CA THR A 64 10.37 -15.34 9.60
C THR A 64 9.10 -15.50 10.44
N PRO A 65 9.20 -15.41 11.79
CA PRO A 65 8.04 -15.40 12.68
C PRO A 65 7.12 -14.20 12.39
N ALA A 66 7.68 -13.19 11.73
CA ALA A 66 6.89 -12.05 11.28
C ALA A 66 5.99 -12.46 10.13
N LYS A 67 4.92 -11.72 9.92
CA LYS A 67 4.03 -12.03 8.81
C LYS A 67 4.46 -11.31 7.55
N VAL A 68 4.91 -12.10 6.59
CA VAL A 68 5.49 -11.57 5.37
C VAL A 68 4.58 -11.85 4.17
N TYR A 69 4.34 -10.81 3.39
CA TYR A 69 3.51 -10.90 2.20
C TYR A 69 4.23 -10.23 1.04
N ALA A 70 3.69 -10.38 -0.17
CA ALA A 70 4.28 -9.72 -1.33
C ALA A 70 3.19 -9.12 -2.22
N ILE A 71 3.50 -7.99 -2.86
CA ILE A 71 2.55 -7.33 -3.76
C ILE A 71 2.23 -8.26 -4.92
N LYS A 72 0.99 -8.70 -4.98
CA LYS A 72 0.57 -9.69 -5.97
C LYS A 72 0.53 -9.08 -7.37
N ASP A 73 -0.02 -7.88 -7.48
CA ASP A 73 -0.12 -7.20 -8.77
C ASP A 73 1.26 -7.02 -9.39
N ASP A 74 2.21 -6.60 -8.57
CA ASP A 74 3.58 -6.39 -9.01
C ASP A 74 4.27 -7.73 -9.29
N PHE A 75 3.87 -8.74 -8.54
CA PHE A 75 4.46 -10.08 -8.67
C PHE A 75 4.01 -10.72 -9.97
N LEU A 76 2.73 -10.56 -10.27
CA LEU A 76 2.13 -11.12 -11.47
C LEU A 76 2.51 -10.32 -12.71
N ALA A 77 2.93 -9.08 -12.50
CA ALA A 77 3.33 -8.21 -13.59
C ALA A 77 4.44 -8.84 -14.46
N ARG A 78 5.40 -9.48 -13.81
CA ARG A 78 6.49 -10.13 -14.54
C ARG A 78 6.16 -11.60 -14.84
N GLY A 79 4.93 -12.00 -14.54
CA GLY A 79 4.48 -13.34 -14.90
C GLY A 79 4.93 -14.42 -13.93
N TYR A 80 4.85 -14.13 -12.64
CA TYR A 80 5.15 -15.13 -11.62
C TYR A 80 3.86 -15.57 -10.94
N SER A 81 3.72 -16.87 -10.72
CA SER A 81 2.48 -17.43 -10.20
C SER A 81 2.50 -17.49 -8.67
N GLU A 82 1.32 -17.29 -8.08
CA GLU A 82 1.17 -17.20 -6.63
C GLU A 82 1.61 -18.47 -5.91
N GLU A 83 1.30 -19.62 -6.48
CA GLU A 83 1.66 -20.89 -5.86
C GLU A 83 3.16 -21.14 -5.98
N ASP A 84 3.76 -20.58 -7.02
CA ASP A 84 5.19 -20.75 -7.27
C ASP A 84 6.01 -20.11 -6.15
N SER A 85 5.55 -18.97 -5.67
CA SER A 85 6.20 -18.29 -4.56
C SER A 85 5.82 -18.93 -3.22
N LYS A 86 6.70 -18.82 -2.24
CA LYS A 86 6.45 -19.39 -0.92
C LYS A 86 5.53 -18.50 -0.11
N VAL A 87 5.81 -17.20 -0.10
CA VAL A 87 5.07 -16.26 0.71
C VAL A 87 3.70 -15.93 0.09
N PRO A 88 2.72 -15.52 0.92
CA PRO A 88 1.39 -15.13 0.46
C PRO A 88 1.41 -13.81 -0.31
N LEU A 89 0.49 -13.68 -1.26
CA LEU A 89 0.43 -12.50 -2.11
C LEU A 89 -0.82 -11.69 -1.80
N ILE A 90 -0.69 -10.38 -1.75
CA ILE A 90 -1.85 -9.51 -1.57
C ILE A 90 -1.92 -8.50 -2.71
N THR A 91 -3.13 -8.08 -3.06
CA THR A 91 -3.33 -7.17 -4.17
C THR A 91 -3.49 -5.74 -3.65
N TYR A 92 -3.54 -4.77 -4.56
CA TYR A 92 -3.65 -3.35 -4.20
C TYR A 92 -4.69 -3.11 -3.09
N SER A 93 -5.88 -3.69 -3.21
CA SER A 93 -6.90 -3.51 -2.19
C SER A 93 -6.47 -4.14 -0.86
N GLU A 94 -5.81 -5.29 -0.95
CA GLU A 94 -5.40 -6.02 0.24
C GLU A 94 -4.25 -5.29 0.94
N PHE A 95 -3.44 -4.57 0.17
CA PHE A 95 -2.40 -3.73 0.74
C PHE A 95 -3.06 -2.61 1.54
N ILE A 96 -4.13 -2.07 0.99
CA ILE A 96 -4.92 -1.06 1.69
C ILE A 96 -5.49 -1.64 3.00
N ASP A 97 -6.10 -2.82 2.89
CA ASP A 97 -6.71 -3.47 4.06
C ASP A 97 -5.65 -3.87 5.08
N LEU A 98 -4.47 -4.25 4.60
CA LEU A 98 -3.34 -4.57 5.48
C LEU A 98 -2.94 -3.36 6.29
N LEU A 99 -2.92 -2.21 5.63
CA LEU A 99 -2.41 -0.99 6.22
C LEU A 99 -3.35 -0.44 7.28
N GLU A 100 -4.62 -0.83 7.20
CA GLU A 100 -5.55 -0.51 8.28
C GLU A 100 -5.42 -1.54 9.39
N GLY A 101 -4.30 -2.25 9.39
CA GLY A 101 -4.03 -3.22 10.44
C GLY A 101 -4.60 -4.57 10.10
N GLU A 102 -5.90 -4.71 10.32
CA GLU A 102 -6.60 -5.98 10.13
C GLU A 102 -8.07 -5.81 10.47
N GLU A 103 -8.32 -4.95 11.46
CA GLU A 103 -9.68 -4.72 11.95
C GLU A 103 -10.41 -3.70 11.06
N LYS A 104 -9.63 -2.96 10.27
CA LYS A 104 -10.13 -1.96 9.31
C LYS A 104 -11.23 -1.06 9.89
N PHE A 105 -10.82 0.06 10.44
CA PHE A 105 -11.71 1.08 10.98
C PHE A 105 -12.27 1.93 9.84
N ILE A 106 -11.73 1.73 8.66
CA ILE A 106 -12.15 2.48 7.48
C ILE A 106 -13.57 2.12 7.06
N GLY A 107 -14.53 2.83 7.63
CA GLY A 107 -15.92 2.70 7.22
C GLY A 107 -16.50 4.05 6.83
N MET B 21 -1.31 10.37 14.22
CA MET B 21 -1.76 10.48 12.81
C MET B 21 -2.62 9.27 12.46
N ALA B 22 -3.48 9.44 11.47
CA ALA B 22 -4.36 8.35 11.05
C ALA B 22 -4.14 7.99 9.59
N LEU B 23 -4.56 6.79 9.25
CA LEU B 23 -4.52 6.33 7.87
C LEU B 23 -5.95 6.20 7.36
N VAL B 24 -6.31 7.06 6.41
CA VAL B 24 -7.68 7.09 5.92
C VAL B 24 -7.75 6.51 4.53
N LEU B 25 -8.45 5.40 4.40
CA LEU B 25 -8.61 4.72 3.15
C LEU B 25 -10.04 4.87 2.65
N VAL B 26 -10.19 5.37 1.44
CA VAL B 26 -11.52 5.55 0.88
C VAL B 26 -11.77 4.49 -0.19
N LYS B 27 -12.78 3.67 0.04
CA LYS B 27 -13.12 2.60 -0.89
C LYS B 27 -14.62 2.31 -0.84
N TYR B 28 -15.40 3.32 -1.20
CA TYR B 28 -16.86 3.21 -1.30
C TYR B 28 -17.33 3.97 -2.52
N GLY B 29 -16.94 5.25 -2.58
CA GLY B 29 -17.15 6.03 -3.78
C GLY B 29 -18.41 6.85 -3.76
N THR B 30 -18.41 7.91 -2.94
CA THR B 30 -19.54 8.82 -2.81
C THR B 30 -20.84 8.07 -2.51
N ASP B 31 -20.71 6.89 -1.93
CA ASP B 31 -21.85 6.02 -1.65
C ASP B 31 -22.10 5.95 -0.16
N HIS B 32 -21.04 6.19 0.60
CA HIS B 32 -21.13 6.21 2.06
C HIS B 32 -20.78 7.62 2.54
N PRO B 33 -21.81 8.45 2.78
CA PRO B 33 -21.65 9.90 3.07
C PRO B 33 -20.54 10.23 4.07
N VAL B 34 -20.25 9.30 4.98
CA VAL B 34 -19.21 9.50 5.98
C VAL B 34 -17.84 9.77 5.33
N GLU B 35 -17.65 9.32 4.09
CA GLU B 35 -16.40 9.53 3.35
C GLU B 35 -16.02 11.01 3.34
N LYS B 36 -17.01 11.86 3.06
CA LYS B 36 -16.78 13.30 2.94
C LYS B 36 -16.22 13.92 4.22
N LEU B 37 -16.94 13.76 5.33
CA LEU B 37 -16.57 14.45 6.55
C LEU B 37 -15.36 13.81 7.23
N LYS B 38 -15.00 12.60 6.84
CA LYS B 38 -13.77 11.99 7.32
C LYS B 38 -12.57 12.71 6.71
N ILE B 39 -12.68 13.00 5.42
CA ILE B 39 -11.65 13.77 4.72
C ILE B 39 -11.52 15.16 5.34
N ARG B 40 -12.65 15.70 5.79
CA ARG B 40 -12.67 17.02 6.44
C ARG B 40 -12.04 16.96 7.82
N SER B 41 -12.14 15.81 8.48
CA SER B 41 -11.67 15.67 9.85
C SER B 41 -10.23 15.16 9.91
N ALA B 42 -9.70 14.79 8.75
CA ALA B 42 -8.33 14.29 8.67
C ALA B 42 -7.33 15.42 8.96
N LYS B 43 -6.31 15.10 9.73
CA LYS B 43 -5.34 16.11 10.16
C LYS B 43 -4.21 16.23 9.14
N ALA B 44 -3.35 17.23 9.32
CA ALA B 44 -2.26 17.48 8.39
C ALA B 44 -1.20 16.38 8.43
N GLU B 45 -1.30 15.52 9.43
CA GLU B 45 -0.36 14.42 9.58
C GLU B 45 -0.90 13.15 8.92
N ASP B 46 -2.17 13.19 8.57
CA ASP B 46 -2.88 11.99 8.12
C ASP B 46 -2.73 11.82 6.62
N LYS B 47 -2.98 10.59 6.17
CA LYS B 47 -2.91 10.27 4.76
C LYS B 47 -4.25 9.70 4.30
N ILE B 48 -4.73 10.18 3.17
CA ILE B 48 -5.99 9.70 2.61
C ILE B 48 -5.72 9.06 1.26
N VAL B 49 -6.04 7.78 1.14
CA VAL B 49 -5.80 7.04 -0.08
C VAL B 49 -7.10 6.69 -0.78
N LEU B 50 -7.18 7.02 -2.06
CA LEU B 50 -8.36 6.71 -2.86
C LEU B 50 -8.13 5.41 -3.62
N ILE B 51 -8.88 4.37 -3.24
CA ILE B 51 -8.75 3.08 -3.88
C ILE B 51 -10.13 2.56 -4.30
N GLN B 52 -10.18 1.87 -5.44
CA GLN B 52 -11.43 1.33 -5.99
C GLN B 52 -12.39 2.48 -6.30
N ASN B 53 -13.62 2.37 -5.83
CA ASN B 53 -14.63 3.40 -6.07
C ASN B 53 -14.24 4.72 -5.40
N GLY B 54 -13.25 4.67 -4.52
CA GLY B 54 -12.79 5.87 -3.85
C GLY B 54 -12.25 6.92 -4.81
N VAL B 55 -11.94 6.49 -6.03
CA VAL B 55 -11.41 7.39 -7.05
C VAL B 55 -12.40 8.49 -7.43
N PHE B 56 -13.68 8.29 -7.09
CA PHE B 56 -14.70 9.30 -7.36
C PHE B 56 -14.42 10.60 -6.61
N TRP B 57 -13.74 10.49 -5.48
CA TRP B 57 -13.38 11.67 -4.68
C TRP B 57 -12.17 12.36 -5.28
N ALA B 58 -11.36 11.60 -6.00
CA ALA B 58 -10.13 12.13 -6.59
C ALA B 58 -10.44 13.12 -7.69
N LEU B 59 -11.70 13.16 -8.10
CA LEU B 59 -12.15 14.06 -9.15
C LEU B 59 -12.79 15.32 -8.54
N GLU B 60 -12.88 15.35 -7.22
CA GLU B 60 -13.53 16.45 -6.52
C GLU B 60 -12.50 17.48 -6.06
N GLU B 61 -12.93 18.39 -5.18
CA GLU B 61 -12.04 19.42 -4.66
C GLU B 61 -11.30 18.90 -3.42
N LEU B 62 -12.08 18.48 -2.43
CA LEU B 62 -11.55 17.94 -1.17
C LEU B 62 -10.63 18.92 -0.45
N GLU B 63 -11.20 19.73 0.44
CA GLU B 63 -10.41 20.63 1.26
C GLU B 63 -9.96 19.90 2.52
N THR B 64 -8.76 19.35 2.48
CA THR B 64 -8.23 18.62 3.62
C THR B 64 -6.76 18.99 3.84
N PRO B 65 -6.34 19.06 5.11
CA PRO B 65 -4.93 19.26 5.46
C PRO B 65 -4.13 17.97 5.30
N ALA B 66 -4.86 16.87 5.17
CA ALA B 66 -4.23 15.56 5.04
C ALA B 66 -3.63 15.38 3.65
N LYS B 67 -2.83 14.34 3.49
CA LYS B 67 -2.18 14.07 2.23
C LYS B 67 -2.98 13.03 1.44
N VAL B 68 -3.58 13.48 0.35
CA VAL B 68 -4.44 12.63 -0.45
C VAL B 68 -3.70 12.05 -1.65
N TYR B 69 -3.79 10.74 -1.81
CA TYR B 69 -3.14 10.05 -2.91
C TYR B 69 -4.08 8.99 -3.50
N ALA B 70 -4.16 8.93 -4.82
CA ALA B 70 -5.03 7.97 -5.48
C ALA B 70 -4.23 6.91 -6.23
N ILE B 71 -4.65 5.66 -6.11
CA ILE B 71 -3.96 4.54 -6.75
C ILE B 71 -4.18 4.54 -8.26
N LYS B 72 -3.09 4.68 -9.02
CA LYS B 72 -3.16 4.71 -10.48
C LYS B 72 -3.75 3.43 -11.05
N ASP B 73 -3.40 2.30 -10.46
CA ASP B 73 -3.74 1.00 -11.04
C ASP B 73 -5.26 0.83 -11.19
N ASP B 74 -5.99 1.09 -10.12
CA ASP B 74 -7.45 0.97 -10.15
C ASP B 74 -8.04 2.13 -10.93
N PHE B 75 -7.44 3.31 -10.76
CA PHE B 75 -7.90 4.52 -11.44
C PHE B 75 -7.92 4.32 -12.95
N LEU B 76 -6.82 3.78 -13.48
CA LEU B 76 -6.73 3.51 -14.90
C LEU B 76 -7.60 2.32 -15.29
N ALA B 77 -7.65 1.32 -14.41
CA ALA B 77 -8.46 0.11 -14.63
C ALA B 77 -9.92 0.47 -14.84
N ARG B 78 -10.40 1.40 -14.03
CA ARG B 78 -11.80 1.74 -14.00
C ARG B 78 -12.16 2.70 -15.15
N GLY B 79 -11.18 3.02 -15.98
CA GLY B 79 -11.42 3.84 -17.15
C GLY B 79 -11.28 5.32 -16.88
N TYR B 80 -10.14 5.71 -16.37
CA TYR B 80 -9.85 7.12 -16.11
C TYR B 80 -8.50 7.48 -16.69
N SER B 81 -8.32 8.76 -17.01
CA SER B 81 -7.03 9.27 -17.41
C SER B 81 -6.33 9.89 -16.22
N GLU B 82 -5.01 9.84 -16.20
CA GLU B 82 -4.23 10.31 -15.06
C GLU B 82 -4.50 11.79 -14.78
N GLU B 83 -4.76 12.53 -15.86
CA GLU B 83 -4.97 13.98 -15.77
C GLU B 83 -6.32 14.31 -15.13
N ASP B 84 -7.30 13.43 -15.28
CA ASP B 84 -8.64 13.70 -14.78
C ASP B 84 -8.64 13.91 -13.27
N SER B 85 -7.71 13.28 -12.58
CA SER B 85 -7.62 13.36 -11.14
C SER B 85 -7.12 14.73 -10.68
N LYS B 86 -7.72 15.23 -9.61
CA LYS B 86 -7.31 16.48 -9.00
C LYS B 86 -6.18 16.19 -8.00
N VAL B 87 -6.25 15.02 -7.38
CA VAL B 87 -5.26 14.64 -6.38
C VAL B 87 -4.12 13.84 -7.03
N PRO B 88 -2.94 13.81 -6.38
CA PRO B 88 -1.77 13.08 -6.89
C PRO B 88 -2.03 11.58 -7.01
N LEU B 89 -1.47 10.98 -8.05
CA LEU B 89 -1.63 9.56 -8.30
C LEU B 89 -0.35 8.82 -7.96
N ILE B 90 -0.46 7.61 -7.42
CA ILE B 90 0.73 6.81 -7.12
C ILE B 90 0.55 5.38 -7.63
N THR B 91 1.67 4.69 -7.79
CA THR B 91 1.69 3.29 -8.17
C THR B 91 1.94 2.42 -6.94
N TYR B 92 1.88 1.09 -7.10
CA TYR B 92 2.13 0.18 -6.00
C TYR B 92 3.41 0.59 -5.27
N SER B 93 4.46 0.82 -6.06
CA SER B 93 5.76 1.18 -5.57
C SER B 93 5.69 2.36 -4.59
N GLU B 94 4.93 3.37 -4.98
CA GLU B 94 4.88 4.62 -4.25
C GLU B 94 4.09 4.49 -2.95
N PHE B 95 3.16 3.53 -2.89
CA PHE B 95 2.41 3.32 -1.66
C PHE B 95 3.36 2.73 -0.61
N ILE B 96 4.26 1.89 -1.07
CA ILE B 96 5.32 1.38 -0.20
C ILE B 96 6.28 2.51 0.15
N ASP B 97 6.51 3.41 -0.80
CA ASP B 97 7.46 4.50 -0.63
C ASP B 97 7.08 5.45 0.50
N LEU B 98 5.82 5.91 0.53
CA LEU B 98 5.42 6.86 1.58
C LEU B 98 5.12 6.14 2.88
N LEU B 99 4.73 4.88 2.78
CA LEU B 99 4.40 4.09 3.95
C LEU B 99 5.58 3.99 4.93
N GLU B 100 6.77 3.67 4.42
CA GLU B 100 7.93 3.58 5.30
C GLU B 100 8.70 4.90 5.37
N GLY B 101 8.05 6.00 5.01
CA GLY B 101 8.62 7.30 5.27
C GLY B 101 8.72 8.19 4.05
N GLU B 102 9.66 9.12 4.09
CA GLU B 102 9.86 10.07 3.01
C GLU B 102 11.21 9.81 2.34
N GLU B 103 12.20 9.50 3.15
CA GLU B 103 13.53 9.17 2.66
C GLU B 103 13.80 7.69 2.86
N LYS B 104 14.01 7.30 4.12
CA LYS B 104 14.21 5.90 4.46
C LYS B 104 14.03 5.67 5.96
N PHE B 105 13.07 4.83 6.31
CA PHE B 105 12.95 4.34 7.66
C PHE B 105 13.27 2.85 7.67
N ILE B 106 13.34 2.29 6.45
CA ILE B 106 13.63 0.88 6.25
C ILE B 106 14.94 0.50 6.91
N GLY B 107 16.04 1.06 6.40
CA GLY B 107 17.34 0.78 6.95
C GLY B 107 18.39 1.69 6.36
N MET A 21 10.12 -5.63 14.66
CA MET A 21 10.10 -4.19 14.99
C MET A 21 8.68 -3.64 14.89
N ALA A 22 8.15 -3.61 13.66
CA ALA A 22 6.81 -3.08 13.39
C ALA A 22 6.49 -3.20 11.91
N LEU A 23 7.10 -2.35 11.11
CA LEU A 23 6.84 -2.30 9.67
C LEU A 23 8.16 -2.29 8.91
N VAL A 24 8.49 -3.41 8.31
CA VAL A 24 9.72 -3.58 7.57
C VAL A 24 9.43 -3.73 6.08
N LEU A 25 9.89 -2.76 5.29
CA LEU A 25 9.68 -2.76 3.84
C LEU A 25 10.98 -3.02 3.11
N VAL A 26 10.95 -3.89 2.11
CA VAL A 26 12.09 -4.13 1.27
C VAL A 26 11.71 -4.02 -0.20
N LYS A 27 12.32 -3.07 -0.92
CA LYS A 27 12.15 -3.02 -2.37
C LYS A 27 13.50 -3.23 -3.03
N TYR A 28 14.08 -4.39 -2.76
CA TYR A 28 15.40 -4.73 -3.25
C TYR A 28 15.48 -6.21 -3.49
N GLY A 29 16.35 -6.59 -4.41
CA GLY A 29 16.49 -7.97 -4.75
C GLY A 29 17.53 -8.63 -3.90
N THR A 30 18.04 -9.73 -4.39
CA THR A 30 19.03 -10.51 -3.66
C THR A 30 20.43 -9.94 -3.83
N ASP A 31 20.50 -8.77 -4.46
CA ASP A 31 21.76 -8.03 -4.58
C ASP A 31 22.13 -7.48 -3.21
N HIS A 32 21.11 -7.16 -2.42
CA HIS A 32 21.29 -6.64 -1.08
C HIS A 32 21.46 -7.77 -0.07
N PRO A 33 22.67 -7.94 0.48
CA PRO A 33 22.93 -8.98 1.49
C PRO A 33 22.34 -8.59 2.84
N VAL A 34 22.14 -7.30 3.04
CA VAL A 34 21.65 -6.78 4.31
C VAL A 34 20.16 -7.11 4.51
N GLU A 35 19.42 -7.27 3.42
CA GLU A 35 17.98 -7.55 3.53
C GLU A 35 17.76 -8.96 4.06
N LYS A 36 18.76 -9.81 3.89
CA LYS A 36 18.70 -11.19 4.36
C LYS A 36 18.43 -11.22 5.87
N LEU A 37 19.28 -10.54 6.62
CA LEU A 37 19.13 -10.52 8.08
C LEU A 37 18.06 -9.51 8.51
N LYS A 38 17.68 -8.61 7.60
CA LYS A 38 16.56 -7.70 7.87
C LYS A 38 15.27 -8.50 8.04
N ILE A 39 15.02 -9.39 7.10
CA ILE A 39 13.85 -10.27 7.15
C ILE A 39 13.98 -11.26 8.30
N ARG A 40 15.21 -11.67 8.60
CA ARG A 40 15.46 -12.58 9.71
C ARG A 40 15.25 -11.91 11.07
N SER A 41 15.63 -10.64 11.19
CA SER A 41 15.51 -9.92 12.46
C SER A 41 14.07 -9.59 12.78
N ALA A 42 13.17 -9.90 11.86
CA ALA A 42 11.74 -9.72 12.07
C ALA A 42 11.27 -10.66 13.17
N LYS A 43 10.30 -10.20 13.95
CA LYS A 43 9.82 -10.98 15.08
C LYS A 43 8.39 -11.41 14.84
N ALA A 44 7.77 -12.01 15.84
CA ALA A 44 6.41 -12.54 15.72
C ALA A 44 5.43 -11.44 15.30
N GLU A 45 5.68 -10.22 15.79
CA GLU A 45 4.83 -9.10 15.47
C GLU A 45 5.56 -8.08 14.61
N ASP A 46 5.90 -8.48 13.39
CA ASP A 46 6.48 -7.57 12.40
C ASP A 46 5.82 -7.82 11.06
N LYS A 47 5.85 -6.84 10.18
CA LYS A 47 5.32 -7.01 8.83
C LYS A 47 6.43 -6.74 7.82
N ILE A 48 6.59 -7.63 6.86
CA ILE A 48 7.58 -7.42 5.81
C ILE A 48 6.90 -7.50 4.45
N VAL A 49 6.96 -6.43 3.69
CA VAL A 49 6.36 -6.42 2.37
C VAL A 49 7.44 -6.35 1.30
N LEU A 50 7.45 -7.36 0.43
CA LEU A 50 8.38 -7.41 -0.68
C LEU A 50 7.77 -6.75 -1.91
N ILE A 51 8.47 -5.77 -2.44
CA ILE A 51 7.99 -5.01 -3.58
C ILE A 51 9.06 -4.90 -4.66
N GLN A 52 8.63 -4.99 -5.92
CA GLN A 52 9.52 -4.89 -7.09
C GLN A 52 10.54 -6.02 -7.13
N ASN A 53 11.78 -5.71 -6.80
CA ASN A 53 12.84 -6.71 -6.81
C ASN A 53 12.67 -7.67 -5.63
N GLY A 54 11.82 -7.26 -4.70
CA GLY A 54 11.53 -8.08 -3.54
C GLY A 54 10.85 -9.39 -3.88
N VAL A 55 10.30 -9.47 -5.08
CA VAL A 55 9.60 -10.68 -5.52
C VAL A 55 10.52 -11.91 -5.46
N PHE A 56 11.83 -11.68 -5.59
CA PHE A 56 12.80 -12.78 -5.54
C PHE A 56 12.80 -13.44 -4.16
N TRP A 57 12.58 -12.63 -3.12
CA TRP A 57 12.56 -13.14 -1.75
C TRP A 57 11.27 -13.94 -1.52
N ALA A 58 10.23 -13.61 -2.29
CA ALA A 58 8.93 -14.26 -2.15
C ALA A 58 8.98 -15.69 -2.69
N LEU A 59 10.03 -15.98 -3.45
CA LEU A 59 10.21 -17.28 -4.05
C LEU A 59 11.24 -18.10 -3.27
N GLU A 60 11.77 -17.52 -2.21
CA GLU A 60 12.82 -18.17 -1.44
C GLU A 60 12.25 -18.86 -0.19
N GLU A 61 12.91 -19.94 0.20
CA GLU A 61 12.54 -20.74 1.37
C GLU A 61 13.03 -20.07 2.66
N LEU A 62 13.25 -18.75 2.61
CA LEU A 62 13.69 -18.00 3.78
C LEU A 62 12.67 -18.12 4.90
N GLU A 63 13.15 -18.17 6.14
CA GLU A 63 12.26 -18.34 7.27
C GLU A 63 12.23 -17.09 8.14
N THR A 64 11.02 -16.57 8.33
CA THR A 64 10.80 -15.44 9.21
C THR A 64 9.55 -15.70 10.04
N PRO A 65 9.58 -15.40 11.34
CA PRO A 65 8.44 -15.60 12.23
C PRO A 65 7.41 -14.49 12.14
N ALA A 66 7.63 -13.56 11.22
CA ALA A 66 6.75 -12.42 11.05
C ALA A 66 5.75 -12.66 9.94
N LYS A 67 4.94 -11.64 9.67
CA LYS A 67 3.98 -11.73 8.57
C LYS A 67 4.58 -11.10 7.32
N VAL A 68 4.99 -11.96 6.41
CA VAL A 68 5.62 -11.52 5.18
C VAL A 68 4.61 -11.52 4.03
N TYR A 69 4.53 -10.40 3.34
CA TYR A 69 3.62 -10.25 2.21
C TYR A 69 4.41 -9.84 0.97
N ALA A 70 3.87 -10.10 -0.20
CA ALA A 70 4.50 -9.65 -1.44
C ALA A 70 3.46 -9.01 -2.35
N ILE A 71 3.84 -7.91 -2.99
CA ILE A 71 2.92 -7.19 -3.88
C ILE A 71 2.55 -8.08 -5.07
N LYS A 72 1.27 -8.44 -5.13
CA LYS A 72 0.78 -9.35 -6.15
C LYS A 72 0.72 -8.68 -7.51
N ASP A 73 0.28 -7.41 -7.54
CA ASP A 73 0.20 -6.66 -8.79
C ASP A 73 1.52 -6.68 -9.54
N ASP A 74 2.60 -6.40 -8.82
CA ASP A 74 3.93 -6.36 -9.40
C ASP A 74 4.40 -7.78 -9.71
N PHE A 75 4.05 -8.72 -8.84
CA PHE A 75 4.50 -10.10 -8.94
C PHE A 75 3.94 -10.75 -10.20
N LEU A 76 2.66 -10.52 -10.43
CA LEU A 76 1.96 -11.10 -11.57
C LEU A 76 2.39 -10.41 -12.86
N ALA A 77 2.72 -9.13 -12.76
CA ALA A 77 3.20 -8.37 -13.91
C ALA A 77 4.53 -8.91 -14.41
N ARG A 78 5.33 -9.43 -13.47
CA ARG A 78 6.65 -9.98 -13.78
C ARG A 78 6.52 -11.39 -14.35
N GLY A 79 5.31 -11.92 -14.35
CA GLY A 79 5.07 -13.23 -14.94
C GLY A 79 5.33 -14.37 -13.99
N TYR A 80 4.76 -14.29 -12.80
CA TYR A 80 4.90 -15.35 -11.81
C TYR A 80 3.53 -15.75 -11.25
N SER A 81 3.45 -16.93 -10.66
CA SER A 81 2.20 -17.43 -10.10
C SER A 81 2.23 -17.42 -8.58
N GLU A 82 1.06 -17.24 -7.96
CA GLU A 82 0.96 -17.14 -6.50
C GLU A 82 1.44 -18.40 -5.80
N GLU A 83 1.07 -19.55 -6.37
CA GLU A 83 1.42 -20.85 -5.79
C GLU A 83 2.93 -21.06 -5.80
N ASP A 84 3.59 -20.39 -6.75
CA ASP A 84 5.04 -20.52 -6.91
C ASP A 84 5.78 -19.86 -5.76
N SER A 85 5.11 -18.94 -5.08
CA SER A 85 5.70 -18.23 -3.95
C SER A 85 5.62 -19.05 -2.67
N LYS A 86 6.44 -18.71 -1.70
CA LYS A 86 6.33 -19.28 -0.36
C LYS A 86 5.48 -18.38 0.52
N VAL A 87 5.42 -17.11 0.16
CA VAL A 87 4.73 -16.11 0.96
C VAL A 87 3.38 -15.73 0.36
N PRO A 88 2.47 -15.19 1.18
CA PRO A 88 1.15 -14.74 0.71
C PRO A 88 1.24 -13.47 -0.15
N LEU A 89 0.56 -13.51 -1.28
CA LEU A 89 0.53 -12.38 -2.20
C LEU A 89 -0.67 -11.50 -1.90
N ILE A 90 -0.46 -10.20 -1.76
CA ILE A 90 -1.56 -9.27 -1.55
C ILE A 90 -1.60 -8.26 -2.69
N THR A 91 -2.77 -7.70 -2.94
CA THR A 91 -2.93 -6.75 -4.03
C THR A 91 -2.88 -5.34 -3.49
N TYR A 92 -2.83 -4.37 -4.39
CA TYR A 92 -2.80 -2.95 -4.03
C TYR A 92 -3.87 -2.62 -2.98
N SER A 93 -5.05 -3.20 -3.12
CA SER A 93 -6.13 -2.94 -2.16
C SER A 93 -5.81 -3.59 -0.83
N GLU A 94 -5.35 -4.82 -0.86
CA GLU A 94 -5.03 -5.55 0.36
C GLU A 94 -3.88 -4.89 1.11
N PHE A 95 -3.06 -4.14 0.37
CA PHE A 95 -2.02 -3.34 0.98
C PHE A 95 -2.67 -2.22 1.81
N ILE A 96 -3.66 -1.57 1.21
CA ILE A 96 -4.46 -0.57 1.91
C ILE A 96 -5.08 -1.17 3.18
N ASP A 97 -5.70 -2.33 3.00
CA ASP A 97 -6.39 -3.02 4.11
C ASP A 97 -5.40 -3.43 5.20
N LEU A 98 -4.18 -3.80 4.81
CA LEU A 98 -3.14 -4.17 5.76
C LEU A 98 -2.84 -2.99 6.68
N LEU A 99 -2.75 -1.81 6.09
CA LEU A 99 -2.25 -0.64 6.78
C LEU A 99 -3.31 -0.07 7.73
N GLU A 100 -4.57 -0.41 7.46
CA GLU A 100 -5.64 -0.08 8.39
C GLU A 100 -5.50 -0.94 9.63
N GLY A 101 -5.53 -2.26 9.42
CA GLY A 101 -5.46 -3.18 10.53
C GLY A 101 -6.39 -4.36 10.36
N GLU A 102 -7.68 -4.13 10.53
CA GLU A 102 -8.68 -5.20 10.47
C GLU A 102 -10.07 -4.69 10.84
N GLU A 103 -10.16 -4.05 11.99
CA GLU A 103 -11.44 -3.55 12.52
C GLU A 103 -12.03 -2.53 11.57
N LYS A 104 -11.17 -1.64 11.07
CA LYS A 104 -11.53 -0.64 10.08
C LYS A 104 -12.57 0.35 10.57
N PHE A 105 -13.78 0.29 10.01
CA PHE A 105 -14.75 1.36 10.16
C PHE A 105 -14.12 2.67 9.66
N ILE A 106 -13.15 2.49 8.76
CA ILE A 106 -12.35 3.59 8.24
C ILE A 106 -13.19 4.42 7.27
N GLY A 107 -14.32 3.84 6.85
CA GLY A 107 -15.24 4.50 5.96
C GLY A 107 -16.56 3.76 5.93
N MET B 21 -1.93 12.85 13.28
CA MET B 21 -1.70 12.08 12.03
C MET B 21 -2.58 10.84 12.01
N ALA B 22 -2.99 10.42 10.81
CA ALA B 22 -3.81 9.23 10.66
C ALA B 22 -3.83 8.76 9.21
N LEU B 23 -4.19 7.50 9.02
CA LEU B 23 -4.34 6.93 7.68
C LEU B 23 -5.82 6.74 7.40
N VAL B 24 -6.35 7.52 6.47
CA VAL B 24 -7.77 7.45 6.14
C VAL B 24 -7.95 6.79 4.78
N LEU B 25 -8.63 5.67 4.79
CA LEU B 25 -8.81 4.87 3.59
C LEU B 25 -10.23 4.95 3.09
N VAL B 26 -10.39 5.39 1.85
CA VAL B 26 -11.70 5.40 1.24
C VAL B 26 -11.76 4.36 0.13
N LYS B 27 -12.63 3.37 0.29
CA LYS B 27 -12.73 2.29 -0.68
C LYS B 27 -14.18 1.84 -0.82
N TYR B 28 -15.04 2.75 -1.24
CA TYR B 28 -16.44 2.45 -1.46
C TYR B 28 -16.91 3.16 -2.71
N GLY B 29 -16.74 4.47 -2.74
CA GLY B 29 -17.10 5.24 -3.90
C GLY B 29 -18.56 5.61 -3.88
N THR B 30 -18.89 6.66 -3.13
CA THR B 30 -20.26 7.18 -3.02
C THR B 30 -21.21 6.10 -2.51
N ASP B 31 -20.69 5.18 -1.71
CA ASP B 31 -21.49 4.10 -1.16
C ASP B 31 -21.89 4.45 0.27
N HIS B 32 -20.96 5.09 0.97
CA HIS B 32 -21.19 5.58 2.31
C HIS B 32 -21.13 7.10 2.30
N PRO B 33 -22.18 7.78 2.78
CA PRO B 33 -22.23 9.24 2.79
C PRO B 33 -21.13 9.86 3.67
N VAL B 34 -20.57 9.04 4.55
CA VAL B 34 -19.55 9.49 5.48
C VAL B 34 -18.18 9.63 4.80
N GLU B 35 -18.02 9.01 3.64
CA GLU B 35 -16.73 9.01 2.92
C GLU B 35 -16.17 10.42 2.73
N LYS B 36 -17.03 11.35 2.32
CA LYS B 36 -16.61 12.70 2.00
C LYS B 36 -16.06 13.43 3.22
N LEU B 37 -16.84 13.47 4.31
CA LEU B 37 -16.42 14.20 5.49
C LEU B 37 -15.36 13.40 6.29
N LYS B 38 -15.19 12.12 5.95
CA LYS B 38 -14.05 11.35 6.45
C LYS B 38 -12.76 11.99 5.95
N ILE B 39 -12.77 12.33 4.67
CA ILE B 39 -11.64 13.02 4.04
C ILE B 39 -11.44 14.39 4.68
N ARG B 40 -12.55 15.04 5.04
CA ARG B 40 -12.49 16.36 5.67
C ARG B 40 -12.00 16.26 7.11
N SER B 41 -12.12 15.07 7.71
CA SER B 41 -11.72 14.88 9.10
C SER B 41 -10.20 14.93 9.27
N ALA B 42 -9.50 14.82 8.15
CA ALA B 42 -8.04 14.91 8.15
C ALA B 42 -7.60 16.33 8.46
N LYS B 43 -6.55 16.46 9.25
CA LYS B 43 -6.12 17.76 9.75
C LYS B 43 -4.99 18.34 8.89
N ALA B 44 -3.90 17.58 8.79
CA ALA B 44 -2.73 18.04 8.05
C ALA B 44 -1.72 16.92 7.88
N GLU B 45 -1.40 16.27 8.98
CA GLU B 45 -0.41 15.19 8.98
C GLU B 45 -1.00 13.94 8.34
N ASP B 46 -2.33 13.90 8.37
CA ASP B 46 -3.08 12.72 7.96
C ASP B 46 -3.00 12.51 6.46
N LYS B 47 -3.19 11.27 6.04
CA LYS B 47 -3.20 10.93 4.63
C LYS B 47 -4.53 10.30 4.25
N ILE B 48 -5.10 10.76 3.15
CA ILE B 48 -6.35 10.21 2.65
C ILE B 48 -6.08 9.42 1.38
N VAL B 49 -6.39 8.14 1.40
CA VAL B 49 -6.12 7.28 0.26
C VAL B 49 -7.41 6.89 -0.45
N LEU B 50 -7.50 7.25 -1.72
CA LEU B 50 -8.61 6.81 -2.55
C LEU B 50 -8.25 5.50 -3.23
N ILE B 51 -8.89 4.43 -2.79
CA ILE B 51 -8.58 3.10 -3.28
C ILE B 51 -9.85 2.42 -3.80
N GLN B 52 -9.70 1.66 -4.89
CA GLN B 52 -10.83 1.03 -5.58
C GLN B 52 -11.80 2.10 -6.08
N ASN B 53 -13.10 1.88 -5.87
CA ASN B 53 -14.11 2.84 -6.31
C ASN B 53 -13.96 4.19 -5.59
N GLY B 54 -13.10 4.23 -4.59
CA GLY B 54 -12.84 5.47 -3.88
C GLY B 54 -12.22 6.52 -4.78
N VAL B 55 -11.64 6.08 -5.89
CA VAL B 55 -11.01 7.00 -6.85
C VAL B 55 -12.01 7.97 -7.45
N PHE B 56 -13.30 7.66 -7.35
CA PHE B 56 -14.35 8.53 -7.87
C PHE B 56 -14.36 9.85 -7.12
N TRP B 57 -13.87 9.85 -5.88
CA TRP B 57 -13.79 11.06 -5.07
C TRP B 57 -12.70 11.98 -5.59
N ALA B 58 -11.74 11.41 -6.32
CA ALA B 58 -10.63 12.19 -6.86
C ALA B 58 -11.10 13.15 -7.94
N LEU B 59 -12.34 12.94 -8.39
CA LEU B 59 -12.97 13.80 -9.38
C LEU B 59 -13.65 14.98 -8.68
N GLU B 60 -13.82 14.87 -7.38
CA GLU B 60 -14.46 15.89 -6.57
C GLU B 60 -13.40 16.83 -6.00
N GLU B 61 -13.81 18.03 -5.63
CA GLU B 61 -12.89 19.03 -5.08
C GLU B 61 -12.27 18.52 -3.78
N LEU B 62 -13.12 18.09 -2.86
CA LEU B 62 -12.68 17.55 -1.56
C LEU B 62 -11.88 18.58 -0.78
N GLU B 63 -12.54 19.24 0.14
CA GLU B 63 -11.88 20.25 0.96
C GLU B 63 -11.22 19.60 2.18
N THR B 64 -9.92 19.36 2.06
CA THR B 64 -9.14 18.82 3.15
C THR B 64 -7.80 19.55 3.25
N PRO B 65 -7.34 19.87 4.46
CA PRO B 65 -6.06 20.52 4.68
C PRO B 65 -4.90 19.52 4.76
N ALA B 66 -5.23 18.23 4.75
CA ALA B 66 -4.23 17.18 4.86
C ALA B 66 -3.74 16.72 3.49
N LYS B 67 -2.96 15.65 3.46
CA LYS B 67 -2.38 15.17 2.22
C LYS B 67 -3.21 14.04 1.63
N VAL B 68 -3.48 14.11 0.34
CA VAL B 68 -4.34 13.14 -0.31
C VAL B 68 -3.57 12.34 -1.35
N TYR B 69 -3.83 11.04 -1.39
CA TYR B 69 -3.23 10.14 -2.36
C TYR B 69 -4.31 9.25 -2.97
N ALA B 70 -4.31 9.12 -4.29
CA ALA B 70 -5.27 8.28 -4.97
C ALA B 70 -4.57 7.24 -5.82
N ILE B 71 -5.06 6.01 -5.77
CA ILE B 71 -4.44 4.91 -6.52
C ILE B 71 -4.59 5.15 -8.02
N LYS B 72 -3.46 5.37 -8.68
CA LYS B 72 -3.44 5.73 -10.09
C LYS B 72 -3.79 4.54 -10.97
N ASP B 73 -3.33 3.35 -10.60
CA ASP B 73 -3.53 2.15 -11.41
C ASP B 73 -5.02 1.82 -11.53
N ASP B 74 -5.71 1.81 -10.41
CA ASP B 74 -7.14 1.52 -10.39
C ASP B 74 -7.90 2.61 -11.12
N PHE B 75 -7.48 3.84 -10.89
CA PHE B 75 -8.07 5.01 -11.50
C PHE B 75 -8.00 4.93 -13.03
N LEU B 76 -6.81 4.62 -13.55
CA LEU B 76 -6.62 4.50 -14.98
C LEU B 76 -7.39 3.30 -15.54
N ALA B 77 -7.41 2.21 -14.78
CA ALA B 77 -8.09 0.98 -15.20
C ALA B 77 -9.60 1.19 -15.34
N ARG B 78 -10.12 2.20 -14.66
CA ARG B 78 -11.55 2.51 -14.75
C ARG B 78 -11.82 3.51 -15.88
N GLY B 79 -10.78 3.83 -16.64
CA GLY B 79 -10.94 4.68 -17.80
C GLY B 79 -10.93 6.15 -17.44
N TYR B 80 -10.04 6.55 -16.55
CA TYR B 80 -9.93 7.95 -16.17
C TYR B 80 -8.49 8.44 -16.32
N SER B 81 -8.33 9.70 -16.68
CA SER B 81 -7.02 10.29 -16.84
C SER B 81 -6.67 11.14 -15.61
N GLU B 82 -5.38 11.36 -15.38
CA GLU B 82 -4.92 12.13 -14.23
C GLU B 82 -5.45 13.57 -14.27
N GLU B 83 -5.77 14.02 -15.48
CA GLU B 83 -6.29 15.37 -15.70
C GLU B 83 -7.63 15.55 -14.98
N ASP B 84 -8.37 14.45 -14.83
CA ASP B 84 -9.68 14.50 -14.20
C ASP B 84 -9.58 14.64 -12.69
N SER B 85 -8.43 14.28 -12.14
CA SER B 85 -8.24 14.29 -10.70
C SER B 85 -7.84 15.67 -10.18
N LYS B 86 -8.36 16.02 -9.02
CA LYS B 86 -7.95 17.24 -8.33
C LYS B 86 -6.82 16.92 -7.35
N VAL B 87 -6.72 15.64 -7.00
CA VAL B 87 -5.72 15.19 -6.04
C VAL B 87 -4.60 14.43 -6.75
N PRO B 88 -3.44 14.25 -6.07
CA PRO B 88 -2.29 13.53 -6.64
C PRO B 88 -2.54 12.04 -6.79
N LEU B 89 -2.04 11.47 -7.88
CA LEU B 89 -2.20 10.05 -8.17
C LEU B 89 -0.87 9.33 -7.95
N ILE B 90 -0.90 8.19 -7.26
CA ILE B 90 0.32 7.41 -7.03
C ILE B 90 0.10 5.95 -7.38
N THR B 91 1.20 5.25 -7.58
CA THR B 91 1.17 3.84 -7.91
C THR B 91 1.49 2.99 -6.69
N TYR B 92 1.33 1.67 -6.82
CA TYR B 92 1.62 0.75 -5.72
C TYR B 92 3.01 0.97 -5.16
N SER B 93 3.97 1.23 -6.03
CA SER B 93 5.37 1.44 -5.64
C SER B 93 5.47 2.60 -4.66
N GLU B 94 4.73 3.65 -4.94
CA GLU B 94 4.78 4.87 -4.16
C GLU B 94 4.09 4.71 -2.82
N PHE B 95 3.18 3.75 -2.71
CA PHE B 95 2.52 3.48 -1.44
C PHE B 95 3.51 2.82 -0.49
N ILE B 96 4.31 1.91 -1.02
CA ILE B 96 5.42 1.34 -0.26
C ILE B 96 6.38 2.46 0.14
N ASP B 97 6.61 3.38 -0.77
CA ASP B 97 7.64 4.39 -0.61
C ASP B 97 7.36 5.33 0.56
N LEU B 98 6.15 5.87 0.66
CA LEU B 98 5.85 6.82 1.75
C LEU B 98 5.66 6.08 3.06
N LEU B 99 5.21 4.83 2.99
CA LEU B 99 5.12 3.98 4.16
C LEU B 99 6.52 3.56 4.61
N GLU B 100 7.48 3.69 3.71
CA GLU B 100 8.85 3.27 3.96
C GLU B 100 9.69 4.39 4.57
N GLY B 101 9.76 5.53 3.86
CA GLY B 101 10.64 6.60 4.27
C GLY B 101 10.03 7.57 5.27
N GLU B 102 9.98 8.84 4.89
CA GLU B 102 9.52 9.93 5.75
C GLU B 102 10.49 10.17 6.92
N GLU B 103 10.23 9.53 8.05
CA GLU B 103 11.04 9.72 9.24
C GLU B 103 10.73 8.63 10.26
N LYS B 104 11.16 7.42 9.96
CA LYS B 104 10.90 6.27 10.83
C LYS B 104 11.84 5.12 10.54
N PHE B 105 11.82 4.12 11.40
CA PHE B 105 12.73 2.99 11.29
C PHE B 105 12.08 1.83 10.56
N ILE B 106 12.24 1.82 9.24
CA ILE B 106 11.76 0.72 8.42
C ILE B 106 12.93 -0.22 8.11
N GLY B 107 14.13 0.33 8.12
CA GLY B 107 15.32 -0.44 7.91
C GLY B 107 16.57 0.37 8.18
N MET A 21 10.13 -3.28 12.85
CA MET A 21 9.29 -2.57 13.84
C MET A 21 7.95 -2.19 13.23
N ALA A 22 6.99 -3.12 13.37
CA ALA A 22 5.63 -2.95 12.86
C ALA A 22 5.59 -3.00 11.33
N LEU A 23 6.14 -1.99 10.68
CA LEU A 23 6.12 -1.89 9.23
C LEU A 23 7.52 -2.13 8.66
N VAL A 24 7.70 -3.26 8.00
CA VAL A 24 8.98 -3.56 7.36
C VAL A 24 8.78 -3.65 5.85
N LEU A 25 9.43 -2.75 5.13
CA LEU A 25 9.30 -2.70 3.67
C LEU A 25 10.59 -3.16 3.01
N VAL A 26 10.49 -4.20 2.19
CA VAL A 26 11.63 -4.69 1.41
C VAL A 26 11.39 -4.38 -0.06
N LYS A 27 12.25 -3.56 -0.65
CA LYS A 27 11.97 -3.06 -1.99
C LYS A 27 13.21 -2.70 -2.80
N TYR A 28 14.06 -3.69 -3.11
CA TYR A 28 15.05 -3.54 -4.16
C TYR A 28 15.83 -4.82 -4.42
N GLY A 29 16.74 -4.74 -5.38
CA GLY A 29 17.38 -5.91 -5.95
C GLY A 29 18.06 -6.82 -4.95
N THR A 30 18.20 -8.07 -5.37
CA THR A 30 18.81 -9.13 -4.56
C THR A 30 20.32 -8.94 -4.41
N ASP A 31 20.83 -7.87 -5.03
CA ASP A 31 22.25 -7.54 -4.99
C ASP A 31 22.70 -7.20 -3.56
N HIS A 32 21.77 -6.76 -2.74
CA HIS A 32 22.07 -6.44 -1.34
C HIS A 32 21.24 -7.32 -0.40
N PRO A 33 21.89 -8.32 0.23
CA PRO A 33 21.23 -9.26 1.14
C PRO A 33 20.68 -8.61 2.41
N VAL A 34 20.98 -7.33 2.59
CA VAL A 34 20.50 -6.58 3.75
C VAL A 34 18.97 -6.59 3.82
N GLU A 35 18.32 -6.59 2.67
CA GLU A 35 16.87 -6.68 2.61
C GLU A 35 16.37 -7.93 3.32
N LYS A 36 17.10 -9.02 3.14
CA LYS A 36 16.72 -10.30 3.70
C LYS A 36 16.96 -10.33 5.21
N LEU A 37 17.97 -9.62 5.69
CA LEU A 37 18.23 -9.60 7.12
C LEU A 37 17.21 -8.69 7.84
N LYS A 38 16.57 -7.79 7.08
CA LYS A 38 15.47 -7.01 7.63
C LYS A 38 14.26 -7.92 7.82
N ILE A 39 14.07 -8.82 6.88
CA ILE A 39 13.02 -9.84 6.99
C ILE A 39 13.27 -10.73 8.20
N ARG A 40 14.55 -10.97 8.47
CA ARG A 40 14.96 -11.76 9.62
C ARG A 40 14.73 -10.99 10.91
N SER A 41 15.07 -9.70 10.91
CA SER A 41 15.00 -8.88 12.11
C SER A 41 13.60 -8.32 12.32
N ALA A 42 12.65 -9.20 12.55
CA ALA A 42 11.27 -8.81 12.80
C ALA A 42 10.69 -9.67 13.92
N LYS A 43 9.66 -9.15 14.59
CA LYS A 43 9.02 -9.87 15.68
C LYS A 43 7.71 -10.47 15.19
N ALA A 44 6.99 -11.12 16.10
CA ALA A 44 5.72 -11.75 15.75
C ALA A 44 4.58 -10.74 15.64
N GLU A 45 4.94 -9.46 15.57
CA GLU A 45 3.96 -8.39 15.46
C GLU A 45 4.20 -7.57 14.20
N ASP A 46 5.29 -7.85 13.50
CA ASP A 46 5.70 -7.07 12.36
C ASP A 46 5.01 -7.51 11.09
N LYS A 47 4.99 -6.63 10.11
CA LYS A 47 4.53 -6.96 8.76
C LYS A 47 5.64 -6.63 7.78
N ILE A 48 5.91 -7.56 6.88
CA ILE A 48 7.01 -7.42 5.93
C ILE A 48 6.49 -7.47 4.51
N VAL A 49 6.72 -6.40 3.77
CA VAL A 49 6.19 -6.27 2.42
C VAL A 49 7.27 -6.44 1.36
N LEU A 50 7.00 -7.33 0.41
CA LEU A 50 7.87 -7.53 -0.74
C LEU A 50 7.30 -6.79 -1.94
N ILE A 51 8.07 -5.85 -2.46
CA ILE A 51 7.64 -5.00 -3.56
C ILE A 51 8.81 -4.68 -4.49
N GLN A 52 8.52 -4.63 -5.80
CA GLN A 52 9.53 -4.34 -6.83
C GLN A 52 10.49 -5.51 -6.97
N ASN A 53 11.79 -5.25 -6.95
CA ASN A 53 12.76 -6.33 -7.05
C ASN A 53 12.83 -7.10 -5.73
N GLY A 54 12.09 -6.61 -4.73
CA GLY A 54 12.02 -7.28 -3.45
C GLY A 54 11.27 -8.60 -3.55
N VAL A 55 10.53 -8.79 -4.64
CA VAL A 55 9.76 -10.00 -4.85
C VAL A 55 10.66 -11.22 -5.03
N PHE A 56 11.92 -11.00 -5.35
CA PHE A 56 12.88 -12.10 -5.52
C PHE A 56 13.17 -12.77 -4.19
N TRP A 57 13.07 -12.01 -3.11
CA TRP A 57 13.31 -12.55 -1.77
C TRP A 57 12.17 -13.47 -1.37
N ALA A 58 11.02 -13.28 -2.01
CA ALA A 58 9.83 -14.09 -1.73
C ALA A 58 9.96 -15.49 -2.30
N LEU A 59 10.97 -15.70 -3.13
CA LEU A 59 11.18 -16.99 -3.78
C LEU A 59 12.26 -17.79 -3.06
N GLU A 60 12.62 -17.36 -1.86
CA GLU A 60 13.67 -18.01 -1.09
C GLU A 60 13.11 -18.93 -0.01
N GLU A 61 14.02 -19.51 0.77
CA GLU A 61 13.68 -20.45 1.82
C GLU A 61 13.46 -19.70 3.14
N LEU A 62 13.60 -18.38 3.11
CA LEU A 62 13.51 -17.57 4.32
C LEU A 62 12.17 -17.71 5.02
N GLU A 63 12.22 -17.90 6.34
CA GLU A 63 11.03 -17.97 7.15
C GLU A 63 11.11 -16.96 8.29
N THR A 64 10.05 -16.21 8.46
CA THR A 64 9.98 -15.17 9.48
C THR A 64 8.66 -15.27 10.23
N PRO A 65 8.67 -14.99 11.55
CA PRO A 65 7.46 -15.03 12.38
C PRO A 65 6.49 -13.90 12.04
N ALA A 66 7.01 -12.85 11.41
CA ALA A 66 6.22 -11.69 11.06
C ALA A 66 5.31 -11.97 9.87
N LYS A 67 4.29 -11.14 9.68
CA LYS A 67 3.37 -11.31 8.57
C LYS A 67 4.05 -10.90 7.28
N VAL A 68 4.39 -11.87 6.45
CA VAL A 68 5.09 -11.59 5.22
C VAL A 68 4.10 -11.54 4.05
N TYR A 69 4.08 -10.40 3.37
CA TYR A 69 3.14 -10.14 2.30
C TYR A 69 3.85 -9.60 1.07
N ALA A 70 3.47 -10.09 -0.10
CA ALA A 70 4.03 -9.59 -1.36
C ALA A 70 2.92 -9.16 -2.30
N ILE A 71 3.11 -8.00 -2.94
CA ILE A 71 2.12 -7.43 -3.84
C ILE A 71 1.91 -8.33 -5.06
N LYS A 72 0.71 -8.91 -5.20
CA LYS A 72 0.43 -9.77 -6.35
C LYS A 72 0.51 -9.00 -7.65
N ASP A 73 -0.03 -7.78 -7.68
CA ASP A 73 -0.01 -6.98 -8.89
C ASP A 73 1.42 -6.79 -9.38
N ASP A 74 2.30 -6.43 -8.46
CA ASP A 74 3.69 -6.15 -8.76
C ASP A 74 4.44 -7.43 -9.13
N PHE A 75 4.14 -8.52 -8.42
CA PHE A 75 4.84 -9.78 -8.61
C PHE A 75 4.41 -10.47 -9.90
N LEU A 76 3.10 -10.51 -10.12
CA LEU A 76 2.54 -11.20 -11.28
C LEU A 76 2.88 -10.46 -12.57
N ALA A 77 3.03 -9.13 -12.47
CA ALA A 77 3.38 -8.32 -13.63
C ALA A 77 4.79 -8.62 -14.13
N ARG A 78 5.59 -9.26 -13.29
CA ARG A 78 6.96 -9.60 -13.65
C ARG A 78 7.00 -10.88 -14.49
N GLY A 79 5.87 -11.56 -14.58
CA GLY A 79 5.82 -12.79 -15.33
C GLY A 79 6.09 -14.01 -14.46
N TYR A 80 5.63 -13.94 -13.22
CA TYR A 80 5.80 -15.05 -12.29
C TYR A 80 4.44 -15.50 -11.77
N SER A 81 4.43 -16.52 -10.92
CA SER A 81 3.20 -17.01 -10.35
C SER A 81 3.39 -17.36 -8.86
N GLU A 82 2.29 -17.30 -8.11
CA GLU A 82 2.31 -17.58 -6.67
C GLU A 82 2.82 -18.98 -6.38
N GLU A 83 2.67 -19.85 -7.38
CA GLU A 83 3.03 -21.26 -7.25
C GLU A 83 4.52 -21.43 -6.92
N ASP A 84 5.34 -20.47 -7.33
CA ASP A 84 6.78 -20.58 -7.16
C ASP A 84 7.25 -19.90 -5.87
N SER A 85 6.38 -19.11 -5.27
CA SER A 85 6.72 -18.36 -4.06
C SER A 85 6.55 -19.23 -2.82
N LYS A 86 7.29 -18.91 -1.77
CA LYS A 86 7.17 -19.61 -0.50
C LYS A 86 6.33 -18.77 0.48
N VAL A 87 6.22 -17.48 0.20
CA VAL A 87 5.47 -16.59 1.08
C VAL A 87 4.07 -16.33 0.52
N PRO A 88 3.12 -15.94 1.38
CA PRO A 88 1.74 -15.66 0.97
C PRO A 88 1.62 -14.42 0.10
N LEU A 89 0.98 -14.57 -1.05
CA LEU A 89 0.72 -13.45 -1.94
C LEU A 89 -0.66 -12.87 -1.67
N ILE A 90 -0.75 -11.55 -1.59
CA ILE A 90 -2.03 -10.89 -1.39
C ILE A 90 -2.24 -9.84 -2.49
N THR A 91 -3.45 -9.34 -2.58
CA THR A 91 -3.77 -8.39 -3.64
C THR A 91 -3.70 -6.98 -3.09
N TYR A 92 -3.70 -5.99 -3.98
CA TYR A 92 -3.65 -4.59 -3.56
C TYR A 92 -4.83 -4.27 -2.64
N SER A 93 -5.93 -4.97 -2.87
CA SER A 93 -7.11 -4.83 -2.04
C SER A 93 -6.80 -5.18 -0.59
N GLU A 94 -6.05 -6.26 -0.39
CA GLU A 94 -5.73 -6.74 0.95
C GLU A 94 -4.56 -5.97 1.55
N PHE A 95 -3.72 -5.39 0.69
CA PHE A 95 -2.61 -4.56 1.16
C PHE A 95 -3.16 -3.32 1.86
N ILE A 96 -4.17 -2.72 1.25
CA ILE A 96 -4.90 -1.62 1.88
C ILE A 96 -5.62 -2.10 3.13
N ASP A 97 -6.20 -3.29 3.04
CA ASP A 97 -6.95 -3.89 4.16
C ASP A 97 -6.03 -4.06 5.37
N LEU A 98 -4.79 -4.45 5.12
CA LEU A 98 -3.75 -4.54 6.14
C LEU A 98 -3.54 -3.18 6.81
N LEU A 99 -3.34 -2.16 5.99
CA LEU A 99 -3.04 -0.82 6.47
C LEU A 99 -4.19 -0.21 7.25
N GLU A 100 -5.39 -0.76 7.05
CA GLU A 100 -6.55 -0.35 7.82
C GLU A 100 -6.50 -0.91 9.24
N GLY A 101 -5.34 -1.42 9.62
CA GLY A 101 -5.12 -1.88 10.98
C GLY A 101 -5.09 -3.39 11.08
N GLU A 102 -5.35 -4.06 9.97
CA GLU A 102 -5.41 -5.53 9.88
C GLU A 102 -6.66 -6.06 10.60
N GLU A 103 -7.12 -5.31 11.60
CA GLU A 103 -8.38 -5.55 12.26
C GLU A 103 -9.52 -5.01 11.39
N LYS A 104 -9.13 -4.16 10.44
CA LYS A 104 -10.06 -3.53 9.52
C LYS A 104 -10.94 -2.51 10.25
N PHE A 105 -12.08 -2.21 9.67
CA PHE A 105 -12.96 -1.13 10.13
C PHE A 105 -12.26 0.22 10.07
N ILE A 106 -12.28 0.82 8.89
CA ILE A 106 -11.76 2.17 8.72
C ILE A 106 -12.94 3.12 8.54
N GLY A 107 -14.12 2.54 8.50
CA GLY A 107 -15.34 3.30 8.32
C GLY A 107 -16.09 2.82 7.10
N MET B 21 -0.33 10.38 14.02
CA MET B 21 -0.37 10.05 12.57
C MET B 21 -1.18 8.79 12.32
N ALA B 22 -1.89 8.76 11.20
CA ALA B 22 -2.60 7.58 10.75
C ALA B 22 -2.82 7.67 9.25
N LEU B 23 -3.54 6.72 8.69
CA LEU B 23 -3.90 6.80 7.29
C LEU B 23 -5.37 6.53 7.12
N VAL B 24 -6.00 7.28 6.23
CA VAL B 24 -7.40 7.12 5.94
C VAL B 24 -7.56 6.51 4.55
N LEU B 25 -8.10 5.31 4.52
CA LEU B 25 -8.24 4.57 3.28
C LEU B 25 -9.70 4.52 2.86
N VAL B 26 -10.01 5.16 1.74
CA VAL B 26 -11.38 5.17 1.27
C VAL B 26 -11.52 4.27 0.06
N LYS B 27 -12.35 3.24 0.21
CA LYS B 27 -12.68 2.35 -0.88
C LYS B 27 -14.18 2.12 -0.90
N TYR B 28 -14.89 3.21 -1.17
CA TYR B 28 -16.33 3.24 -1.19
C TYR B 28 -16.76 4.16 -2.30
N GLY B 29 -17.59 3.65 -3.18
CA GLY B 29 -18.08 4.43 -4.32
C GLY B 29 -19.04 5.51 -3.91
N THR B 30 -18.55 6.48 -3.13
CA THR B 30 -19.34 7.60 -2.66
C THR B 30 -20.57 7.10 -1.89
N ASP B 31 -20.39 5.99 -1.18
CA ASP B 31 -21.48 5.33 -0.48
C ASP B 31 -21.77 5.99 0.87
N HIS B 32 -20.72 6.40 1.56
CA HIS B 32 -20.89 7.02 2.88
C HIS B 32 -20.70 8.53 2.80
N PRO B 33 -21.67 9.29 3.31
CA PRO B 33 -21.51 10.74 3.49
C PRO B 33 -20.45 11.05 4.54
N VAL B 34 -20.18 10.06 5.39
CA VAL B 34 -19.20 10.21 6.46
C VAL B 34 -17.77 10.27 5.91
N GLU B 35 -17.58 9.76 4.68
CA GLU B 35 -16.25 9.80 4.06
C GLU B 35 -15.82 11.25 3.86
N LYS B 36 -16.80 12.12 3.65
CA LYS B 36 -16.56 13.55 3.45
C LYS B 36 -15.74 14.12 4.60
N LEU B 37 -16.29 14.06 5.80
CA LEU B 37 -15.65 14.68 6.95
C LEU B 37 -14.43 13.87 7.43
N LYS B 38 -14.29 12.62 6.97
CA LYS B 38 -13.06 11.88 7.21
C LYS B 38 -11.89 12.63 6.60
N ILE B 39 -12.08 13.03 5.34
CA ILE B 39 -11.07 13.76 4.61
C ILE B 39 -11.07 15.24 4.99
N ARG B 40 -12.26 15.82 5.05
CA ARG B 40 -12.43 17.25 5.31
C ARG B 40 -11.94 17.65 6.69
N SER B 41 -11.99 16.72 7.65
CA SER B 41 -11.61 17.02 9.01
C SER B 41 -10.54 16.06 9.52
N ALA B 42 -9.46 15.95 8.75
CA ALA B 42 -8.30 15.15 9.16
C ALA B 42 -7.18 16.07 9.63
N LYS B 43 -6.04 15.48 9.99
CA LYS B 43 -4.90 16.27 10.43
C LYS B 43 -3.78 16.18 9.40
N ALA B 44 -2.77 17.04 9.55
CA ALA B 44 -1.65 17.09 8.63
C ALA B 44 -0.71 15.91 8.88
N GLU B 45 -0.99 15.16 9.94
CA GLU B 45 -0.21 13.98 10.28
C GLU B 45 -0.69 12.77 9.48
N ASP B 46 -1.93 12.84 9.01
CA ASP B 46 -2.56 11.70 8.39
C ASP B 46 -2.34 11.68 6.88
N LYS B 47 -2.42 10.50 6.31
CA LYS B 47 -2.34 10.33 4.87
C LYS B 47 -3.63 9.68 4.39
N ILE B 48 -4.21 10.22 3.34
CA ILE B 48 -5.48 9.72 2.85
C ILE B 48 -5.32 9.17 1.44
N VAL B 49 -5.75 7.93 1.22
CA VAL B 49 -5.58 7.32 -0.09
C VAL B 49 -6.93 6.83 -0.63
N LEU B 50 -7.23 7.24 -1.86
CA LEU B 50 -8.42 6.76 -2.54
C LEU B 50 -8.09 5.49 -3.32
N ILE B 51 -8.73 4.40 -2.94
CA ILE B 51 -8.45 3.10 -3.54
C ILE B 51 -9.74 2.47 -4.10
N GLN B 52 -9.62 1.85 -5.27
CA GLN B 52 -10.73 1.17 -5.93
C GLN B 52 -11.87 2.14 -6.24
N ASN B 53 -12.95 2.06 -5.46
CA ASN B 53 -14.09 2.94 -5.67
C ASN B 53 -13.80 4.33 -5.13
N GLY B 54 -12.65 4.48 -4.51
CA GLY B 54 -12.19 5.77 -4.05
C GLY B 54 -11.96 6.73 -5.20
N VAL B 55 -11.87 6.19 -6.42
CA VAL B 55 -11.64 6.99 -7.61
C VAL B 55 -12.72 8.06 -7.80
N PHE B 56 -13.91 7.84 -7.24
CA PHE B 56 -14.99 8.81 -7.36
C PHE B 56 -14.65 10.09 -6.61
N TRP B 57 -13.84 9.95 -5.58
CA TRP B 57 -13.46 11.07 -4.74
C TRP B 57 -12.29 11.82 -5.37
N ALA B 58 -11.58 11.15 -6.27
CA ALA B 58 -10.45 11.76 -6.97
C ALA B 58 -10.95 12.80 -7.97
N LEU B 59 -12.26 12.79 -8.20
CA LEU B 59 -12.86 13.70 -9.15
C LEU B 59 -13.53 14.87 -8.41
N GLU B 60 -13.34 14.91 -7.09
CA GLU B 60 -13.92 15.96 -6.27
C GLU B 60 -12.88 17.00 -5.88
N GLU B 61 -13.32 17.97 -5.08
CA GLU B 61 -12.43 19.01 -4.59
C GLU B 61 -11.60 18.49 -3.42
N LEU B 62 -12.29 18.15 -2.33
CA LEU B 62 -11.68 17.59 -1.12
C LEU B 62 -10.45 18.38 -0.66
N GLU B 63 -10.69 19.43 0.11
CA GLU B 63 -9.59 20.19 0.70
C GLU B 63 -9.29 19.65 2.08
N THR B 64 -8.08 19.13 2.25
CA THR B 64 -7.69 18.53 3.50
C THR B 64 -6.27 18.95 3.87
N PRO B 65 -5.99 19.12 5.17
CA PRO B 65 -4.63 19.38 5.66
C PRO B 65 -3.77 18.11 5.59
N ALA B 66 -4.44 16.97 5.40
CA ALA B 66 -3.76 15.70 5.30
C ALA B 66 -3.13 15.54 3.93
N LYS B 67 -2.38 14.46 3.75
CA LYS B 67 -1.74 14.18 2.47
C LYS B 67 -2.56 13.15 1.71
N VAL B 68 -3.30 13.62 0.72
CA VAL B 68 -4.24 12.78 -0.01
C VAL B 68 -3.65 12.32 -1.35
N TYR B 69 -3.83 11.04 -1.66
CA TYR B 69 -3.37 10.46 -2.90
C TYR B 69 -4.42 9.47 -3.43
N ALA B 70 -4.35 9.14 -4.71
CA ALA B 70 -5.26 8.15 -5.30
C ALA B 70 -4.49 7.13 -6.12
N ILE B 71 -4.95 5.88 -6.11
CA ILE B 71 -4.26 4.82 -6.83
C ILE B 71 -4.36 5.03 -8.34
N LYS B 72 -3.22 5.28 -8.96
CA LYS B 72 -3.14 5.66 -10.36
C LYS B 72 -3.50 4.49 -11.28
N ASP B 73 -2.88 3.34 -11.04
CA ASP B 73 -3.07 2.17 -11.91
C ASP B 73 -4.52 1.69 -11.87
N ASP B 74 -5.05 1.57 -10.67
CA ASP B 74 -6.42 1.09 -10.46
C ASP B 74 -7.42 2.10 -11.05
N PHE B 75 -7.11 3.38 -10.90
CA PHE B 75 -7.90 4.47 -11.47
C PHE B 75 -7.97 4.35 -12.99
N LEU B 76 -6.81 4.22 -13.62
CA LEU B 76 -6.73 4.17 -15.07
C LEU B 76 -7.29 2.86 -15.62
N ALA B 77 -7.43 1.87 -14.75
CA ALA B 77 -7.96 0.56 -15.15
C ALA B 77 -9.41 0.65 -15.62
N ARG B 78 -10.12 1.67 -15.16
CA ARG B 78 -11.52 1.85 -15.57
C ARG B 78 -11.63 2.77 -16.79
N GLY B 79 -10.49 3.12 -17.36
CA GLY B 79 -10.49 3.95 -18.55
C GLY B 79 -10.67 5.42 -18.25
N TYR B 80 -10.39 5.82 -17.02
CA TYR B 80 -10.44 7.24 -16.65
C TYR B 80 -9.21 7.97 -17.20
N SER B 81 -9.20 9.29 -17.06
CA SER B 81 -8.07 10.08 -17.50
C SER B 81 -7.43 10.78 -16.31
N GLU B 82 -6.11 10.87 -16.32
CA GLU B 82 -5.35 11.53 -15.26
C GLU B 82 -5.69 13.01 -15.21
N GLU B 83 -6.20 13.52 -16.32
CA GLU B 83 -6.58 14.93 -16.45
C GLU B 83 -7.73 15.26 -15.50
N ASP B 84 -8.59 14.28 -15.25
CA ASP B 84 -9.80 14.48 -14.45
C ASP B 84 -9.45 14.61 -12.97
N SER B 85 -8.43 13.89 -12.54
CA SER B 85 -8.07 13.85 -11.13
C SER B 85 -7.58 15.20 -10.62
N LYS B 86 -8.13 15.61 -9.48
CA LYS B 86 -7.68 16.82 -8.80
C LYS B 86 -6.65 16.46 -7.75
N VAL B 87 -6.64 15.19 -7.34
CA VAL B 87 -5.69 14.70 -6.35
C VAL B 87 -4.52 14.00 -7.02
N PRO B 88 -3.37 13.90 -6.33
CA PRO B 88 -2.18 13.22 -6.87
C PRO B 88 -2.37 11.71 -7.02
N LEU B 89 -1.92 11.18 -8.14
CA LEU B 89 -2.04 9.75 -8.43
C LEU B 89 -0.72 9.04 -8.14
N ILE B 90 -0.78 7.93 -7.42
CA ILE B 90 0.42 7.14 -7.13
C ILE B 90 0.20 5.68 -7.53
N THR B 91 1.28 4.95 -7.73
CA THR B 91 1.20 3.55 -8.10
C THR B 91 1.46 2.67 -6.88
N TYR B 92 1.29 1.36 -7.04
CA TYR B 92 1.54 0.41 -5.95
C TYR B 92 2.93 0.61 -5.36
N SER B 93 3.90 0.83 -6.23
CA SER B 93 5.27 1.14 -5.81
C SER B 93 5.28 2.33 -4.84
N GLU B 94 4.57 3.37 -5.23
CA GLU B 94 4.53 4.59 -4.44
C GLU B 94 3.71 4.40 -3.17
N PHE B 95 2.83 3.40 -3.18
CA PHE B 95 2.01 3.10 -2.02
C PHE B 95 2.88 2.59 -0.88
N ILE B 96 3.87 1.79 -1.22
CA ILE B 96 4.84 1.36 -0.23
C ILE B 96 5.72 2.55 0.20
N ASP B 97 6.04 3.40 -0.77
CA ASP B 97 6.91 4.56 -0.52
C ASP B 97 6.30 5.52 0.50
N LEU B 98 5.02 5.89 0.32
CA LEU B 98 4.39 6.80 1.28
C LEU B 98 3.95 6.05 2.53
N LEU B 99 3.88 4.73 2.43
CA LEU B 99 3.54 3.90 3.56
C LEU B 99 4.54 4.13 4.68
N GLU B 100 5.80 4.27 4.30
CA GLU B 100 6.79 4.76 5.23
C GLU B 100 6.62 6.28 5.32
N GLY B 101 6.73 6.95 4.17
CA GLY B 101 6.23 8.32 4.02
C GLY B 101 7.06 9.41 4.67
N GLU B 102 7.51 9.18 5.89
CA GLU B 102 8.14 10.24 6.68
C GLU B 102 9.45 10.70 6.07
N GLU B 103 10.14 9.79 5.41
CA GLU B 103 11.43 10.07 4.79
C GLU B 103 11.91 8.83 4.06
N LYS B 104 11.55 7.69 4.63
CA LYS B 104 11.87 6.37 4.10
C LYS B 104 13.33 6.04 4.25
N PHE B 105 13.65 5.55 5.44
CA PHE B 105 14.96 5.01 5.73
C PHE B 105 14.90 3.49 5.63
N ILE B 106 13.67 3.01 5.45
CA ILE B 106 13.39 1.58 5.36
C ILE B 106 14.17 0.93 4.22
N GLY B 107 14.38 1.68 3.15
CA GLY B 107 15.10 1.17 2.00
C GLY B 107 14.56 1.75 0.71
N MET A 21 3.82 0.23 15.97
CA MET A 21 3.49 -0.90 15.07
C MET A 21 4.76 -1.58 14.58
N ALA A 22 4.60 -2.58 13.72
CA ALA A 22 5.73 -3.27 13.12
C ALA A 22 5.51 -3.39 11.61
N LEU A 23 6.19 -2.53 10.87
CA LEU A 23 6.02 -2.43 9.43
C LEU A 23 7.37 -2.44 8.73
N VAL A 24 7.71 -3.58 8.15
CA VAL A 24 8.99 -3.74 7.49
C VAL A 24 8.81 -3.85 5.98
N LEU A 25 9.37 -2.88 5.27
CA LEU A 25 9.22 -2.78 3.83
C LEU A 25 10.52 -3.17 3.12
N VAL A 26 10.41 -4.07 2.14
CA VAL A 26 11.58 -4.52 1.40
C VAL A 26 11.36 -4.34 -0.10
N LYS A 27 12.23 -3.55 -0.73
CA LYS A 27 12.20 -3.37 -2.18
C LYS A 27 13.61 -3.17 -2.73
N TYR A 28 14.38 -4.23 -2.72
CA TYR A 28 15.73 -4.22 -3.27
C TYR A 28 16.00 -5.52 -3.99
N GLY A 29 16.92 -5.47 -4.93
CA GLY A 29 17.27 -6.65 -5.67
C GLY A 29 17.98 -7.66 -4.81
N THR A 30 18.02 -8.88 -5.28
CA THR A 30 18.73 -9.96 -4.60
C THR A 30 20.24 -9.75 -4.68
N ASP A 31 20.69 -8.69 -4.04
CA ASP A 31 22.08 -8.28 -4.06
C ASP A 31 22.39 -7.49 -2.79
N HIS A 32 21.45 -6.65 -2.40
CA HIS A 32 21.55 -5.91 -1.15
C HIS A 32 21.29 -6.87 0.02
N PRO A 33 22.34 -7.24 0.75
CA PRO A 33 22.29 -8.36 1.71
C PRO A 33 21.56 -8.05 3.00
N VAL A 34 21.54 -6.78 3.41
CA VAL A 34 21.01 -6.41 4.72
C VAL A 34 19.51 -6.74 4.85
N GLU A 35 18.80 -6.71 3.73
CA GLU A 35 17.37 -7.05 3.72
C GLU A 35 17.14 -8.49 4.17
N LYS A 36 18.06 -9.37 3.84
CA LYS A 36 17.89 -10.79 4.11
C LYS A 36 17.86 -11.07 5.61
N LEU A 37 18.86 -10.58 6.34
CA LEU A 37 18.91 -10.84 7.77
C LEU A 37 17.90 -9.96 8.52
N LYS A 38 17.41 -8.90 7.88
CA LYS A 38 16.34 -8.11 8.47
C LYS A 38 15.04 -8.91 8.48
N ILE A 39 14.78 -9.61 7.37
CA ILE A 39 13.62 -10.48 7.28
C ILE A 39 13.78 -11.67 8.23
N ARG A 40 15.00 -12.14 8.36
CA ARG A 40 15.31 -13.24 9.27
C ARG A 40 15.14 -12.83 10.73
N SER A 41 15.58 -11.61 11.06
CA SER A 41 15.55 -11.13 12.43
C SER A 41 14.23 -10.40 12.71
N ALA A 42 13.21 -10.70 11.92
CA ALA A 42 11.89 -10.11 12.11
C ALA A 42 11.25 -10.61 13.39
N LYS A 43 10.17 -9.96 13.79
CA LYS A 43 9.52 -10.25 15.06
C LYS A 43 8.25 -11.03 14.84
N ALA A 44 7.67 -11.54 15.91
CA ALA A 44 6.46 -12.35 15.82
C ALA A 44 5.25 -11.49 15.46
N GLU A 45 5.29 -10.23 15.87
CA GLU A 45 4.22 -9.30 15.58
C GLU A 45 4.62 -8.35 14.44
N ASP A 46 5.71 -8.70 13.75
CA ASP A 46 6.22 -7.86 12.67
C ASP A 46 5.56 -8.23 11.36
N LYS A 47 5.35 -7.25 10.49
CA LYS A 47 4.79 -7.53 9.18
C LYS A 47 5.71 -6.99 8.09
N ILE A 48 5.98 -7.84 7.11
CA ILE A 48 6.95 -7.52 6.07
C ILE A 48 6.28 -7.49 4.70
N VAL A 49 6.65 -6.52 3.89
CA VAL A 49 6.08 -6.38 2.55
C VAL A 49 7.16 -6.52 1.49
N LEU A 50 6.91 -7.40 0.52
CA LEU A 50 7.79 -7.55 -0.62
C LEU A 50 7.19 -6.85 -1.83
N ILE A 51 7.91 -5.86 -2.34
CA ILE A 51 7.45 -5.05 -3.47
C ILE A 51 8.64 -4.70 -4.37
N GLN A 52 8.37 -4.49 -5.67
CA GLN A 52 9.40 -4.19 -6.64
C GLN A 52 10.36 -5.37 -6.79
N ASN A 53 11.64 -5.12 -6.63
CA ASN A 53 12.64 -6.18 -6.72
C ASN A 53 12.58 -7.09 -5.50
N GLY A 54 11.76 -6.72 -4.53
CA GLY A 54 11.59 -7.53 -3.35
C GLY A 54 10.87 -8.84 -3.65
N VAL A 55 10.22 -8.91 -4.81
CA VAL A 55 9.49 -10.11 -5.21
C VAL A 55 10.43 -11.30 -5.39
N PHE A 56 11.71 -11.03 -5.67
CA PHE A 56 12.69 -12.08 -5.89
C PHE A 56 13.00 -12.83 -4.59
N TRP A 57 12.76 -12.16 -3.47
CA TRP A 57 13.02 -12.73 -2.16
C TRP A 57 11.90 -13.68 -1.77
N ALA A 58 10.74 -13.48 -2.37
CA ALA A 58 9.55 -14.24 -2.05
C ALA A 58 9.61 -15.66 -2.63
N LEU A 59 10.60 -15.88 -3.50
CA LEU A 59 10.70 -17.15 -4.20
C LEU A 59 11.88 -17.98 -3.71
N GLU A 60 12.59 -17.50 -2.68
CA GLU A 60 13.82 -18.15 -2.26
C GLU A 60 13.86 -18.44 -0.77
N GLU A 61 14.58 -19.51 -0.44
CA GLU A 61 15.09 -19.84 0.90
C GLU A 61 14.28 -19.29 2.09
N LEU A 62 14.38 -17.98 2.32
CA LEU A 62 13.94 -17.35 3.57
C LEU A 62 12.59 -17.82 4.09
N GLU A 63 12.57 -18.14 5.37
CA GLU A 63 11.34 -18.30 6.13
C GLU A 63 11.42 -17.39 7.35
N THR A 64 10.31 -16.78 7.72
CA THR A 64 10.32 -15.80 8.80
C THR A 64 9.14 -16.02 9.75
N PRO A 65 9.33 -15.74 11.05
CA PRO A 65 8.27 -15.83 12.04
C PRO A 65 7.29 -14.66 11.94
N ALA A 66 7.67 -13.65 11.17
CA ALA A 66 6.85 -12.47 10.98
C ALA A 66 5.76 -12.76 9.96
N LYS A 67 4.80 -11.86 9.86
CA LYS A 67 3.74 -12.02 8.89
C LYS A 67 4.15 -11.32 7.60
N VAL A 68 4.57 -12.13 6.65
CA VAL A 68 5.15 -11.63 5.42
C VAL A 68 4.12 -11.66 4.29
N TYR A 69 4.03 -10.56 3.56
CA TYR A 69 3.10 -10.46 2.46
C TYR A 69 3.81 -9.92 1.22
N ALA A 70 3.57 -10.54 0.08
CA ALA A 70 4.11 -10.06 -1.17
C ALA A 70 2.98 -9.52 -2.04
N ILE A 71 3.19 -8.37 -2.65
CA ILE A 71 2.16 -7.73 -3.43
C ILE A 71 1.92 -8.46 -4.74
N LYS A 72 0.72 -9.03 -4.85
CA LYS A 72 0.33 -9.87 -5.96
C LYS A 72 0.31 -9.10 -7.28
N ASP A 73 -0.21 -7.87 -7.24
CA ASP A 73 -0.31 -7.05 -8.44
C ASP A 73 1.05 -6.89 -9.09
N ASP A 74 2.02 -6.50 -8.29
CA ASP A 74 3.37 -6.26 -8.77
C ASP A 74 4.08 -7.58 -9.09
N PHE A 75 3.74 -8.61 -8.34
CA PHE A 75 4.37 -9.92 -8.49
C PHE A 75 3.96 -10.56 -9.81
N LEU A 76 2.68 -10.44 -10.11
CA LEU A 76 2.12 -10.98 -11.34
C LEU A 76 2.51 -10.13 -12.53
N ALA A 77 2.83 -8.86 -12.28
CA ALA A 77 3.26 -7.94 -13.32
C ALA A 77 4.55 -8.42 -14.00
N ARG A 78 5.39 -9.12 -13.26
CA ARG A 78 6.64 -9.63 -13.80
C ARG A 78 6.46 -10.99 -14.46
N GLY A 79 5.21 -11.47 -14.49
CA GLY A 79 4.93 -12.74 -15.16
C GLY A 79 5.16 -13.94 -14.26
N TYR A 80 5.25 -13.71 -12.96
CA TYR A 80 5.46 -14.80 -12.02
C TYR A 80 4.14 -15.44 -11.63
N SER A 81 4.20 -16.42 -10.73
CA SER A 81 3.02 -17.16 -10.33
C SER A 81 3.05 -17.47 -8.84
N GLU A 82 1.87 -17.38 -8.21
CA GLU A 82 1.74 -17.59 -6.76
C GLU A 82 2.17 -18.98 -6.35
N GLU A 83 1.99 -19.92 -7.27
CA GLU A 83 2.34 -21.30 -7.05
C GLU A 83 3.80 -21.46 -6.62
N ASP A 84 4.65 -20.53 -7.05
CA ASP A 84 6.07 -20.61 -6.79
C ASP A 84 6.47 -19.78 -5.57
N SER A 85 5.52 -19.00 -5.05
CA SER A 85 5.78 -18.13 -3.92
C SER A 85 5.93 -18.90 -2.61
N LYS A 86 6.86 -18.47 -1.77
CA LYS A 86 7.02 -19.05 -0.45
C LYS A 86 6.27 -18.22 0.58
N VAL A 87 5.81 -17.05 0.15
CA VAL A 87 5.08 -16.14 1.02
C VAL A 87 3.71 -15.83 0.42
N PRO A 88 2.73 -15.49 1.28
CA PRO A 88 1.37 -15.15 0.83
C PRO A 88 1.32 -13.90 -0.04
N LEU A 89 0.47 -13.94 -1.06
CA LEU A 89 0.30 -12.81 -1.97
C LEU A 89 -0.95 -12.02 -1.61
N ILE A 90 -0.82 -10.71 -1.49
CA ILE A 90 -1.99 -9.86 -1.27
C ILE A 90 -2.09 -8.84 -2.39
N THR A 91 -3.27 -8.32 -2.63
CA THR A 91 -3.45 -7.35 -3.69
C THR A 91 -3.47 -5.95 -3.10
N TYR A 92 -3.46 -4.94 -3.98
CA TYR A 92 -3.54 -3.56 -3.56
C TYR A 92 -4.79 -3.35 -2.68
N SER A 93 -5.81 -4.15 -2.93
CA SER A 93 -7.03 -4.10 -2.16
C SER A 93 -6.73 -4.46 -0.70
N GLU A 94 -6.03 -5.57 -0.51
CA GLU A 94 -5.70 -6.06 0.82
C GLU A 94 -4.64 -5.18 1.48
N PHE A 95 -3.71 -4.68 0.66
CA PHE A 95 -2.62 -3.84 1.16
C PHE A 95 -3.17 -2.57 1.80
N ILE A 96 -4.22 -2.01 1.20
CA ILE A 96 -4.86 -0.83 1.75
C ILE A 96 -5.56 -1.17 3.07
N ASP A 97 -6.36 -2.24 3.09
CA ASP A 97 -7.05 -2.65 4.32
C ASP A 97 -6.04 -2.96 5.42
N LEU A 98 -4.90 -3.51 5.01
CA LEU A 98 -3.77 -3.73 5.91
C LEU A 98 -3.40 -2.45 6.65
N LEU A 99 -3.19 -1.37 5.89
CA LEU A 99 -2.72 -0.11 6.46
C LEU A 99 -3.79 0.55 7.33
N GLU A 100 -5.04 0.15 7.15
CA GLU A 100 -6.12 0.63 8.03
C GLU A 100 -6.03 -0.06 9.40
N GLY A 101 -4.86 -0.64 9.68
CA GLY A 101 -4.65 -1.31 10.95
C GLY A 101 -5.01 -2.77 10.88
N GLU A 102 -5.37 -3.23 9.67
CA GLU A 102 -5.83 -4.59 9.43
C GLU A 102 -7.15 -4.81 10.16
N GLU A 103 -7.71 -3.72 10.64
CA GLU A 103 -8.98 -3.71 11.35
C GLU A 103 -10.04 -3.01 10.49
N LYS A 104 -9.57 -2.07 9.67
CA LYS A 104 -10.41 -1.27 8.77
C LYS A 104 -11.70 -0.78 9.42
N PHE A 105 -11.61 0.39 10.03
CA PHE A 105 -12.75 1.01 10.70
C PHE A 105 -13.46 1.94 9.72
N ILE A 106 -13.00 1.91 8.48
CA ILE A 106 -13.57 2.70 7.39
C ILE A 106 -14.89 2.12 6.91
N GLY A 107 -15.39 1.11 7.62
CA GLY A 107 -16.62 0.47 7.27
C GLY A 107 -16.42 -0.60 6.23
N MET B 21 -1.15 11.80 12.81
CA MET B 21 -0.27 11.00 11.93
C MET B 21 -0.83 9.60 11.71
N ALA B 22 -1.68 9.48 10.69
CA ALA B 22 -2.24 8.21 10.29
C ALA B 22 -2.67 8.31 8.84
N LEU B 23 -3.26 7.26 8.31
CA LEU B 23 -3.77 7.33 6.95
C LEU B 23 -5.28 7.12 6.93
N VAL B 24 -5.94 7.89 6.09
CA VAL B 24 -7.37 7.80 5.90
C VAL B 24 -7.65 7.17 4.55
N LEU B 25 -8.27 6.01 4.56
CA LEU B 25 -8.47 5.25 3.35
C LEU B 25 -9.93 5.25 2.93
N VAL B 26 -10.17 5.53 1.66
CA VAL B 26 -11.51 5.53 1.12
C VAL B 26 -11.60 4.57 -0.06
N LYS B 27 -12.45 3.57 0.05
CA LYS B 27 -12.60 2.56 -1.00
C LYS B 27 -14.01 2.00 -1.06
N TYR B 28 -14.98 2.88 -1.31
CA TYR B 28 -16.38 2.45 -1.44
C TYR B 28 -17.08 3.30 -2.48
N GLY B 29 -16.82 4.60 -2.43
CA GLY B 29 -17.27 5.48 -3.48
C GLY B 29 -18.69 5.94 -3.29
N THR B 30 -18.86 6.93 -2.42
CA THR B 30 -20.15 7.54 -2.11
C THR B 30 -21.17 6.50 -1.67
N ASP B 31 -20.67 5.41 -1.10
CA ASP B 31 -21.50 4.34 -0.60
C ASP B 31 -21.64 4.47 0.90
N HIS B 32 -20.53 4.80 1.54
CA HIS B 32 -20.50 5.06 2.96
C HIS B 32 -20.56 6.56 3.18
N PRO B 33 -21.60 7.05 3.87
CA PRO B 33 -21.76 8.48 4.16
C PRO B 33 -20.57 9.02 4.95
N VAL B 34 -19.86 8.10 5.62
CA VAL B 34 -18.73 8.46 6.47
C VAL B 34 -17.49 8.80 5.64
N GLU B 35 -17.46 8.34 4.37
CA GLU B 35 -16.31 8.56 3.49
C GLU B 35 -15.97 10.05 3.39
N LYS B 36 -17.00 10.87 3.23
CA LYS B 36 -16.83 12.29 2.95
C LYS B 36 -16.19 13.03 4.13
N LEU B 37 -16.76 12.87 5.32
CA LEU B 37 -16.24 13.58 6.48
C LEU B 37 -14.95 12.95 7.00
N LYS B 38 -14.62 11.75 6.55
CA LYS B 38 -13.32 11.15 6.89
C LYS B 38 -12.21 11.89 6.16
N ILE B 39 -12.47 12.23 4.90
CA ILE B 39 -11.54 13.04 4.12
C ILE B 39 -11.42 14.43 4.73
N ARG B 40 -12.53 14.91 5.29
CA ARG B 40 -12.55 16.21 5.95
C ARG B 40 -11.79 16.18 7.28
N SER B 41 -11.89 15.06 8.00
CA SER B 41 -11.34 14.96 9.34
C SER B 41 -9.88 14.53 9.33
N ALA B 42 -9.03 15.39 8.78
CA ALA B 42 -7.60 15.17 8.78
C ALA B 42 -6.89 16.43 9.28
N LYS B 43 -5.76 16.25 9.94
CA LYS B 43 -5.03 17.39 10.50
C LYS B 43 -4.23 18.09 9.42
N ALA B 44 -3.21 17.39 8.92
CA ALA B 44 -2.32 17.91 7.90
C ALA B 44 -1.21 16.90 7.63
N GLU B 45 -0.66 16.38 8.71
CA GLU B 45 0.44 15.42 8.66
C GLU B 45 -0.05 14.04 8.23
N ASP B 46 -1.35 13.83 8.27
CA ASP B 46 -1.93 12.54 7.94
C ASP B 46 -1.95 12.36 6.42
N LYS B 47 -2.19 11.13 5.98
CA LYS B 47 -2.21 10.83 4.55
C LYS B 47 -3.58 10.30 4.19
N ILE B 48 -4.16 10.79 3.11
CA ILE B 48 -5.48 10.33 2.68
C ILE B 48 -5.37 9.70 1.30
N VAL B 49 -5.78 8.45 1.18
CA VAL B 49 -5.61 7.72 -0.07
C VAL B 49 -6.95 7.31 -0.68
N LEU B 50 -7.14 7.70 -1.92
CA LEU B 50 -8.31 7.27 -2.69
C LEU B 50 -7.95 6.04 -3.50
N ILE B 51 -8.62 4.94 -3.21
CA ILE B 51 -8.32 3.67 -3.85
C ILE B 51 -9.61 2.93 -4.23
N GLN B 52 -9.57 2.25 -5.39
CA GLN B 52 -10.74 1.55 -5.93
C GLN B 52 -11.86 2.55 -6.24
N ASN B 53 -13.03 2.33 -5.66
CA ASN B 53 -14.17 3.21 -5.89
C ASN B 53 -13.97 4.56 -5.20
N GLY B 54 -12.88 4.67 -4.44
CA GLY B 54 -12.55 5.92 -3.81
C GLY B 54 -12.16 6.98 -4.82
N VAL B 55 -11.83 6.53 -6.04
CA VAL B 55 -11.43 7.46 -7.10
C VAL B 55 -12.57 8.40 -7.48
N PHE B 56 -13.81 8.01 -7.17
CA PHE B 56 -14.97 8.84 -7.47
C PHE B 56 -14.92 10.15 -6.68
N TRP B 57 -14.22 10.12 -5.55
CA TRP B 57 -14.04 11.33 -4.75
C TRP B 57 -12.98 12.23 -5.37
N ALA B 58 -11.98 11.61 -5.99
CA ALA B 58 -10.88 12.34 -6.62
C ALA B 58 -11.37 13.04 -7.88
N LEU B 59 -12.48 12.55 -8.41
CA LEU B 59 -13.12 13.16 -9.58
C LEU B 59 -14.07 14.26 -9.14
N GLU B 60 -14.50 14.18 -7.89
CA GLU B 60 -15.54 15.06 -7.38
C GLU B 60 -14.98 16.39 -6.87
N GLU B 61 -14.49 16.38 -5.64
CA GLU B 61 -14.19 17.63 -4.93
C GLU B 61 -13.46 17.34 -3.62
N LEU B 62 -13.68 18.21 -2.63
CA LEU B 62 -13.20 18.03 -1.25
C LEU B 62 -11.75 18.48 -1.09
N GLU B 63 -11.58 19.62 -0.44
CA GLU B 63 -10.26 20.12 -0.10
C GLU B 63 -9.87 19.65 1.29
N THR B 64 -8.69 19.08 1.42
CA THR B 64 -8.21 18.60 2.70
C THR B 64 -6.81 19.15 2.97
N PRO B 65 -6.52 19.52 4.23
CA PRO B 65 -5.21 20.04 4.62
C PRO B 65 -4.17 18.93 4.78
N ALA B 66 -4.61 17.68 4.65
CA ALA B 66 -3.71 16.55 4.74
C ALA B 66 -3.12 16.22 3.37
N LYS B 67 -2.16 15.32 3.34
CA LYS B 67 -1.54 14.94 2.08
C LYS B 67 -2.36 13.84 1.41
N VAL B 68 -2.98 14.19 0.30
CA VAL B 68 -3.89 13.29 -0.39
C VAL B 68 -3.22 12.59 -1.56
N TYR B 69 -3.52 11.31 -1.72
CA TYR B 69 -2.93 10.48 -2.75
C TYR B 69 -4.01 9.62 -3.41
N ALA B 70 -3.99 9.54 -4.74
CA ALA B 70 -4.91 8.67 -5.44
C ALA B 70 -4.13 7.63 -6.24
N ILE B 71 -4.48 6.36 -6.06
CA ILE B 71 -3.77 5.28 -6.74
C ILE B 71 -4.05 5.33 -8.24
N LYS B 72 -3.00 5.62 -8.98
CA LYS B 72 -3.08 5.85 -10.42
C LYS B 72 -3.32 4.56 -11.19
N ASP B 73 -2.72 3.47 -10.74
CA ASP B 73 -2.86 2.18 -11.42
C ASP B 73 -4.32 1.77 -11.46
N ASP B 74 -4.99 1.84 -10.32
CA ASP B 74 -6.40 1.49 -10.23
C ASP B 74 -7.24 2.56 -10.91
N PHE B 75 -6.84 3.82 -10.74
CA PHE B 75 -7.51 4.96 -11.36
C PHE B 75 -7.64 4.76 -12.87
N LEU B 76 -6.53 4.38 -13.50
CA LEU B 76 -6.51 4.15 -14.94
C LEU B 76 -7.30 2.90 -15.31
N ALA B 77 -7.31 1.92 -14.42
CA ALA B 77 -8.03 0.68 -14.65
C ALA B 77 -9.54 0.90 -14.65
N ARG B 78 -9.96 2.00 -14.04
CA ARG B 78 -11.38 2.36 -13.97
C ARG B 78 -11.79 3.16 -15.21
N GLY B 79 -10.86 3.31 -16.15
CA GLY B 79 -11.16 4.00 -17.39
C GLY B 79 -11.18 5.51 -17.24
N TYR B 80 -10.25 6.04 -16.46
CA TYR B 80 -10.18 7.46 -16.22
C TYR B 80 -8.84 8.03 -16.65
N SER B 81 -8.85 9.26 -17.14
CA SER B 81 -7.64 9.91 -17.60
C SER B 81 -6.91 10.60 -16.45
N GLU B 82 -5.58 10.51 -16.45
CA GLU B 82 -4.74 11.05 -15.38
C GLU B 82 -5.02 12.54 -15.13
N GLU B 83 -5.25 13.26 -16.21
CA GLU B 83 -5.47 14.71 -16.14
C GLU B 83 -6.72 15.05 -15.33
N ASP B 84 -7.70 14.16 -15.33
CA ASP B 84 -9.01 14.47 -14.77
C ASP B 84 -9.10 14.06 -13.30
N SER B 85 -8.09 14.42 -12.53
CA SER B 85 -8.09 14.15 -11.11
C SER B 85 -7.77 15.43 -10.35
N LYS B 86 -8.48 15.67 -9.25
CA LYS B 86 -8.25 16.85 -8.43
C LYS B 86 -7.14 16.61 -7.42
N VAL B 87 -6.65 15.38 -7.36
CA VAL B 87 -5.60 15.01 -6.41
C VAL B 87 -4.44 14.34 -7.13
N PRO B 88 -3.25 14.33 -6.51
CA PRO B 88 -2.04 13.71 -7.10
C PRO B 88 -2.19 12.21 -7.32
N LEU B 89 -1.64 11.72 -8.43
CA LEU B 89 -1.73 10.31 -8.78
C LEU B 89 -0.40 9.61 -8.51
N ILE B 90 -0.44 8.53 -7.75
CA ILE B 90 0.77 7.75 -7.48
C ILE B 90 0.50 6.27 -7.77
N THR B 91 1.54 5.47 -7.85
CA THR B 91 1.36 4.06 -8.16
C THR B 91 1.45 3.23 -6.88
N TYR B 92 1.14 1.93 -6.98
CA TYR B 92 1.26 1.03 -5.84
C TYR B 92 2.67 1.10 -5.27
N SER B 93 3.63 1.31 -6.15
CA SER B 93 5.03 1.41 -5.77
C SER B 93 5.22 2.57 -4.80
N GLU B 94 4.65 3.72 -5.13
CA GLU B 94 4.77 4.91 -4.30
C GLU B 94 3.99 4.77 -3.00
N PHE B 95 3.01 3.86 -3.00
CA PHE B 95 2.25 3.57 -1.80
C PHE B 95 3.17 2.93 -0.75
N ILE B 96 4.05 2.08 -1.20
CA ILE B 96 5.07 1.54 -0.29
C ILE B 96 6.05 2.65 0.09
N ASP B 97 6.31 3.56 -0.84
CA ASP B 97 7.24 4.66 -0.63
C ASP B 97 6.82 5.60 0.50
N LEU B 98 5.56 6.04 0.53
CA LEU B 98 5.14 6.95 1.61
C LEU B 98 4.95 6.17 2.90
N LEU B 99 4.66 4.88 2.76
CA LEU B 99 4.53 3.99 3.90
C LEU B 99 5.86 3.88 4.65
N GLU B 100 6.97 4.07 3.92
CA GLU B 100 8.30 4.06 4.52
C GLU B 100 8.53 5.30 5.39
N GLY B 101 7.63 6.26 5.33
CA GLY B 101 7.82 7.51 6.04
C GLY B 101 6.68 7.88 6.95
N GLU B 102 6.58 7.19 8.09
CA GLU B 102 5.58 7.51 9.10
C GLU B 102 5.89 6.87 10.45
N GLU B 103 5.32 5.70 10.70
CA GLU B 103 5.51 5.00 11.96
C GLU B 103 6.87 4.32 11.98
N LYS B 104 7.30 3.86 10.83
CA LYS B 104 8.50 3.04 10.75
C LYS B 104 9.52 3.64 9.79
N PHE B 105 10.78 3.39 10.10
CA PHE B 105 11.89 3.74 9.24
C PHE B 105 12.70 2.49 8.97
N ILE B 106 12.66 1.99 7.74
CA ILE B 106 13.22 0.69 7.43
C ILE B 106 14.32 0.80 6.35
N GLY B 107 14.35 1.91 5.65
CA GLY B 107 15.35 2.09 4.60
C GLY B 107 15.84 3.52 4.52
N MET A 21 9.31 -4.63 14.82
CA MET A 21 8.54 -3.38 15.09
C MET A 21 7.09 -3.53 14.61
N ALA A 22 6.88 -3.43 13.30
CA ALA A 22 5.53 -3.49 12.74
C ALA A 22 5.56 -3.58 11.21
N LEU A 23 5.84 -2.46 10.56
CA LEU A 23 5.83 -2.38 9.10
C LEU A 23 7.25 -2.46 8.55
N VAL A 24 7.63 -3.63 8.03
CA VAL A 24 8.94 -3.81 7.43
C VAL A 24 8.81 -3.94 5.92
N LEU A 25 9.40 -3.00 5.20
CA LEU A 25 9.30 -2.98 3.76
C LEU A 25 10.64 -3.36 3.12
N VAL A 26 10.60 -4.20 2.10
CA VAL A 26 11.81 -4.56 1.37
C VAL A 26 11.70 -4.13 -0.08
N LYS A 27 12.61 -3.26 -0.51
CA LYS A 27 12.61 -2.77 -1.89
C LYS A 27 14.00 -2.94 -2.50
N TYR A 28 14.46 -4.19 -2.55
CA TYR A 28 15.77 -4.51 -3.09
C TYR A 28 15.84 -5.99 -3.39
N GLY A 29 16.63 -6.34 -4.38
CA GLY A 29 16.75 -7.71 -4.77
C GLY A 29 17.73 -8.45 -3.91
N THR A 30 18.12 -9.61 -4.38
CA THR A 30 19.00 -10.50 -3.64
C THR A 30 20.46 -10.05 -3.70
N ASP A 31 20.65 -8.79 -4.05
CA ASP A 31 21.98 -8.20 -4.16
C ASP A 31 22.35 -7.46 -2.88
N HIS A 32 21.34 -6.93 -2.20
CA HIS A 32 21.58 -6.13 -1.00
C HIS A 32 21.41 -6.97 0.25
N PRO A 33 22.52 -7.22 0.96
CA PRO A 33 22.56 -8.13 2.12
C PRO A 33 21.82 -7.61 3.35
N VAL A 34 21.87 -6.31 3.59
CA VAL A 34 21.29 -5.73 4.80
C VAL A 34 19.78 -6.00 4.88
N GLU A 35 19.11 -6.02 3.74
CA GLU A 35 17.69 -6.32 3.69
C GLU A 35 17.43 -7.75 4.19
N LYS A 36 18.38 -8.64 3.91
CA LYS A 36 18.19 -10.05 4.20
C LYS A 36 18.24 -10.34 5.70
N LEU A 37 19.25 -9.86 6.42
CA LEU A 37 19.34 -10.16 7.84
C LEU A 37 18.32 -9.34 8.64
N LYS A 38 17.82 -8.25 8.06
CA LYS A 38 16.70 -7.53 8.67
C LYS A 38 15.46 -8.42 8.68
N ILE A 39 15.25 -9.16 7.60
CA ILE A 39 14.17 -10.13 7.52
C ILE A 39 14.34 -11.21 8.59
N ARG A 40 15.59 -11.62 8.80
CA ARG A 40 15.92 -12.64 9.79
C ARG A 40 15.64 -12.15 11.21
N SER A 41 15.75 -10.85 11.41
CA SER A 41 15.64 -10.27 12.76
C SER A 41 14.21 -9.86 13.08
N ALA A 42 13.31 -9.99 12.12
CA ALA A 42 11.92 -9.59 12.31
C ALA A 42 11.20 -10.55 13.24
N LYS A 43 10.19 -10.04 13.94
CA LYS A 43 9.44 -10.82 14.91
C LYS A 43 8.16 -11.35 14.27
N ALA A 44 7.49 -12.28 14.94
CA ALA A 44 6.27 -12.90 14.42
C ALA A 44 5.15 -11.87 14.29
N GLU A 45 5.26 -10.82 15.09
CA GLU A 45 4.29 -9.74 15.09
C GLU A 45 4.51 -8.80 13.91
N ASP A 46 5.72 -8.80 13.38
CA ASP A 46 6.10 -7.91 12.28
C ASP A 46 5.42 -8.31 10.99
N LYS A 47 5.35 -7.35 10.08
CA LYS A 47 4.89 -7.61 8.73
C LYS A 47 6.00 -7.24 7.76
N ILE A 48 6.28 -8.11 6.82
CA ILE A 48 7.31 -7.85 5.82
C ILE A 48 6.69 -7.81 4.44
N VAL A 49 6.81 -6.67 3.78
CA VAL A 49 6.21 -6.47 2.47
C VAL A 49 7.26 -6.51 1.38
N LEU A 50 7.12 -7.47 0.48
CA LEU A 50 7.99 -7.57 -0.68
C LEU A 50 7.39 -6.78 -1.83
N ILE A 51 8.09 -5.73 -2.23
CA ILE A 51 7.63 -4.85 -3.28
C ILE A 51 8.83 -4.32 -4.06
N GLN A 52 8.63 -3.97 -5.33
CA GLN A 52 9.71 -3.51 -6.19
C GLN A 52 10.70 -4.65 -6.40
N ASN A 53 12.00 -4.38 -6.24
CA ASN A 53 13.00 -5.44 -6.38
C ASN A 53 12.89 -6.44 -5.24
N GLY A 54 12.10 -6.09 -4.23
CA GLY A 54 11.94 -6.97 -3.08
C GLY A 54 11.22 -8.26 -3.42
N VAL A 55 10.51 -8.27 -4.54
CA VAL A 55 9.74 -9.45 -4.95
C VAL A 55 10.65 -10.64 -5.23
N PHE A 56 11.94 -10.38 -5.41
CA PHE A 56 12.91 -11.45 -5.66
C PHE A 56 13.11 -12.33 -4.43
N TRP A 57 12.81 -11.76 -3.26
CA TRP A 57 12.96 -12.50 -2.01
C TRP A 57 11.77 -13.44 -1.79
N ALA A 58 10.66 -13.16 -2.46
CA ALA A 58 9.45 -13.96 -2.33
C ALA A 58 9.66 -15.36 -2.89
N LEU A 59 10.78 -15.53 -3.59
CA LEU A 59 11.09 -16.79 -4.24
C LEU A 59 12.25 -17.50 -3.54
N GLU A 60 12.69 -16.95 -2.42
CA GLU A 60 13.81 -17.54 -1.70
C GLU A 60 13.34 -18.15 -0.38
N GLU A 61 14.17 -19.00 0.20
CA GLU A 61 13.87 -19.66 1.47
C GLU A 61 13.59 -18.64 2.57
N LEU A 62 14.65 -17.92 2.98
CA LEU A 62 14.60 -16.94 4.08
C LEU A 62 13.62 -17.33 5.21
N GLU A 63 14.15 -17.99 6.22
CA GLU A 63 13.33 -18.45 7.32
C GLU A 63 13.18 -17.38 8.39
N THR A 64 11.99 -16.80 8.43
CA THR A 64 11.67 -15.76 9.41
C THR A 64 10.34 -16.08 10.07
N PRO A 65 10.18 -15.74 11.36
CA PRO A 65 8.92 -15.91 12.07
C PRO A 65 7.92 -14.80 11.76
N ALA A 66 8.38 -13.80 11.03
CA ALA A 66 7.55 -12.64 10.72
C ALA A 66 6.45 -12.99 9.72
N LYS A 67 5.40 -12.19 9.72
CA LYS A 67 4.32 -12.36 8.77
C LYS A 67 4.71 -11.73 7.43
N VAL A 68 5.00 -12.57 6.47
CA VAL A 68 5.52 -12.12 5.20
C VAL A 68 4.42 -11.99 4.15
N TYR A 69 4.39 -10.86 3.46
CA TYR A 69 3.38 -10.57 2.46
C TYR A 69 4.02 -9.91 1.23
N ALA A 70 3.65 -10.37 0.05
CA ALA A 70 4.19 -9.81 -1.18
C ALA A 70 3.07 -9.27 -2.05
N ILE A 71 3.28 -8.07 -2.61
CA ILE A 71 2.28 -7.45 -3.48
C ILE A 71 2.05 -8.32 -4.70
N LYS A 72 0.86 -8.90 -4.81
CA LYS A 72 0.56 -9.83 -5.88
C LYS A 72 0.46 -9.12 -7.22
N ASP A 73 -0.10 -7.92 -7.20
CA ASP A 73 -0.24 -7.13 -8.43
C ASP A 73 1.13 -6.85 -9.03
N ASP A 74 2.04 -6.37 -8.21
CA ASP A 74 3.38 -5.98 -8.66
C ASP A 74 4.20 -7.23 -8.97
N PHE A 75 3.99 -8.27 -8.18
CA PHE A 75 4.67 -9.56 -8.37
C PHE A 75 4.36 -10.13 -9.75
N LEU A 76 3.08 -10.15 -10.08
CA LEU A 76 2.64 -10.68 -11.37
C LEU A 76 3.07 -9.78 -12.50
N ALA A 77 3.12 -8.48 -12.22
CA ALA A 77 3.54 -7.49 -13.22
C ALA A 77 4.96 -7.76 -13.70
N ARG A 78 5.80 -8.29 -12.80
CA ARG A 78 7.18 -8.61 -13.13
C ARG A 78 7.26 -9.84 -14.05
N GLY A 79 6.17 -10.57 -14.15
CA GLY A 79 6.14 -11.76 -14.97
C GLY A 79 6.50 -13.01 -14.20
N TYR A 80 5.94 -13.15 -13.00
CA TYR A 80 6.17 -14.33 -12.18
C TYR A 80 4.92 -15.18 -12.11
N SER A 81 5.05 -16.35 -11.50
CA SER A 81 3.93 -17.28 -11.38
C SER A 81 3.37 -17.26 -9.96
N GLU A 82 2.05 -17.25 -9.86
CA GLU A 82 1.35 -17.20 -8.57
C GLU A 82 1.74 -18.36 -7.66
N GLU A 83 1.87 -19.54 -8.25
CA GLU A 83 2.17 -20.76 -7.49
C GLU A 83 3.63 -20.79 -7.04
N ASP A 84 4.51 -20.16 -7.80
CA ASP A 84 5.95 -20.28 -7.61
C ASP A 84 6.43 -19.58 -6.34
N SER A 85 5.73 -18.52 -5.95
CA SER A 85 6.11 -17.74 -4.77
C SER A 85 5.96 -18.57 -3.50
N LYS A 86 6.98 -18.53 -2.64
CA LYS A 86 6.95 -19.24 -1.38
C LYS A 86 6.09 -18.49 -0.37
N VAL A 87 6.12 -17.16 -0.45
CA VAL A 87 5.39 -16.33 0.50
C VAL A 87 3.97 -16.06 -0.01
N PRO A 88 3.03 -15.81 0.91
CA PRO A 88 1.63 -15.53 0.56
C PRO A 88 1.48 -14.30 -0.33
N LEU A 89 0.60 -14.40 -1.31
CA LEU A 89 0.36 -13.30 -2.23
C LEU A 89 -0.93 -12.59 -1.88
N ILE A 90 -0.85 -11.28 -1.73
CA ILE A 90 -2.06 -10.48 -1.50
C ILE A 90 -2.08 -9.33 -2.49
N THR A 91 -3.27 -8.88 -2.85
CA THR A 91 -3.40 -7.80 -3.80
C THR A 91 -3.66 -6.51 -3.06
N TYR A 92 -3.68 -5.40 -3.78
CA TYR A 92 -3.91 -4.09 -3.17
C TYR A 92 -5.09 -4.10 -2.21
N SER A 93 -6.09 -4.93 -2.49
CA SER A 93 -7.25 -5.06 -1.61
C SER A 93 -6.83 -5.47 -0.20
N GLU A 94 -6.04 -6.54 -0.11
CA GLU A 94 -5.60 -7.05 1.19
C GLU A 94 -4.57 -6.13 1.83
N PHE A 95 -3.78 -5.43 1.01
CA PHE A 95 -2.81 -4.49 1.54
C PHE A 95 -3.52 -3.34 2.25
N ILE A 96 -4.53 -2.77 1.58
CA ILE A 96 -5.37 -1.75 2.20
C ILE A 96 -6.14 -2.35 3.39
N ASP A 97 -6.55 -3.61 3.25
CA ASP A 97 -7.26 -4.33 4.31
C ASP A 97 -6.40 -4.48 5.56
N LEU A 98 -5.10 -4.71 5.35
CA LEU A 98 -4.16 -4.80 6.45
C LEU A 98 -4.05 -3.45 7.15
N LEU A 99 -4.02 -2.40 6.35
CA LEU A 99 -3.72 -1.06 6.81
C LEU A 99 -4.87 -0.46 7.63
N GLU A 100 -6.09 -0.82 7.29
CA GLU A 100 -7.25 -0.36 8.06
C GLU A 100 -7.33 -1.09 9.40
N GLY A 101 -6.45 -2.07 9.59
CA GLY A 101 -6.31 -2.73 10.86
C GLY A 101 -7.42 -3.72 11.16
N GLU A 102 -8.13 -4.15 10.11
CA GLU A 102 -9.21 -5.14 10.22
C GLU A 102 -10.46 -4.56 10.92
N GLU A 103 -10.24 -3.87 12.04
CA GLU A 103 -11.33 -3.28 12.82
C GLU A 103 -12.16 -2.30 11.97
N LYS A 104 -11.49 -1.67 11.01
CA LYS A 104 -12.09 -0.72 10.06
C LYS A 104 -13.13 0.21 10.71
N PHE A 105 -12.65 1.31 11.29
CA PHE A 105 -13.53 2.39 11.70
C PHE A 105 -13.88 3.21 10.46
N ILE A 106 -13.27 2.80 9.35
CA ILE A 106 -13.43 3.48 8.09
C ILE A 106 -14.69 3.00 7.37
N GLY A 107 -15.81 3.62 7.72
CA GLY A 107 -17.05 3.34 7.03
C GLY A 107 -17.67 4.59 6.47
N MET B 21 -1.63 11.73 12.25
CA MET B 21 -0.57 11.04 11.46
C MET B 21 -1.03 9.66 11.03
N ALA B 22 -2.34 9.46 10.95
CA ALA B 22 -2.88 8.18 10.52
C ALA B 22 -3.20 8.24 9.03
N LEU B 23 -3.94 7.26 8.54
CA LEU B 23 -4.37 7.29 7.16
C LEU B 23 -5.88 7.15 7.07
N VAL B 24 -6.48 7.86 6.13
CA VAL B 24 -7.90 7.77 5.89
C VAL B 24 -8.14 7.05 4.58
N LEU B 25 -8.76 5.89 4.66
CA LEU B 25 -9.03 5.08 3.49
C LEU B 25 -10.43 5.39 2.97
N VAL B 26 -10.56 5.50 1.67
CA VAL B 26 -11.88 5.67 1.08
C VAL B 26 -12.10 4.62 -0.01
N LYS B 27 -13.09 3.77 0.20
CA LYS B 27 -13.42 2.74 -0.78
C LYS B 27 -14.92 2.43 -0.74
N TYR B 28 -15.72 3.44 -1.04
CA TYR B 28 -17.16 3.28 -1.15
C TYR B 28 -17.63 3.98 -2.41
N GLY B 29 -17.28 5.26 -2.51
CA GLY B 29 -17.53 5.98 -3.73
C GLY B 29 -18.81 6.77 -3.69
N THR B 30 -18.79 7.86 -2.93
CA THR B 30 -19.94 8.76 -2.78
C THR B 30 -21.19 8.01 -2.29
N ASP B 31 -20.95 6.91 -1.60
CA ASP B 31 -22.03 6.07 -1.08
C ASP B 31 -22.42 6.54 0.31
N HIS B 32 -21.42 6.99 1.06
CA HIS B 32 -21.64 7.54 2.39
C HIS B 32 -21.16 8.99 2.43
N PRO B 33 -22.07 9.95 2.67
CA PRO B 33 -21.71 11.37 2.76
C PRO B 33 -20.57 11.60 3.77
N VAL B 34 -20.45 10.70 4.74
CA VAL B 34 -19.42 10.78 5.76
C VAL B 34 -18.01 10.69 5.15
N GLU B 35 -17.90 10.09 3.96
CA GLU B 35 -16.60 9.95 3.28
C GLU B 35 -15.90 11.30 3.15
N LYS B 36 -16.67 12.31 2.78
CA LYS B 36 -16.12 13.62 2.46
C LYS B 36 -15.59 14.34 3.70
N LEU B 37 -16.35 14.33 4.79
CA LEU B 37 -15.92 15.04 5.98
C LEU B 37 -14.90 14.23 6.79
N LYS B 38 -14.75 12.95 6.46
CA LYS B 38 -13.66 12.16 7.02
C LYS B 38 -12.34 12.67 6.48
N ILE B 39 -12.33 12.94 5.19
CA ILE B 39 -11.16 13.55 4.54
C ILE B 39 -10.93 14.96 5.09
N ARG B 40 -12.02 15.64 5.44
CA ARG B 40 -11.96 16.98 6.00
C ARG B 40 -11.41 16.97 7.42
N SER B 41 -11.56 15.86 8.13
CA SER B 41 -11.17 15.78 9.53
C SER B 41 -9.71 15.36 9.72
N ALA B 42 -8.93 15.46 8.65
CA ALA B 42 -7.51 15.17 8.72
C ALA B 42 -6.74 16.42 9.12
N LYS B 43 -5.65 16.25 9.87
CA LYS B 43 -4.87 17.37 10.35
C LYS B 43 -3.96 17.89 9.25
N ALA B 44 -2.96 17.09 8.93
CA ALA B 44 -1.92 17.45 7.97
C ALA B 44 -0.90 16.32 7.88
N GLU B 45 -0.73 15.64 9.02
CA GLU B 45 0.19 14.51 9.11
C GLU B 45 -0.43 13.29 8.42
N ASP B 46 -1.75 13.27 8.43
CA ASP B 46 -2.51 12.12 7.97
C ASP B 46 -2.51 12.04 6.46
N LYS B 47 -2.76 10.85 5.94
CA LYS B 47 -2.77 10.64 4.51
C LYS B 47 -4.09 9.99 4.08
N ILE B 48 -4.68 10.54 3.03
CA ILE B 48 -5.97 10.04 2.55
C ILE B 48 -5.74 9.24 1.28
N VAL B 49 -6.30 8.04 1.23
CA VAL B 49 -6.11 7.15 0.10
C VAL B 49 -7.44 6.83 -0.58
N LEU B 50 -7.57 7.25 -1.83
CA LEU B 50 -8.72 6.86 -2.64
C LEU B 50 -8.42 5.53 -3.32
N ILE B 51 -9.07 4.48 -2.85
CA ILE B 51 -8.80 3.14 -3.33
C ILE B 51 -10.07 2.50 -3.90
N GLN B 52 -9.90 1.77 -5.01
CA GLN B 52 -11.00 1.07 -5.68
C GLN B 52 -12.09 2.05 -6.12
N ASN B 53 -13.27 1.94 -5.54
CA ASN B 53 -14.38 2.83 -5.90
C ASN B 53 -14.15 4.24 -5.34
N GLY B 54 -13.09 4.37 -4.55
CA GLY B 54 -12.71 5.67 -4.01
C GLY B 54 -12.30 6.65 -5.10
N VAL B 55 -12.05 6.12 -6.30
CA VAL B 55 -11.66 6.94 -7.45
C VAL B 55 -12.68 8.03 -7.75
N PHE B 56 -13.91 7.85 -7.30
CA PHE B 56 -14.95 8.87 -7.47
C PHE B 56 -14.58 10.17 -6.76
N TRP B 57 -13.79 10.06 -5.69
CA TRP B 57 -13.38 11.23 -4.93
C TRP B 57 -12.12 11.85 -5.54
N ALA B 58 -11.46 11.10 -6.41
CA ALA B 58 -10.28 11.62 -7.12
C ALA B 58 -10.71 12.70 -8.10
N LEU B 59 -12.01 12.78 -8.32
CA LEU B 59 -12.59 13.76 -9.22
C LEU B 59 -13.32 14.83 -8.42
N GLU B 60 -13.06 14.85 -7.11
CA GLU B 60 -13.73 15.77 -6.20
C GLU B 60 -12.81 16.95 -5.86
N GLU B 61 -13.40 18.03 -5.35
CA GLU B 61 -12.66 19.21 -4.93
C GLU B 61 -11.51 18.84 -4.00
N LEU B 62 -11.87 18.29 -2.83
CA LEU B 62 -10.91 17.80 -1.83
C LEU B 62 -9.76 18.75 -1.58
N GLU B 63 -9.96 19.70 -0.67
CA GLU B 63 -8.89 20.55 -0.21
C GLU B 63 -8.59 20.25 1.26
N THR B 64 -7.46 19.62 1.51
CA THR B 64 -7.07 19.27 2.87
C THR B 64 -5.59 19.59 3.07
N PRO B 65 -5.21 20.02 4.29
CA PRO B 65 -3.81 20.27 4.63
C PRO B 65 -3.00 18.97 4.69
N ALA B 66 -3.72 17.86 4.78
CA ALA B 66 -3.10 16.55 4.81
C ALA B 66 -2.76 16.08 3.39
N LYS B 67 -2.13 14.94 3.28
CA LYS B 67 -1.73 14.42 1.97
C LYS B 67 -2.76 13.45 1.43
N VAL B 68 -3.43 13.83 0.36
CA VAL B 68 -4.43 13.00 -0.27
C VAL B 68 -3.91 12.43 -1.58
N TYR B 69 -3.99 11.12 -1.74
CA TYR B 69 -3.53 10.46 -2.95
C TYR B 69 -4.58 9.46 -3.43
N ALA B 70 -4.64 9.24 -4.74
CA ALA B 70 -5.57 8.28 -5.30
C ALA B 70 -4.83 7.18 -6.06
N ILE B 71 -5.34 5.96 -5.98
CA ILE B 71 -4.71 4.83 -6.66
C ILE B 71 -4.80 5.00 -8.17
N LYS B 72 -3.65 5.15 -8.80
CA LYS B 72 -3.55 5.45 -10.23
C LYS B 72 -3.90 4.23 -11.07
N ASP B 73 -3.36 3.08 -10.72
CA ASP B 73 -3.53 1.86 -11.50
C ASP B 73 -5.00 1.45 -11.58
N ASP B 74 -5.65 1.40 -10.43
CA ASP B 74 -7.05 0.98 -10.38
C ASP B 74 -7.96 2.08 -10.95
N PHE B 75 -7.50 3.32 -10.83
CA PHE B 75 -8.22 4.46 -11.41
C PHE B 75 -8.35 4.29 -12.92
N LEU B 76 -7.25 3.96 -13.57
CA LEU B 76 -7.25 3.75 -15.00
C LEU B 76 -7.95 2.45 -15.36
N ALA B 77 -7.81 1.46 -14.49
CA ALA B 77 -8.48 0.19 -14.66
C ALA B 77 -9.99 0.34 -14.50
N ARG B 78 -10.40 1.40 -13.80
CA ARG B 78 -11.82 1.69 -13.60
C ARG B 78 -12.40 2.37 -14.85
N GLY B 79 -11.52 2.76 -15.76
CA GLY B 79 -11.95 3.40 -16.99
C GLY B 79 -12.06 4.91 -16.85
N TYR B 80 -10.95 5.55 -16.51
CA TYR B 80 -10.93 6.99 -16.31
C TYR B 80 -9.66 7.59 -16.94
N SER B 81 -9.58 8.91 -16.93
CA SER B 81 -8.42 9.63 -17.45
C SER B 81 -7.71 10.41 -16.34
N GLU B 82 -6.39 10.31 -16.33
CA GLU B 82 -5.57 10.94 -15.29
C GLU B 82 -5.72 12.45 -15.28
N GLU B 83 -6.03 13.01 -16.44
CA GLU B 83 -6.14 14.44 -16.62
C GLU B 83 -7.29 15.02 -15.81
N ASP B 84 -8.32 14.22 -15.59
CA ASP B 84 -9.51 14.70 -14.89
C ASP B 84 -9.33 14.64 -13.38
N SER B 85 -8.36 13.84 -12.93
CA SER B 85 -8.07 13.71 -11.51
C SER B 85 -7.62 15.05 -10.93
N LYS B 86 -8.28 15.47 -9.88
CA LYS B 86 -7.94 16.72 -9.21
C LYS B 86 -6.94 16.46 -8.08
N VAL B 87 -6.74 15.18 -7.77
CA VAL B 87 -5.79 14.79 -6.76
C VAL B 87 -4.66 13.98 -7.40
N PRO B 88 -3.47 13.95 -6.77
CA PRO B 88 -2.32 13.20 -7.29
C PRO B 88 -2.55 11.69 -7.30
N LEU B 89 -2.01 11.04 -8.33
CA LEU B 89 -2.20 9.59 -8.49
C LEU B 89 -0.90 8.85 -8.19
N ILE B 90 -1.00 7.77 -7.44
CA ILE B 90 0.17 6.92 -7.18
C ILE B 90 -0.14 5.47 -7.49
N THR B 91 0.89 4.69 -7.71
CA THR B 91 0.72 3.28 -7.97
C THR B 91 1.06 2.47 -6.72
N TYR B 92 0.83 1.16 -6.78
CA TYR B 92 0.95 0.30 -5.60
C TYR B 92 2.35 0.32 -5.01
N SER B 93 3.36 0.44 -5.86
CA SER B 93 4.74 0.54 -5.41
C SER B 93 4.90 1.76 -4.49
N GLU B 94 4.36 2.88 -4.95
CA GLU B 94 4.38 4.12 -4.18
C GLU B 94 3.49 4.02 -2.95
N PHE B 95 2.53 3.10 -2.97
CA PHE B 95 1.67 2.87 -1.81
C PHE B 95 2.53 2.39 -0.65
N ILE B 96 3.45 1.49 -0.93
CA ILE B 96 4.40 1.04 0.06
C ILE B 96 5.25 2.22 0.55
N ASP B 97 5.73 3.03 -0.40
CA ASP B 97 6.53 4.21 -0.07
C ASP B 97 5.75 5.20 0.80
N LEU B 98 4.45 5.32 0.54
CA LEU B 98 3.59 6.20 1.35
C LEU B 98 3.57 5.72 2.79
N LEU B 99 3.48 4.41 2.95
CA LEU B 99 3.17 3.80 4.22
C LEU B 99 4.38 3.74 5.12
N GLU B 100 5.55 3.82 4.53
CA GLU B 100 6.79 3.78 5.30
C GLU B 100 6.84 4.94 6.29
N GLY B 101 6.25 6.07 5.91
CA GLY B 101 6.21 7.21 6.81
C GLY B 101 6.51 8.50 6.09
N GLU B 102 7.79 8.83 5.98
CA GLU B 102 8.19 10.06 5.33
C GLU B 102 9.10 9.78 4.13
N GLU B 103 10.38 9.56 4.39
CA GLU B 103 11.33 9.24 3.33
C GLU B 103 11.88 7.85 3.57
N LYS B 104 12.23 7.57 4.83
CA LYS B 104 12.69 6.25 5.21
C LYS B 104 12.36 5.99 6.68
N PHE B 105 11.87 4.81 6.97
CA PHE B 105 11.57 4.41 8.35
C PHE B 105 11.94 2.94 8.62
N ILE B 106 12.18 2.17 7.55
CA ILE B 106 12.48 0.75 7.68
C ILE B 106 13.66 0.50 8.62
N GLY B 107 14.78 1.15 8.34
CA GLY B 107 15.96 0.96 9.14
C GLY B 107 17.13 1.73 8.59
#